data_2LJW
#
_entry.id   2LJW
#
_entity_poly.entity_id   1
_entity_poly.type   'polypeptide(L)'
_entity_poly.pdbx_seq_one_letter_code
;MTGQELRQLLLDKWGYSYDVQFRRTQGKIFLQVMWKYLEQASFPMNETEYQEHLDSVANYLHALGGAVQVKTFITQTKER
PRLGKAVSIPLDLGERASEWIILEHHHHHH
;
_entity_poly.pdbx_strand_id   A
#
# COMPACT_ATOMS: atom_id res chain seq x y z
N MET A 1 1.25 9.44 3.74
CA MET A 1 0.75 8.16 4.25
C MET A 1 1.49 7.78 5.55
N THR A 2 0.72 7.58 6.61
CA THR A 2 1.16 6.89 7.83
C THR A 2 0.48 5.51 7.86
N GLY A 3 0.90 4.63 8.79
CA GLY A 3 0.22 3.34 9.02
C GLY A 3 -1.24 3.52 9.41
N GLN A 4 -1.51 4.67 10.07
CA GLN A 4 -2.86 5.15 10.40
C GLN A 4 -3.66 5.40 9.10
N GLU A 5 -3.13 6.30 8.23
CA GLU A 5 -3.79 6.68 6.95
C GLU A 5 -4.02 5.47 6.05
N LEU A 6 -3.08 4.51 6.13
CA LEU A 6 -3.07 3.31 5.28
C LEU A 6 -4.24 2.40 5.64
N ARG A 7 -4.38 2.05 6.95
CA ARG A 7 -5.48 1.19 7.42
C ARG A 7 -6.84 1.89 7.23
N GLN A 8 -6.89 3.22 7.46
CA GLN A 8 -8.12 4.02 7.30
C GLN A 8 -8.52 4.08 5.82
N LEU A 9 -7.53 4.03 4.92
CA LEU A 9 -7.77 4.01 3.46
C LEU A 9 -8.40 2.65 3.05
N LEU A 10 -8.00 1.56 3.75
CA LEU A 10 -8.52 0.21 3.49
C LEU A 10 -9.93 0.01 4.11
N LEU A 11 -10.12 0.61 5.31
CA LEU A 11 -11.35 0.45 6.13
C LEU A 11 -12.50 1.30 5.57
N ASP A 12 -12.21 2.57 5.21
CA ASP A 12 -13.20 3.49 4.61
C ASP A 12 -13.64 2.98 3.23
N LYS A 13 -12.71 2.33 2.51
CA LYS A 13 -12.93 1.88 1.13
C LYS A 13 -13.72 0.55 1.10
N TRP A 14 -13.08 -0.52 1.60
CA TRP A 14 -13.56 -1.92 1.45
C TRP A 14 -14.17 -2.47 2.74
N GLY A 15 -14.00 -1.75 3.86
CA GLY A 15 -14.58 -2.16 5.16
C GLY A 15 -13.80 -3.26 5.86
N TYR A 16 -12.53 -3.47 5.43
CA TYR A 16 -11.63 -4.48 6.00
C TYR A 16 -10.20 -3.93 5.98
N SER A 17 -9.40 -4.34 6.97
CA SER A 17 -7.99 -3.94 7.09
C SER A 17 -7.09 -5.00 6.41
N TYR A 18 -6.77 -4.78 5.13
CA TYR A 18 -6.01 -5.73 4.29
C TYR A 18 -4.50 -5.62 4.50
N ASP A 19 -3.80 -6.70 4.14
CA ASP A 19 -2.34 -6.74 4.10
C ASP A 19 -1.86 -6.07 2.81
N VAL A 20 -0.75 -5.34 2.89
CA VAL A 20 -0.14 -4.64 1.75
C VAL A 20 1.36 -4.96 1.69
N GLN A 21 1.85 -5.44 0.52
CA GLN A 21 3.25 -5.86 0.34
C GLN A 21 3.81 -5.30 -0.97
N PHE A 22 5.10 -4.96 -0.95
CA PHE A 22 5.83 -4.44 -2.11
C PHE A 22 6.27 -5.58 -3.05
N ARG A 23 6.30 -5.30 -4.37
CA ARG A 23 6.80 -6.24 -5.36
C ARG A 23 7.49 -5.47 -6.50
N ARG A 24 8.69 -5.94 -6.85
CA ARG A 24 9.50 -5.38 -7.93
C ARG A 24 9.39 -6.27 -9.18
N THR A 25 9.06 -5.64 -10.32
CA THR A 25 9.01 -6.31 -11.63
C THR A 25 9.50 -5.33 -12.71
N GLN A 26 10.47 -5.79 -13.54
CA GLN A 26 11.10 -5.01 -14.64
C GLN A 26 11.97 -3.84 -14.13
N GLY A 27 12.03 -3.62 -12.81
CA GLY A 27 12.67 -2.44 -12.21
C GLY A 27 11.66 -1.39 -11.74
N LYS A 28 10.38 -1.78 -11.74
CA LYS A 28 9.26 -0.96 -11.21
C LYS A 28 8.90 -1.48 -9.81
N ILE A 29 8.33 -0.61 -8.96
CA ILE A 29 7.84 -0.99 -7.62
C ILE A 29 6.30 -0.86 -7.58
N PHE A 30 5.64 -1.89 -7.04
CA PHE A 30 4.17 -1.97 -6.91
C PHE A 30 3.81 -2.29 -5.45
N LEU A 31 2.73 -1.69 -4.94
CA LEU A 31 2.16 -2.04 -3.64
C LEU A 31 0.92 -2.92 -3.85
N GLN A 32 1.10 -4.24 -3.69
CA GLN A 32 0.03 -5.23 -3.89
C GLN A 32 -0.77 -5.41 -2.59
N VAL A 33 -2.00 -4.87 -2.61
CA VAL A 33 -2.98 -5.09 -1.55
C VAL A 33 -3.51 -6.53 -1.66
N MET A 34 -3.10 -7.38 -0.71
CA MET A 34 -3.58 -8.76 -0.57
C MET A 34 -5.07 -8.79 -0.19
N TRP A 35 -5.74 -9.88 -0.56
CA TRP A 35 -7.16 -10.13 -0.24
C TRP A 35 -7.34 -10.64 1.20
N LYS A 36 -6.22 -10.87 1.89
CA LYS A 36 -6.21 -11.32 3.28
C LYS A 36 -6.22 -10.09 4.21
N TYR A 37 -7.07 -10.14 5.23
CA TYR A 37 -7.32 -9.03 6.15
C TYR A 37 -7.31 -9.54 7.60
N LEU A 38 -7.05 -8.63 8.58
CA LEU A 38 -6.87 -9.00 10.01
C LEU A 38 -8.16 -9.58 10.64
N GLU A 39 -9.32 -9.32 10.00
CA GLU A 39 -10.63 -9.83 10.46
C GLU A 39 -10.76 -11.34 10.16
N GLN A 40 -9.89 -11.88 9.26
CA GLN A 40 -9.71 -13.32 9.04
C GLN A 40 -9.03 -13.96 10.27
N ALA A 41 -9.53 -15.14 10.67
CA ALA A 41 -9.02 -15.90 11.83
C ALA A 41 -7.58 -16.39 11.59
N SER A 42 -7.29 -16.78 10.34
CA SER A 42 -5.99 -17.37 9.94
C SER A 42 -5.05 -16.30 9.31
N PHE A 43 -5.03 -15.09 9.91
CA PHE A 43 -4.14 -14.02 9.46
C PHE A 43 -2.70 -14.23 10.07
N PRO A 44 -1.60 -14.19 9.22
CA PRO A 44 -0.20 -14.53 9.66
C PRO A 44 0.44 -13.50 10.61
N MET A 45 -0.23 -12.35 10.83
CA MET A 45 0.25 -11.30 11.76
C MET A 45 -0.81 -11.04 12.83
N ASN A 46 -0.35 -10.75 14.05
CA ASN A 46 -1.22 -10.31 15.16
C ASN A 46 -1.60 -8.83 14.99
N GLU A 47 -2.46 -8.31 15.86
CA GLU A 47 -3.06 -6.97 15.74
C GLU A 47 -2.00 -5.85 15.69
N THR A 48 -1.02 -5.91 16.61
CA THR A 48 0.06 -4.92 16.71
C THR A 48 1.05 -5.08 15.53
N GLU A 49 1.45 -6.35 15.26
CA GLU A 49 2.45 -6.69 14.21
C GLU A 49 1.99 -6.24 12.83
N TYR A 50 0.68 -6.42 12.58
CA TYR A 50 -0.01 -5.99 11.35
C TYR A 50 0.08 -4.47 11.19
N GLN A 51 -0.12 -3.73 12.29
CA GLN A 51 -0.12 -2.26 12.27
C GLN A 51 1.31 -1.70 12.08
N GLU A 52 2.30 -2.38 12.71
CA GLU A 52 3.73 -2.05 12.57
C GLU A 52 4.21 -2.34 11.12
N HIS A 53 3.58 -3.36 10.50
CA HIS A 53 3.79 -3.74 9.09
C HIS A 53 3.29 -2.61 8.18
N LEU A 54 2.06 -2.12 8.46
CA LEU A 54 1.43 -1.01 7.69
C LEU A 54 2.29 0.25 7.74
N ASP A 55 2.81 0.54 8.94
CA ASP A 55 3.58 1.76 9.21
C ASP A 55 4.99 1.66 8.62
N SER A 56 5.50 0.42 8.49
CA SER A 56 6.79 0.14 7.84
C SER A 56 6.65 0.33 6.30
N VAL A 57 5.53 -0.15 5.75
CA VAL A 57 5.14 0.05 4.34
C VAL A 57 4.99 1.56 4.04
N ALA A 58 4.27 2.25 4.95
CA ALA A 58 3.94 3.67 4.84
C ALA A 58 5.19 4.55 4.93
N ASN A 59 6.22 4.05 5.65
CA ASN A 59 7.54 4.69 5.77
C ASN A 59 8.21 4.76 4.39
N TYR A 60 8.12 3.64 3.63
CA TYR A 60 8.65 3.55 2.25
C TYR A 60 7.82 4.39 1.28
N LEU A 61 6.49 4.39 1.47
CA LEU A 61 5.57 5.19 0.64
C LEU A 61 5.91 6.70 0.77
N HIS A 62 6.32 7.10 1.98
CA HIS A 62 6.75 8.48 2.30
C HIS A 62 8.15 8.75 1.69
N ALA A 63 9.06 7.79 1.86
CA ALA A 63 10.48 7.91 1.44
C ALA A 63 10.62 8.04 -0.09
N LEU A 64 9.83 7.22 -0.81
CA LEU A 64 9.90 7.10 -2.27
C LEU A 64 8.97 8.11 -2.96
N GLY A 65 7.94 8.60 -2.23
CA GLY A 65 6.93 9.50 -2.78
C GLY A 65 5.77 8.75 -3.44
N GLY A 66 5.71 7.42 -3.20
CA GLY A 66 4.66 6.57 -3.77
C GLY A 66 3.38 6.57 -2.95
N ALA A 67 3.38 7.31 -1.82
CA ALA A 67 2.23 7.43 -0.91
C ALA A 67 1.04 8.12 -1.56
N VAL A 68 1.34 9.21 -2.30
CA VAL A 68 0.34 9.97 -3.07
C VAL A 68 -0.30 9.04 -4.11
N GLN A 69 0.55 8.19 -4.73
CA GLN A 69 0.12 7.24 -5.79
C GLN A 69 -0.88 6.20 -5.24
N VAL A 70 -0.68 5.78 -3.97
CA VAL A 70 -1.61 4.86 -3.26
C VAL A 70 -2.94 5.58 -2.93
N LYS A 71 -2.81 6.81 -2.40
CA LYS A 71 -3.96 7.64 -1.99
C LYS A 71 -4.76 8.16 -3.19
N THR A 72 -4.15 8.15 -4.37
CA THR A 72 -4.81 8.52 -5.63
C THR A 72 -5.46 7.28 -6.27
N PHE A 73 -4.75 6.14 -6.22
CA PHE A 73 -5.18 4.90 -6.88
C PHE A 73 -6.43 4.33 -6.19
N ILE A 74 -6.29 3.97 -4.89
CA ILE A 74 -7.34 3.27 -4.10
C ILE A 74 -8.64 4.10 -4.06
N THR A 75 -8.51 5.40 -3.77
CA THR A 75 -9.67 6.29 -3.59
C THR A 75 -10.54 6.38 -4.86
N GLN A 76 -9.88 6.46 -6.05
CA GLN A 76 -10.57 6.60 -7.35
C GLN A 76 -11.06 5.24 -7.90
N THR A 77 -10.26 4.17 -7.70
CA THR A 77 -10.54 2.85 -8.33
C THR A 77 -11.74 2.16 -7.66
N LYS A 78 -12.40 1.26 -8.39
CA LYS A 78 -13.55 0.47 -7.89
C LYS A 78 -13.12 -0.99 -7.63
N GLU A 79 -11.81 -1.27 -7.80
CA GLU A 79 -11.21 -2.59 -7.54
C GLU A 79 -11.34 -2.98 -6.06
N ARG A 80 -11.64 -4.27 -5.84
CA ARG A 80 -11.54 -4.92 -4.53
C ARG A 80 -10.53 -6.06 -4.63
N PRO A 81 -9.64 -6.25 -3.59
CA PRO A 81 -8.73 -7.40 -3.54
C PRO A 81 -9.53 -8.72 -3.35
N ARG A 82 -9.36 -9.60 -4.33
CA ARG A 82 -10.11 -10.87 -4.47
C ARG A 82 -9.10 -12.02 -4.57
N LEU A 83 -9.53 -13.24 -4.22
CA LEU A 83 -8.72 -14.48 -4.31
C LEU A 83 -8.20 -14.68 -5.75
N GLY A 84 -6.93 -14.28 -5.98
CA GLY A 84 -6.27 -14.39 -7.28
C GLY A 84 -5.98 -13.05 -7.92
N LYS A 85 -6.80 -12.03 -7.58
CA LYS A 85 -6.64 -10.65 -8.09
C LYS A 85 -6.23 -9.73 -6.92
N ALA A 86 -4.94 -9.38 -6.87
CA ALA A 86 -4.43 -8.39 -5.90
C ALA A 86 -4.51 -6.99 -6.52
N VAL A 87 -4.77 -5.98 -5.69
CA VAL A 87 -4.76 -4.58 -6.13
C VAL A 87 -3.29 -4.11 -6.17
N SER A 88 -2.64 -4.35 -7.33
CA SER A 88 -1.22 -4.06 -7.54
C SER A 88 -1.06 -2.60 -7.95
N ILE A 89 -0.97 -1.74 -6.93
CA ILE A 89 -0.87 -0.28 -7.09
C ILE A 89 0.45 0.11 -7.77
N PRO A 90 0.42 0.68 -9.02
CA PRO A 90 1.65 1.17 -9.68
C PRO A 90 2.20 2.41 -8.94
N LEU A 91 3.37 2.25 -8.32
CA LEU A 91 4.05 3.35 -7.64
C LEU A 91 4.98 4.04 -8.64
N ASP A 92 4.44 5.04 -9.31
CA ASP A 92 5.18 5.89 -10.24
C ASP A 92 6.16 6.74 -9.43
N LEU A 93 7.44 6.63 -9.76
CA LEU A 93 8.49 7.47 -9.19
C LEU A 93 9.14 8.29 -10.31
N GLY A 94 8.36 8.50 -11.40
CA GLY A 94 8.81 9.32 -12.53
C GLY A 94 8.92 10.77 -12.13
N GLU A 95 7.77 11.40 -11.85
CA GLU A 95 7.71 12.79 -11.35
C GLU A 95 8.07 12.85 -9.85
N ARG A 96 7.78 11.74 -9.14
CA ARG A 96 7.84 11.68 -7.67
C ARG A 96 9.27 11.63 -7.15
N ALA A 97 10.18 10.96 -7.89
CA ALA A 97 11.61 10.86 -7.51
C ALA A 97 12.43 12.00 -8.11
N SER A 98 12.11 12.40 -9.36
CA SER A 98 12.93 13.38 -10.11
C SER A 98 13.00 14.78 -9.46
N GLU A 99 12.16 15.01 -8.42
CA GLU A 99 12.22 16.22 -7.59
C GLU A 99 13.58 16.30 -6.84
N TRP A 100 14.03 15.19 -6.20
CA TRP A 100 15.27 15.19 -5.39
C TRP A 100 16.52 14.93 -6.26
N ILE A 101 16.29 14.43 -7.49
CA ILE A 101 17.33 14.37 -8.55
C ILE A 101 17.73 15.81 -8.94
N ILE A 102 16.74 16.74 -8.83
CA ILE A 102 16.89 18.17 -9.16
C ILE A 102 17.07 18.35 -10.68
N LEU A 103 15.92 18.39 -11.39
CA LEU A 103 15.89 18.62 -12.84
C LEU A 103 16.05 20.12 -13.12
N GLU A 104 17.19 20.50 -13.73
CA GLU A 104 17.52 21.90 -14.03
C GLU A 104 16.94 22.27 -15.43
N MET A 1 1.23 9.79 4.21
CA MET A 1 0.50 8.63 4.76
C MET A 1 1.18 8.11 6.04
N THR A 2 0.44 8.08 7.15
CA THR A 2 0.84 7.39 8.38
C THR A 2 0.34 5.92 8.33
N GLY A 3 0.80 5.08 9.28
CA GLY A 3 0.25 3.71 9.45
C GLY A 3 -1.25 3.71 9.72
N GLN A 4 -1.72 4.81 10.34
CA GLN A 4 -3.14 5.09 10.57
C GLN A 4 -3.86 5.32 9.21
N GLU A 5 -3.37 6.29 8.40
CA GLU A 5 -3.99 6.66 7.10
C GLU A 5 -4.10 5.46 6.14
N LEU A 6 -3.05 4.61 6.14
CA LEU A 6 -2.97 3.43 5.26
C LEU A 6 -4.15 2.47 5.52
N ARG A 7 -4.32 2.06 6.79
CA ARG A 7 -5.37 1.10 7.18
C ARG A 7 -6.77 1.70 7.00
N GLN A 8 -6.93 2.99 7.36
CA GLN A 8 -8.22 3.70 7.30
C GLN A 8 -8.68 3.88 5.85
N LEU A 9 -7.70 3.99 4.94
CA LEU A 9 -7.93 4.07 3.48
C LEU A 9 -8.56 2.76 2.96
N LEU A 10 -8.12 1.63 3.55
CA LEU A 10 -8.63 0.28 3.22
C LEU A 10 -10.01 0.06 3.87
N LEU A 11 -10.18 0.61 5.09
CA LEU A 11 -11.40 0.48 5.91
C LEU A 11 -12.55 1.34 5.35
N ASP A 12 -12.23 2.50 4.76
CA ASP A 12 -13.23 3.39 4.14
C ASP A 12 -13.65 2.85 2.78
N LYS A 13 -12.65 2.43 2.00
CA LYS A 13 -12.85 1.98 0.62
C LYS A 13 -13.55 0.61 0.57
N TRP A 14 -12.96 -0.38 1.23
CA TRP A 14 -13.38 -1.80 1.10
C TRP A 14 -14.00 -2.36 2.40
N GLY A 15 -13.85 -1.63 3.52
CA GLY A 15 -14.49 -2.01 4.80
C GLY A 15 -13.68 -3.01 5.62
N TYR A 16 -12.46 -3.32 5.17
CA TYR A 16 -11.55 -4.27 5.84
C TYR A 16 -10.14 -3.69 5.83
N SER A 17 -9.37 -3.97 6.87
CA SER A 17 -7.95 -3.60 6.94
C SER A 17 -7.16 -4.74 6.26
N TYR A 18 -6.87 -4.58 4.96
CA TYR A 18 -6.16 -5.57 4.13
C TYR A 18 -4.64 -5.44 4.30
N ASP A 19 -3.93 -6.53 4.01
CA ASP A 19 -2.46 -6.52 4.01
C ASP A 19 -1.98 -5.81 2.74
N VAL A 20 -0.87 -5.10 2.87
CA VAL A 20 -0.23 -4.38 1.78
C VAL A 20 1.20 -4.93 1.61
N GLN A 21 1.54 -5.34 0.39
CA GLN A 21 2.81 -6.00 0.09
C GLN A 21 3.51 -5.31 -1.08
N PHE A 22 4.82 -5.06 -0.91
CA PHE A 22 5.68 -4.52 -1.97
C PHE A 22 6.01 -5.61 -2.99
N ARG A 23 5.92 -5.22 -4.27
CA ARG A 23 6.13 -6.12 -5.40
C ARG A 23 6.95 -5.37 -6.45
N ARG A 24 8.20 -5.77 -6.61
CA ARG A 24 9.14 -5.16 -7.56
C ARG A 24 9.16 -5.97 -8.86
N THR A 25 8.65 -5.39 -9.94
CA THR A 25 8.68 -5.99 -11.28
C THR A 25 9.09 -4.92 -12.31
N GLN A 26 9.95 -5.33 -13.27
CA GLN A 26 10.49 -4.49 -14.36
C GLN A 26 11.41 -3.36 -13.83
N GLY A 27 11.93 -3.56 -12.60
CA GLY A 27 12.82 -2.60 -11.95
C GLY A 27 12.06 -1.58 -11.09
N LYS A 28 10.72 -1.58 -11.24
CA LYS A 28 9.82 -0.61 -10.58
C LYS A 28 9.13 -1.25 -9.38
N ILE A 29 8.70 -0.41 -8.43
CA ILE A 29 8.01 -0.85 -7.21
C ILE A 29 6.48 -0.63 -7.36
N PHE A 30 5.71 -1.67 -6.96
CA PHE A 30 4.24 -1.68 -6.96
C PHE A 30 3.74 -2.10 -5.58
N LEU A 31 2.70 -1.44 -5.06
CA LEU A 31 2.09 -1.85 -3.78
C LEU A 31 0.82 -2.67 -4.07
N GLN A 32 0.90 -4.00 -3.96
CA GLN A 32 -0.25 -4.88 -4.19
C GLN A 32 -1.00 -5.11 -2.88
N VAL A 33 -2.23 -4.57 -2.80
CA VAL A 33 -3.16 -4.80 -1.70
C VAL A 33 -3.66 -6.25 -1.75
N MET A 34 -3.20 -7.06 -0.80
CA MET A 34 -3.61 -8.47 -0.65
C MET A 34 -5.09 -8.56 -0.24
N TRP A 35 -5.70 -9.71 -0.53
CA TRP A 35 -7.09 -10.05 -0.16
C TRP A 35 -7.18 -10.54 1.30
N LYS A 36 -6.02 -10.63 1.96
CA LYS A 36 -5.91 -11.14 3.32
C LYS A 36 -6.02 -9.98 4.32
N TYR A 37 -7.06 -10.05 5.16
CA TYR A 37 -7.36 -9.03 6.19
C TYR A 37 -7.17 -9.61 7.59
N LEU A 38 -7.09 -8.72 8.59
CA LEU A 38 -6.85 -9.08 10.00
C LEU A 38 -8.04 -9.87 10.61
N GLU A 39 -9.19 -9.88 9.88
CA GLU A 39 -10.39 -10.69 10.23
C GLU A 39 -10.02 -12.18 10.31
N GLN A 40 -9.10 -12.61 9.40
CA GLN A 40 -8.59 -13.98 9.34
C GLN A 40 -7.82 -14.34 10.62
N ALA A 41 -8.26 -15.41 11.30
CA ALA A 41 -7.62 -15.92 12.53
C ALA A 41 -6.26 -16.57 12.21
N SER A 42 -6.13 -17.08 10.97
CA SER A 42 -4.91 -17.73 10.48
C SER A 42 -3.97 -16.72 9.79
N PHE A 43 -4.24 -15.41 9.97
CA PHE A 43 -3.43 -14.31 9.40
C PHE A 43 -1.97 -14.43 9.90
N PRO A 44 -0.94 -14.35 9.00
CA PRO A 44 0.49 -14.66 9.34
C PRO A 44 1.07 -13.76 10.46
N MET A 45 0.52 -12.54 10.58
CA MET A 45 0.90 -11.59 11.63
C MET A 45 -0.25 -11.46 12.64
N ASN A 46 0.11 -11.12 13.90
CA ASN A 46 -0.88 -10.81 14.95
C ASN A 46 -1.46 -9.40 14.74
N GLU A 47 -2.36 -8.99 15.63
CA GLU A 47 -3.08 -7.70 15.53
C GLU A 47 -2.10 -6.51 15.63
N THR A 48 -1.14 -6.59 16.58
CA THR A 48 -0.12 -5.55 16.77
C THR A 48 0.96 -5.63 15.68
N GLU A 49 1.41 -6.87 15.38
CA GLU A 49 2.48 -7.14 14.39
C GLU A 49 2.10 -6.63 12.99
N TYR A 50 0.80 -6.78 12.68
CA TYR A 50 0.20 -6.32 11.43
C TYR A 50 0.16 -4.78 11.37
N GLN A 51 -0.15 -4.13 12.50
CA GLN A 51 -0.21 -2.66 12.58
C GLN A 51 1.20 -2.04 12.38
N GLU A 52 2.22 -2.72 12.93
CA GLU A 52 3.63 -2.32 12.76
C GLU A 52 4.08 -2.51 11.29
N HIS A 53 3.52 -3.56 10.64
CA HIS A 53 3.71 -3.83 9.20
C HIS A 53 3.15 -2.67 8.35
N LEU A 54 1.96 -2.17 8.76
CA LEU A 54 1.28 -1.07 8.06
C LEU A 54 2.08 0.24 8.14
N ASP A 55 2.56 0.55 9.35
CA ASP A 55 3.34 1.77 9.59
C ASP A 55 4.71 1.68 8.89
N SER A 56 5.26 0.46 8.77
CA SER A 56 6.50 0.18 8.04
C SER A 56 6.35 0.48 6.53
N VAL A 57 5.20 0.03 5.97
CA VAL A 57 4.89 0.21 4.54
C VAL A 57 4.60 1.68 4.22
N ALA A 58 3.74 2.33 5.03
CA ALA A 58 3.38 3.75 4.88
C ALA A 58 4.61 4.67 5.02
N ASN A 59 5.55 4.26 5.90
CA ASN A 59 6.85 4.92 6.08
C ASN A 59 7.68 4.86 4.78
N TYR A 60 7.67 3.67 4.14
CA TYR A 60 8.38 3.41 2.89
C TYR A 60 7.75 4.18 1.72
N LEU A 61 6.40 4.28 1.73
CA LEU A 61 5.63 5.03 0.73
C LEU A 61 5.97 6.53 0.79
N HIS A 62 6.18 7.02 2.03
CA HIS A 62 6.67 8.38 2.31
C HIS A 62 8.10 8.55 1.77
N ALA A 63 8.93 7.52 1.98
CA ALA A 63 10.35 7.52 1.59
C ALA A 63 10.52 7.50 0.05
N LEU A 64 9.55 6.90 -0.65
CA LEU A 64 9.54 6.82 -2.13
C LEU A 64 8.72 7.96 -2.75
N GLY A 65 7.80 8.55 -1.97
CA GLY A 65 6.83 9.54 -2.48
C GLY A 65 5.60 8.88 -3.10
N GLY A 66 5.52 7.54 -2.97
CA GLY A 66 4.39 6.75 -3.50
C GLY A 66 3.18 6.75 -2.58
N ALA A 67 3.29 7.44 -1.41
CA ALA A 67 2.20 7.57 -0.43
C ALA A 67 0.97 8.26 -1.05
N VAL A 68 1.23 9.40 -1.72
CA VAL A 68 0.21 10.18 -2.43
C VAL A 68 -0.41 9.34 -3.57
N GLN A 69 0.45 8.54 -4.24
CA GLN A 69 0.05 7.70 -5.39
C GLN A 69 -0.94 6.60 -4.98
N VAL A 70 -0.78 6.06 -3.76
CA VAL A 70 -1.70 5.06 -3.19
C VAL A 70 -3.03 5.73 -2.79
N LYS A 71 -2.92 6.90 -2.11
CA LYS A 71 -4.08 7.69 -1.62
C LYS A 71 -4.98 8.17 -2.78
N THR A 72 -4.35 8.47 -3.93
CA THR A 72 -5.04 8.93 -5.14
C THR A 72 -5.61 7.74 -5.93
N PHE A 73 -4.77 6.70 -6.15
CA PHE A 73 -5.13 5.51 -6.97
C PHE A 73 -6.35 4.79 -6.41
N ILE A 74 -6.32 4.49 -5.09
CA ILE A 74 -7.38 3.73 -4.41
C ILE A 74 -8.74 4.46 -4.49
N THR A 75 -8.71 5.79 -4.37
CA THR A 75 -9.92 6.63 -4.46
C THR A 75 -10.47 6.67 -5.92
N GLN A 76 -9.56 6.66 -6.90
CA GLN A 76 -9.93 6.66 -8.34
C GLN A 76 -10.43 5.29 -8.81
N THR A 77 -9.81 4.21 -8.30
CA THR A 77 -10.01 2.85 -8.85
C THR A 77 -11.29 2.22 -8.28
N LYS A 78 -11.84 1.26 -9.04
CA LYS A 78 -13.01 0.46 -8.64
C LYS A 78 -12.54 -0.94 -8.19
N GLU A 79 -11.24 -1.24 -8.37
CA GLU A 79 -10.65 -2.55 -8.06
C GLU A 79 -10.78 -2.87 -6.57
N ARG A 80 -11.20 -4.11 -6.31
CA ARG A 80 -11.32 -4.66 -4.96
C ARG A 80 -10.48 -5.94 -4.87
N PRO A 81 -9.67 -6.10 -3.76
CA PRO A 81 -8.83 -7.30 -3.60
C PRO A 81 -9.71 -8.54 -3.30
N ARG A 82 -9.69 -9.47 -4.24
CA ARG A 82 -10.47 -10.71 -4.21
C ARG A 82 -9.54 -11.90 -4.04
N LEU A 83 -10.13 -13.07 -3.78
CA LEU A 83 -9.38 -14.31 -3.59
C LEU A 83 -8.66 -14.69 -4.91
N GLY A 84 -7.37 -14.32 -5.00
CA GLY A 84 -6.54 -14.61 -6.18
C GLY A 84 -6.21 -13.36 -6.98
N LYS A 85 -6.93 -12.25 -6.72
CA LYS A 85 -6.77 -10.98 -7.46
C LYS A 85 -6.43 -9.85 -6.45
N ALA A 86 -5.19 -9.36 -6.49
CA ALA A 86 -4.74 -8.21 -5.68
C ALA A 86 -4.97 -6.89 -6.43
N VAL A 87 -5.13 -5.79 -5.68
CA VAL A 87 -5.15 -4.42 -6.26
C VAL A 87 -3.70 -3.95 -6.40
N SER A 88 -3.13 -4.16 -7.59
CA SER A 88 -1.75 -3.78 -7.88
C SER A 88 -1.70 -2.27 -8.15
N ILE A 89 -1.23 -1.52 -7.15
CA ILE A 89 -1.08 -0.06 -7.23
C ILE A 89 0.27 0.28 -7.86
N PRO A 90 0.30 0.86 -9.10
CA PRO A 90 1.56 1.36 -9.70
C PRO A 90 2.03 2.64 -8.98
N LEU A 91 3.19 2.52 -8.29
CA LEU A 91 3.83 3.67 -7.65
C LEU A 91 4.55 4.47 -8.74
N ASP A 92 3.82 5.46 -9.26
CA ASP A 92 4.27 6.32 -10.37
C ASP A 92 5.43 7.20 -9.88
N LEU A 93 6.65 6.73 -10.12
CA LEU A 93 7.88 7.40 -9.63
C LEU A 93 8.79 7.82 -10.80
N GLY A 94 8.17 8.19 -11.94
CA GLY A 94 8.95 8.69 -13.09
C GLY A 94 9.59 10.04 -12.78
N GLU A 95 8.81 11.11 -12.93
CA GLU A 95 9.20 12.49 -12.59
C GLU A 95 9.31 12.66 -11.06
N ARG A 96 8.52 11.85 -10.32
CA ARG A 96 8.42 11.94 -8.85
C ARG A 96 9.73 11.51 -8.15
N ALA A 97 10.37 10.43 -8.64
CA ALA A 97 11.68 10.00 -8.11
C ALA A 97 12.82 10.90 -8.62
N SER A 98 12.53 11.68 -9.68
CA SER A 98 13.52 12.57 -10.34
C SER A 98 13.56 13.97 -9.68
N GLU A 99 12.61 14.25 -8.76
CA GLU A 99 12.56 15.54 -8.01
C GLU A 99 13.85 15.77 -7.19
N TRP A 100 14.18 14.79 -6.33
CA TRP A 100 15.34 14.87 -5.41
C TRP A 100 16.68 14.64 -6.13
N ILE A 101 16.62 14.24 -7.40
CA ILE A 101 17.81 14.12 -8.28
C ILE A 101 18.43 15.51 -8.54
N ILE A 102 17.59 16.57 -8.42
CA ILE A 102 17.95 17.97 -8.71
C ILE A 102 18.28 18.11 -10.22
N LEU A 103 17.24 18.41 -11.00
CA LEU A 103 17.34 18.56 -12.45
C LEU A 103 17.89 19.95 -12.80
N GLU A 104 18.96 19.96 -13.61
CA GLU A 104 19.60 21.19 -14.10
C GLU A 104 19.27 21.38 -15.61
N MET A 1 1.66 10.42 5.54
CA MET A 1 0.58 9.43 5.81
C MET A 1 1.13 8.31 6.71
N THR A 2 0.56 8.18 7.93
CA THR A 2 0.92 7.09 8.86
C THR A 2 0.27 5.77 8.40
N GLY A 3 0.71 4.65 9.02
CA GLY A 3 0.08 3.34 8.80
C GLY A 3 -1.34 3.28 9.32
N GLN A 4 -1.65 4.18 10.27
CA GLN A 4 -3.02 4.44 10.75
C GLN A 4 -3.89 4.95 9.59
N GLU A 5 -3.43 6.04 8.92
CA GLU A 5 -4.16 6.68 7.81
C GLU A 5 -4.26 5.76 6.59
N LEU A 6 -3.19 4.98 6.36
CA LEU A 6 -3.10 3.98 5.28
C LEU A 6 -4.16 2.89 5.49
N ARG A 7 -4.26 2.41 6.75
CA ARG A 7 -5.24 1.40 7.15
C ARG A 7 -6.67 1.96 7.07
N GLN A 8 -6.84 3.21 7.54
CA GLN A 8 -8.14 3.90 7.56
C GLN A 8 -8.66 4.15 6.13
N LEU A 9 -7.72 4.26 5.17
CA LEU A 9 -8.04 4.37 3.73
C LEU A 9 -8.65 3.05 3.21
N LEU A 10 -8.14 1.92 3.72
CA LEU A 10 -8.63 0.56 3.38
C LEU A 10 -9.98 0.29 4.08
N LEU A 11 -10.11 0.84 5.31
CA LEU A 11 -11.32 0.73 6.15
C LEU A 11 -12.44 1.62 5.60
N ASP A 12 -12.05 2.73 4.98
CA ASP A 12 -12.99 3.69 4.36
C ASP A 12 -13.50 3.13 3.04
N LYS A 13 -12.55 2.64 2.21
CA LYS A 13 -12.83 2.20 0.84
C LYS A 13 -13.53 0.84 0.80
N TRP A 14 -12.86 -0.20 1.31
CA TRP A 14 -13.33 -1.60 1.20
C TRP A 14 -13.88 -2.12 2.56
N GLY A 15 -13.58 -1.38 3.64
CA GLY A 15 -14.13 -1.68 4.98
C GLY A 15 -13.40 -2.76 5.75
N TYR A 16 -12.19 -3.14 5.30
CA TYR A 16 -11.38 -4.21 5.92
C TYR A 16 -9.91 -3.80 6.00
N SER A 17 -9.21 -4.33 7.01
CA SER A 17 -7.80 -4.06 7.26
C SER A 17 -6.92 -5.01 6.42
N TYR A 18 -6.90 -4.79 5.10
CA TYR A 18 -6.10 -5.62 4.17
C TYR A 18 -4.60 -5.37 4.35
N ASP A 19 -3.80 -6.42 4.15
CA ASP A 19 -2.32 -6.29 4.14
C ASP A 19 -1.90 -5.66 2.81
N VAL A 20 -0.96 -4.71 2.86
CA VAL A 20 -0.42 -4.06 1.66
C VAL A 20 1.07 -4.45 1.51
N GLN A 21 1.42 -5.02 0.34
CA GLN A 21 2.74 -5.64 0.11
C GLN A 21 3.49 -4.90 -1.00
N PHE A 22 4.75 -4.53 -0.73
CA PHE A 22 5.68 -4.08 -1.76
C PHE A 22 6.18 -5.26 -2.60
N ARG A 23 6.08 -5.12 -3.92
CA ARG A 23 6.51 -6.16 -4.87
C ARG A 23 7.31 -5.49 -5.99
N ARG A 24 8.58 -5.87 -6.11
CA ARG A 24 9.53 -5.23 -7.04
C ARG A 24 9.67 -6.04 -8.32
N THR A 25 9.21 -5.47 -9.44
CA THR A 25 9.36 -6.07 -10.78
C THR A 25 9.71 -4.97 -11.80
N GLN A 26 10.64 -5.31 -12.73
CA GLN A 26 11.09 -4.43 -13.85
C GLN A 26 11.96 -3.26 -13.34
N GLY A 27 12.47 -3.37 -12.10
CA GLY A 27 13.17 -2.26 -11.42
C GLY A 27 12.20 -1.30 -10.74
N LYS A 28 10.89 -1.56 -10.91
CA LYS A 28 9.81 -0.69 -10.45
C LYS A 28 9.20 -1.25 -9.16
N ILE A 29 8.41 -0.43 -8.45
CA ILE A 29 7.77 -0.82 -7.19
C ILE A 29 6.23 -0.73 -7.32
N PHE A 30 5.54 -1.81 -6.91
CA PHE A 30 4.08 -1.97 -6.99
C PHE A 30 3.54 -2.40 -5.62
N LEU A 31 2.58 -1.65 -5.08
CA LEU A 31 1.96 -1.97 -3.78
C LEU A 31 0.71 -2.85 -4.00
N GLN A 32 0.90 -4.17 -3.84
CA GLN A 32 -0.17 -5.17 -4.02
C GLN A 32 -0.96 -5.32 -2.72
N VAL A 33 -2.19 -4.80 -2.71
CA VAL A 33 -3.12 -4.97 -1.59
C VAL A 33 -3.64 -6.42 -1.59
N MET A 34 -3.15 -7.20 -0.62
CA MET A 34 -3.55 -8.61 -0.41
C MET A 34 -5.05 -8.72 -0.03
N TRP A 35 -5.66 -9.83 -0.47
CA TRP A 35 -7.06 -10.17 -0.16
C TRP A 35 -7.24 -10.63 1.29
N LYS A 36 -6.11 -10.90 1.97
CA LYS A 36 -6.13 -11.29 3.38
C LYS A 36 -6.13 -10.03 4.25
N TYR A 37 -7.14 -9.96 5.10
CA TYR A 37 -7.39 -8.82 6.00
C TYR A 37 -7.32 -9.28 7.46
N LEU A 38 -7.13 -8.32 8.39
CA LEU A 38 -6.82 -8.61 9.81
C LEU A 38 -8.01 -9.26 10.55
N GLU A 39 -9.23 -9.06 10.00
CA GLU A 39 -10.47 -9.62 10.56
C GLU A 39 -10.49 -11.18 10.42
N GLN A 40 -9.53 -11.74 9.64
CA GLN A 40 -9.36 -13.20 9.47
C GLN A 40 -8.39 -13.79 10.51
N ALA A 41 -8.76 -14.95 11.07
CA ALA A 41 -7.90 -15.75 11.97
C ALA A 41 -6.80 -16.50 11.17
N SER A 42 -7.04 -16.66 9.86
CA SER A 42 -6.12 -17.34 8.92
C SER A 42 -4.91 -16.45 8.55
N PHE A 43 -4.92 -15.18 9.03
CA PHE A 43 -3.84 -14.21 8.80
C PHE A 43 -2.54 -14.71 9.51
N PRO A 44 -1.40 -14.94 8.76
CA PRO A 44 -0.17 -15.60 9.33
C PRO A 44 0.63 -14.67 10.28
N MET A 45 0.16 -13.42 10.41
CA MET A 45 0.76 -12.41 11.28
C MET A 45 -0.24 -12.05 12.38
N ASN A 46 0.29 -11.56 13.52
CA ASN A 46 -0.53 -11.03 14.62
C ASN A 46 -0.95 -9.58 14.29
N GLU A 47 -1.83 -9.02 15.13
CA GLU A 47 -2.42 -7.68 14.92
C GLU A 47 -1.36 -6.57 15.04
N THR A 48 -0.38 -6.78 15.95
CA THR A 48 0.75 -5.86 16.16
C THR A 48 1.70 -5.91 14.94
N GLU A 49 2.00 -7.14 14.47
CA GLU A 49 2.89 -7.38 13.31
C GLU A 49 2.36 -6.67 12.07
N TYR A 50 1.03 -6.77 11.90
CA TYR A 50 0.30 -6.12 10.80
C TYR A 50 0.32 -4.58 10.94
N GLN A 51 0.13 -4.08 12.17
CA GLN A 51 0.04 -2.63 12.46
C GLN A 51 1.40 -1.93 12.22
N GLU A 52 2.50 -2.64 12.52
CA GLU A 52 3.86 -2.16 12.27
C GLU A 52 4.18 -2.23 10.76
N HIS A 53 3.67 -3.28 10.10
CA HIS A 53 3.81 -3.51 8.65
C HIS A 53 3.19 -2.34 7.86
N LEU A 54 2.03 -1.87 8.33
CA LEU A 54 1.31 -0.71 7.75
C LEU A 54 2.18 0.55 7.77
N ASP A 55 2.74 0.85 8.95
CA ASP A 55 3.49 2.10 9.18
C ASP A 55 4.89 2.02 8.55
N SER A 56 5.37 0.78 8.35
CA SER A 56 6.60 0.50 7.61
C SER A 56 6.38 0.80 6.12
N VAL A 57 5.25 0.30 5.58
CA VAL A 57 4.85 0.53 4.18
C VAL A 57 4.64 2.02 3.91
N ALA A 58 3.86 2.67 4.80
CA ALA A 58 3.50 4.10 4.69
C ALA A 58 4.72 5.03 4.82
N ASN A 59 5.77 4.53 5.50
CA ASN A 59 7.09 5.19 5.60
C ASN A 59 7.76 5.26 4.21
N TYR A 60 7.78 4.10 3.52
CA TYR A 60 8.37 4.00 2.16
C TYR A 60 7.54 4.72 1.12
N LEU A 61 6.21 4.74 1.31
CA LEU A 61 5.28 5.45 0.41
C LEU A 61 5.63 6.95 0.40
N HIS A 62 5.95 7.50 1.57
CA HIS A 62 6.40 8.89 1.72
C HIS A 62 7.82 9.08 1.13
N ALA A 63 8.72 8.14 1.48
CA ALA A 63 10.15 8.21 1.13
C ALA A 63 10.39 8.17 -0.40
N LEU A 64 9.53 7.42 -1.09
CA LEU A 64 9.61 7.23 -2.54
C LEU A 64 8.71 8.25 -3.28
N GLY A 65 7.70 8.79 -2.55
CA GLY A 65 6.73 9.75 -3.13
C GLY A 65 5.45 9.09 -3.61
N GLY A 66 5.35 7.76 -3.37
CA GLY A 66 4.22 6.95 -3.82
C GLY A 66 3.03 6.96 -2.87
N ALA A 67 3.08 7.79 -1.79
CA ALA A 67 1.98 7.88 -0.78
C ALA A 67 0.70 8.43 -1.42
N VAL A 68 0.87 9.51 -2.18
CA VAL A 68 -0.22 10.15 -2.92
C VAL A 68 -0.72 9.22 -4.03
N GLN A 69 0.22 8.47 -4.66
CA GLN A 69 -0.09 7.52 -5.77
C GLN A 69 -1.04 6.38 -5.28
N VAL A 70 -0.80 5.91 -4.04
CA VAL A 70 -1.64 4.88 -3.39
C VAL A 70 -3.04 5.43 -3.14
N LYS A 71 -3.09 6.59 -2.49
CA LYS A 71 -4.34 7.26 -2.12
C LYS A 71 -5.17 7.61 -3.35
N THR A 72 -4.50 8.05 -4.42
CA THR A 72 -5.14 8.43 -5.68
C THR A 72 -5.77 7.20 -6.34
N PHE A 73 -4.98 6.14 -6.48
CA PHE A 73 -5.39 4.88 -7.14
C PHE A 73 -6.63 4.28 -6.46
N ILE A 74 -6.55 4.12 -5.12
CA ILE A 74 -7.63 3.51 -4.30
C ILE A 74 -8.93 4.36 -4.38
N THR A 75 -8.77 5.69 -4.33
CA THR A 75 -9.90 6.64 -4.38
C THR A 75 -10.53 6.72 -5.81
N GLN A 76 -9.75 6.38 -6.85
CA GLN A 76 -10.24 6.32 -8.25
C GLN A 76 -11.00 5.02 -8.50
N THR A 77 -10.35 3.89 -8.18
CA THR A 77 -10.86 2.54 -8.45
C THR A 77 -12.05 2.17 -7.54
N LYS A 78 -12.61 0.98 -7.74
CA LYS A 78 -13.60 0.37 -6.82
C LYS A 78 -13.21 -1.09 -6.54
N GLU A 79 -12.11 -1.54 -7.19
CA GLU A 79 -11.72 -2.95 -7.23
C GLU A 79 -11.31 -3.43 -5.84
N ARG A 80 -11.93 -4.52 -5.43
CA ARG A 80 -11.75 -5.13 -4.11
C ARG A 80 -10.69 -6.24 -4.21
N PRO A 81 -9.81 -6.37 -3.17
CA PRO A 81 -8.89 -7.51 -3.06
C PRO A 81 -9.69 -8.82 -2.89
N ARG A 82 -9.50 -9.73 -3.84
CA ARG A 82 -10.26 -10.98 -3.99
C ARG A 82 -9.27 -12.15 -4.04
N LEU A 83 -9.72 -13.38 -3.70
CA LEU A 83 -8.86 -14.57 -3.70
C LEU A 83 -8.28 -14.82 -5.11
N GLY A 84 -6.97 -14.53 -5.27
CA GLY A 84 -6.28 -14.66 -6.56
C GLY A 84 -6.01 -13.31 -7.22
N LYS A 85 -6.82 -12.30 -6.86
CA LYS A 85 -6.76 -10.93 -7.42
C LYS A 85 -6.24 -9.96 -6.34
N ALA A 86 -4.97 -9.55 -6.46
CA ALA A 86 -4.40 -8.46 -5.63
C ALA A 86 -4.67 -7.11 -6.31
N VAL A 87 -4.93 -6.06 -5.52
CA VAL A 87 -5.06 -4.69 -6.04
C VAL A 87 -3.65 -4.09 -6.15
N SER A 88 -3.02 -4.32 -7.32
CA SER A 88 -1.64 -3.89 -7.59
C SER A 88 -1.63 -2.41 -7.98
N ILE A 89 -1.27 -1.57 -6.99
CA ILE A 89 -1.14 -0.13 -7.14
C ILE A 89 0.23 0.21 -7.77
N PRO A 90 0.28 0.73 -9.04
CA PRO A 90 1.55 1.15 -9.65
C PRO A 90 2.03 2.49 -9.06
N LEU A 91 3.16 2.44 -8.35
CA LEU A 91 3.81 3.65 -7.83
C LEU A 91 4.63 4.27 -8.96
N ASP A 92 3.99 5.19 -9.69
CA ASP A 92 4.61 5.88 -10.84
C ASP A 92 5.73 6.79 -10.32
N LEU A 93 6.97 6.29 -10.42
CA LEU A 93 8.16 6.99 -9.95
C LEU A 93 9.14 7.16 -11.13
N GLY A 94 8.94 8.23 -11.89
CA GLY A 94 9.88 8.65 -12.92
C GLY A 94 10.40 10.05 -12.64
N GLU A 95 9.49 11.02 -12.81
CA GLU A 95 9.76 12.44 -12.52
C GLU A 95 9.71 12.71 -10.99
N ARG A 96 8.78 12.00 -10.30
CA ARG A 96 8.63 12.06 -8.82
C ARG A 96 9.71 11.24 -8.09
N ALA A 97 10.45 10.39 -8.85
CA ALA A 97 11.62 9.67 -8.31
C ALA A 97 12.85 10.58 -8.21
N SER A 98 12.78 11.73 -8.91
CA SER A 98 13.89 12.70 -9.00
C SER A 98 13.79 13.81 -7.92
N GLU A 99 12.62 13.91 -7.26
CA GLU A 99 12.32 15.04 -6.32
C GLU A 99 13.26 15.04 -5.10
N TRP A 100 13.64 13.85 -4.64
CA TRP A 100 14.44 13.66 -3.43
C TRP A 100 15.95 13.57 -3.75
N ILE A 101 16.27 13.58 -5.05
CA ILE A 101 17.66 13.74 -5.54
C ILE A 101 17.95 15.25 -5.62
N ILE A 102 18.74 15.77 -4.66
CA ILE A 102 19.13 17.19 -4.61
C ILE A 102 20.60 17.33 -5.03
N LEU A 103 20.83 17.19 -6.35
CA LEU A 103 22.15 17.37 -6.96
C LEU A 103 22.12 18.64 -7.83
N GLU A 104 22.32 19.79 -7.17
CA GLU A 104 22.32 21.12 -7.79
C GLU A 104 23.75 21.70 -7.82
N MET A 1 1.40 9.89 5.09
CA MET A 1 0.86 8.53 5.32
C MET A 1 1.44 7.95 6.62
N THR A 2 0.56 7.61 7.57
CA THR A 2 0.90 6.79 8.74
C THR A 2 0.37 5.36 8.50
N GLY A 3 0.78 4.39 9.34
CA GLY A 3 0.25 3.03 9.29
C GLY A 3 -1.26 2.99 9.52
N GLN A 4 -1.74 3.98 10.28
CA GLN A 4 -3.16 4.19 10.58
C GLN A 4 -3.89 4.69 9.33
N GLU A 5 -3.32 5.69 8.63
CA GLU A 5 -3.92 6.29 7.43
C GLU A 5 -4.05 5.25 6.30
N LEU A 6 -3.04 4.37 6.22
CA LEU A 6 -2.98 3.29 5.25
C LEU A 6 -4.17 2.34 5.43
N ARG A 7 -4.40 1.87 6.68
CA ARG A 7 -5.48 0.91 6.96
C ARG A 7 -6.87 1.56 6.83
N GLN A 8 -6.97 2.86 7.21
CA GLN A 8 -8.26 3.61 7.16
C GLN A 8 -8.72 3.81 5.72
N LEU A 9 -7.75 3.99 4.82
CA LEU A 9 -7.99 4.07 3.37
C LEU A 9 -8.64 2.78 2.85
N LEU A 10 -8.16 1.63 3.39
CA LEU A 10 -8.67 0.28 3.04
C LEU A 10 -10.04 0.04 3.73
N LEU A 11 -10.20 0.62 4.94
CA LEU A 11 -11.40 0.47 5.79
C LEU A 11 -12.58 1.33 5.31
N ASP A 12 -12.27 2.46 4.64
CA ASP A 12 -13.29 3.37 4.08
C ASP A 12 -13.68 2.90 2.68
N LYS A 13 -12.68 2.54 1.87
CA LYS A 13 -12.91 2.20 0.45
C LYS A 13 -13.46 0.77 0.29
N TRP A 14 -12.83 -0.18 1.01
CA TRP A 14 -13.14 -1.62 0.87
C TRP A 14 -13.77 -2.23 2.13
N GLY A 15 -13.77 -1.48 3.24
CA GLY A 15 -14.47 -1.91 4.48
C GLY A 15 -13.69 -2.93 5.31
N TYR A 16 -12.44 -3.24 4.90
CA TYR A 16 -11.57 -4.22 5.58
C TYR A 16 -10.13 -3.70 5.56
N SER A 17 -9.39 -4.05 6.62
CA SER A 17 -8.02 -3.61 6.83
C SER A 17 -7.07 -4.67 6.23
N TYR A 18 -6.79 -4.56 4.91
CA TYR A 18 -5.99 -5.55 4.15
C TYR A 18 -4.49 -5.34 4.33
N ASP A 19 -3.71 -6.40 4.11
CA ASP A 19 -2.24 -6.32 4.05
C ASP A 19 -1.84 -5.74 2.67
N VAL A 20 -0.57 -5.28 2.54
CA VAL A 20 -0.07 -4.61 1.32
C VAL A 20 1.38 -5.09 1.01
N GLN A 21 1.62 -5.49 -0.25
CA GLN A 21 2.90 -6.05 -0.71
C GLN A 21 3.63 -5.07 -1.65
N PHE A 22 4.90 -4.79 -1.38
CA PHE A 22 5.78 -4.10 -2.34
C PHE A 22 6.27 -5.12 -3.37
N ARG A 23 5.68 -5.08 -4.56
CA ARG A 23 6.03 -5.98 -5.67
C ARG A 23 6.69 -5.16 -6.79
N ARG A 24 7.99 -5.41 -7.01
CA ARG A 24 8.80 -4.67 -7.99
C ARG A 24 9.07 -5.55 -9.22
N THR A 25 8.78 -5.02 -10.41
CA THR A 25 9.03 -5.68 -11.70
C THR A 25 9.63 -4.64 -12.67
N GLN A 26 10.73 -5.04 -13.35
CA GLN A 26 11.45 -4.22 -14.36
C GLN A 26 12.08 -2.95 -13.73
N GLY A 27 12.24 -2.96 -12.39
CA GLY A 27 12.80 -1.83 -11.65
C GLY A 27 11.74 -0.86 -11.14
N LYS A 28 10.47 -1.10 -11.51
CA LYS A 28 9.33 -0.26 -11.14
C LYS A 28 8.56 -0.92 -9.99
N ILE A 29 8.09 -0.11 -9.03
CA ILE A 29 7.43 -0.63 -7.81
C ILE A 29 5.89 -0.48 -7.90
N PHE A 30 5.19 -1.55 -7.48
CA PHE A 30 3.73 -1.61 -7.44
C PHE A 30 3.30 -2.14 -6.08
N LEU A 31 2.44 -1.40 -5.37
CA LEU A 31 1.96 -1.83 -4.05
C LEU A 31 0.69 -2.68 -4.25
N GLN A 32 0.88 -4.01 -4.28
CA GLN A 32 -0.21 -4.98 -4.50
C GLN A 32 -0.89 -5.30 -3.18
N VAL A 33 -2.06 -4.70 -2.97
CA VAL A 33 -2.88 -4.91 -1.78
C VAL A 33 -3.37 -6.37 -1.72
N MET A 34 -2.95 -7.07 -0.67
CA MET A 34 -3.29 -8.47 -0.41
C MET A 34 -4.77 -8.62 -0.02
N TRP A 35 -5.36 -9.78 -0.34
CA TRP A 35 -6.77 -10.10 -0.02
C TRP A 35 -6.93 -10.49 1.45
N LYS A 36 -5.83 -10.83 2.11
CA LYS A 36 -5.81 -11.22 3.52
C LYS A 36 -5.85 -9.96 4.41
N TYR A 37 -6.91 -9.86 5.21
CA TYR A 37 -7.14 -8.74 6.13
C TYR A 37 -7.03 -9.20 7.58
N LEU A 38 -6.77 -8.24 8.49
CA LEU A 38 -6.50 -8.53 9.93
C LEU A 38 -7.68 -9.25 10.62
N GLU A 39 -8.89 -8.94 10.16
CA GLU A 39 -10.14 -9.42 10.77
C GLU A 39 -10.30 -10.96 10.61
N GLN A 40 -9.52 -11.56 9.67
CA GLN A 40 -9.43 -13.03 9.52
C GLN A 40 -8.82 -13.64 10.78
N ALA A 41 -9.47 -14.70 11.30
CA ALA A 41 -8.98 -15.47 12.47
C ALA A 41 -7.78 -16.35 12.06
N SER A 42 -7.65 -16.62 10.74
CA SER A 42 -6.56 -17.42 10.17
C SER A 42 -5.48 -16.50 9.53
N PHE A 43 -5.48 -15.21 9.91
CA PHE A 43 -4.44 -14.25 9.51
C PHE A 43 -3.13 -14.59 10.27
N PRO A 44 -1.99 -14.90 9.55
CA PRO A 44 -0.77 -15.47 10.17
C PRO A 44 -0.06 -14.52 11.17
N MET A 45 -0.35 -13.20 11.06
CA MET A 45 0.33 -12.16 11.86
C MET A 45 -0.62 -11.63 12.95
N ASN A 46 -0.03 -11.17 14.07
CA ASN A 46 -0.77 -10.54 15.19
C ASN A 46 -1.24 -9.13 14.81
N GLU A 47 -2.14 -8.56 15.65
CA GLU A 47 -2.73 -7.23 15.44
C GLU A 47 -1.65 -6.12 15.45
N THR A 48 -0.71 -6.24 16.40
CA THR A 48 0.43 -5.33 16.52
C THR A 48 1.36 -5.45 15.29
N GLU A 49 1.80 -6.71 15.00
CA GLU A 49 2.78 -7.01 13.93
C GLU A 49 2.30 -6.52 12.56
N TYR A 50 1.00 -6.75 12.30
CA TYR A 50 0.31 -6.28 11.08
C TYR A 50 0.35 -4.74 10.99
N GLN A 51 0.07 -4.07 12.12
CA GLN A 51 0.04 -2.59 12.18
C GLN A 51 1.46 -2.01 12.00
N GLU A 52 2.48 -2.78 12.43
CA GLU A 52 3.90 -2.41 12.24
C GLU A 52 4.33 -2.61 10.78
N HIS A 53 3.68 -3.59 10.11
CA HIS A 53 3.86 -3.83 8.67
C HIS A 53 3.36 -2.61 7.90
N LEU A 54 2.18 -2.10 8.30
CA LEU A 54 1.57 -0.91 7.71
C LEU A 54 2.42 0.34 7.96
N ASP A 55 3.03 0.41 9.16
CA ASP A 55 3.91 1.52 9.57
C ASP A 55 5.18 1.54 8.69
N SER A 56 5.76 0.35 8.47
CA SER A 56 6.96 0.17 7.63
C SER A 56 6.66 0.62 6.18
N VAL A 57 5.53 0.11 5.64
CA VAL A 57 5.04 0.46 4.30
C VAL A 57 4.78 1.98 4.19
N ALA A 58 4.18 2.55 5.23
CA ALA A 58 3.82 3.98 5.31
C ALA A 58 5.07 4.87 5.28
N ASN A 59 6.16 4.38 5.89
CA ASN A 59 7.46 5.07 5.95
C ASN A 59 8.17 4.98 4.58
N TYR A 60 7.88 3.91 3.81
CA TYR A 60 8.35 3.79 2.41
C TYR A 60 7.54 4.70 1.49
N LEU A 61 6.22 4.83 1.77
CA LEU A 61 5.33 5.73 1.02
C LEU A 61 5.72 7.21 1.28
N HIS A 62 6.29 7.43 2.48
CA HIS A 62 6.93 8.68 2.89
C HIS A 62 8.27 8.90 2.16
N ALA A 63 9.13 7.86 2.20
CA ALA A 63 10.52 7.93 1.71
C ALA A 63 10.59 8.13 0.19
N LEU A 64 9.75 7.37 -0.52
CA LEU A 64 9.71 7.32 -1.98
C LEU A 64 8.82 8.44 -2.56
N GLY A 65 7.86 8.92 -1.74
CA GLY A 65 6.85 9.88 -2.19
C GLY A 65 5.69 9.18 -2.90
N GLY A 66 5.40 7.93 -2.47
CA GLY A 66 4.30 7.13 -3.03
C GLY A 66 3.03 7.15 -2.18
N ALA A 67 2.99 8.04 -1.17
CA ALA A 67 1.87 8.11 -0.20
C ALA A 67 0.54 8.50 -0.88
N VAL A 68 0.53 9.70 -1.49
CA VAL A 68 -0.64 10.25 -2.19
C VAL A 68 -0.99 9.38 -3.42
N GLN A 69 0.05 8.75 -4.02
CA GLN A 69 -0.11 7.85 -5.19
C GLN A 69 -1.04 6.66 -4.86
N VAL A 70 -0.83 6.06 -3.67
CA VAL A 70 -1.65 4.96 -3.14
C VAL A 70 -3.10 5.43 -2.91
N LYS A 71 -3.24 6.56 -2.21
CA LYS A 71 -4.53 7.12 -1.79
C LYS A 71 -5.42 7.45 -3.00
N THR A 72 -4.81 8.11 -4.00
CA THR A 72 -5.50 8.57 -5.20
C THR A 72 -5.97 7.38 -6.03
N PHE A 73 -5.09 6.35 -6.16
CA PHE A 73 -5.40 5.15 -6.95
C PHE A 73 -6.56 4.36 -6.34
N ILE A 74 -6.49 4.10 -5.01
CA ILE A 74 -7.48 3.31 -4.27
C ILE A 74 -8.86 4.00 -4.28
N THR A 75 -8.87 5.34 -4.18
CA THR A 75 -10.10 6.16 -4.23
C THR A 75 -10.77 6.09 -5.63
N GLN A 76 -9.95 5.96 -6.69
CA GLN A 76 -10.42 5.92 -8.09
C GLN A 76 -10.86 4.49 -8.50
N THR A 77 -10.14 3.46 -8.05
CA THR A 77 -10.43 2.06 -8.44
C THR A 77 -11.66 1.55 -7.69
N LYS A 78 -12.56 0.89 -8.43
CA LYS A 78 -13.80 0.31 -7.89
C LYS A 78 -13.67 -1.22 -7.76
N GLU A 79 -12.42 -1.71 -7.91
CA GLU A 79 -12.05 -3.12 -7.71
C GLU A 79 -11.81 -3.40 -6.22
N ARG A 80 -11.72 -4.68 -5.86
CA ARG A 80 -11.43 -5.12 -4.48
C ARG A 80 -10.31 -6.18 -4.49
N PRO A 81 -9.53 -6.32 -3.36
CA PRO A 81 -8.61 -7.45 -3.16
C PRO A 81 -9.41 -8.75 -2.91
N ARG A 82 -9.22 -9.74 -3.79
CA ARG A 82 -9.94 -11.03 -3.75
C ARG A 82 -8.94 -12.19 -3.88
N LEU A 83 -9.36 -13.41 -3.52
CA LEU A 83 -8.49 -14.61 -3.47
C LEU A 83 -7.82 -14.89 -4.84
N GLY A 84 -6.53 -14.51 -4.95
CA GLY A 84 -5.75 -14.68 -6.18
C GLY A 84 -5.56 -13.35 -6.91
N LYS A 85 -6.51 -12.43 -6.74
CA LYS A 85 -6.53 -11.11 -7.39
C LYS A 85 -6.09 -10.01 -6.39
N ALA A 86 -4.85 -9.53 -6.52
CA ALA A 86 -4.34 -8.40 -5.73
C ALA A 86 -4.66 -7.08 -6.45
N VAL A 87 -4.69 -5.96 -5.69
CA VAL A 87 -4.87 -4.60 -6.25
C VAL A 87 -3.49 -3.95 -6.44
N SER A 88 -2.96 -4.06 -7.66
CA SER A 88 -1.63 -3.53 -8.00
C SER A 88 -1.72 -2.02 -8.19
N ILE A 89 -1.13 -1.29 -7.23
CA ILE A 89 -1.09 0.18 -7.23
C ILE A 89 0.20 0.66 -7.92
N PRO A 90 0.11 1.30 -9.13
CA PRO A 90 1.28 1.93 -9.77
C PRO A 90 1.78 3.12 -8.92
N LEU A 91 3.00 2.99 -8.39
CA LEU A 91 3.69 4.09 -7.68
C LEU A 91 4.66 4.73 -8.68
N ASP A 92 4.35 5.96 -9.12
CA ASP A 92 5.20 6.68 -10.07
C ASP A 92 6.47 7.14 -9.36
N LEU A 93 7.52 6.32 -9.48
CA LEU A 93 8.89 6.69 -9.13
C LEU A 93 9.68 6.87 -10.44
N GLY A 94 8.99 7.38 -11.47
CA GLY A 94 9.63 7.88 -12.67
C GLY A 94 9.87 9.37 -12.52
N GLU A 95 8.77 10.14 -12.55
CA GLU A 95 8.80 11.61 -12.47
C GLU A 95 8.96 12.07 -11.01
N ARG A 96 8.23 11.42 -10.08
CA ARG A 96 8.22 11.82 -8.65
C ARG A 96 9.49 11.37 -7.90
N ALA A 97 10.30 10.52 -8.55
CA ALA A 97 11.63 10.15 -8.05
C ALA A 97 12.69 11.19 -8.49
N SER A 98 12.42 11.88 -9.62
CA SER A 98 13.37 12.83 -10.23
C SER A 98 13.69 14.05 -9.32
N GLU A 99 12.93 14.19 -8.23
CA GLU A 99 13.13 15.24 -7.21
C GLU A 99 14.56 15.20 -6.63
N TRP A 100 14.99 13.99 -6.17
CA TRP A 100 16.32 13.81 -5.55
C TRP A 100 17.44 13.75 -6.59
N ILE A 101 17.09 13.42 -7.87
CA ILE A 101 18.05 13.44 -8.99
C ILE A 101 18.50 14.91 -9.23
N ILE A 102 19.68 15.22 -8.68
CA ILE A 102 20.43 16.47 -8.92
C ILE A 102 21.80 16.07 -9.51
N LEU A 103 22.33 14.94 -8.98
CA LEU A 103 23.59 14.31 -9.45
C LEU A 103 24.78 15.27 -9.27
N GLU A 104 25.26 15.36 -8.03
CA GLU A 104 26.29 16.33 -7.61
C GLU A 104 27.50 15.61 -6.96
N MET A 1 0.69 10.38 4.75
CA MET A 1 0.39 8.94 4.85
C MET A 1 1.18 8.32 6.02
N THR A 2 0.43 7.82 7.01
CA THR A 2 0.95 6.98 8.10
C THR A 2 0.31 5.59 7.99
N GLY A 3 0.73 4.65 8.87
CA GLY A 3 0.09 3.33 8.95
C GLY A 3 -1.38 3.45 9.36
N GLN A 4 -1.71 4.57 10.03
CA GLN A 4 -3.08 4.96 10.38
C GLN A 4 -3.86 5.34 9.10
N GLU A 5 -3.36 6.36 8.36
CA GLU A 5 -4.02 6.88 7.13
C GLU A 5 -4.20 5.77 6.07
N LEU A 6 -3.14 4.98 5.88
CA LEU A 6 -3.11 3.81 4.99
C LEU A 6 -4.25 2.82 5.33
N ARG A 7 -4.35 2.46 6.62
CA ARG A 7 -5.38 1.52 7.12
C ARG A 7 -6.79 2.13 6.96
N GLN A 8 -6.90 3.42 7.26
CA GLN A 8 -8.17 4.17 7.17
C GLN A 8 -8.59 4.33 5.70
N LEU A 9 -7.65 4.21 4.76
CA LEU A 9 -7.93 4.26 3.32
C LEU A 9 -8.53 2.91 2.85
N LEU A 10 -8.04 1.81 3.47
CA LEU A 10 -8.55 0.44 3.24
C LEU A 10 -9.97 0.29 3.85
N LEU A 11 -10.17 0.94 5.01
CA LEU A 11 -11.42 0.90 5.78
C LEU A 11 -12.46 1.89 5.22
N ASP A 12 -12.00 3.03 4.68
CA ASP A 12 -12.86 4.05 4.04
C ASP A 12 -13.43 3.51 2.72
N LYS A 13 -12.56 2.87 1.94
CA LYS A 13 -12.90 2.35 0.62
C LYS A 13 -13.69 1.03 0.75
N TRP A 14 -13.03 -0.01 1.28
CA TRP A 14 -13.55 -1.39 1.28
C TRP A 14 -14.22 -1.76 2.62
N GLY A 15 -13.67 -1.26 3.72
CA GLY A 15 -14.22 -1.53 5.06
C GLY A 15 -13.51 -2.64 5.81
N TYR A 16 -12.39 -3.12 5.25
CA TYR A 16 -11.56 -4.17 5.89
C TYR A 16 -10.10 -3.73 5.88
N SER A 17 -9.39 -4.06 6.95
CA SER A 17 -7.97 -3.75 7.10
C SER A 17 -7.12 -4.85 6.41
N TYR A 18 -6.81 -4.64 5.12
CA TYR A 18 -6.06 -5.62 4.31
C TYR A 18 -4.55 -5.41 4.45
N ASP A 19 -3.79 -6.51 4.31
CA ASP A 19 -2.34 -6.48 4.24
C ASP A 19 -1.92 -5.86 2.91
N VAL A 20 -0.93 -4.97 2.96
CA VAL A 20 -0.38 -4.30 1.77
C VAL A 20 1.13 -4.57 1.71
N GLN A 21 1.60 -5.09 0.56
CA GLN A 21 3.01 -5.48 0.36
C GLN A 21 3.55 -4.88 -0.94
N PHE A 22 4.81 -4.44 -0.89
CA PHE A 22 5.52 -3.91 -2.05
C PHE A 22 5.95 -5.04 -2.99
N ARG A 23 6.09 -4.68 -4.29
CA ARG A 23 6.45 -5.64 -5.33
C ARG A 23 7.25 -4.91 -6.41
N ARG A 24 8.51 -5.34 -6.63
CA ARG A 24 9.41 -4.73 -7.62
C ARG A 24 9.41 -5.54 -8.91
N THR A 25 8.73 -5.01 -9.93
CA THR A 25 8.66 -5.58 -11.27
C THR A 25 8.81 -4.46 -12.32
N GLN A 26 9.57 -4.76 -13.41
CA GLN A 26 9.95 -3.79 -14.46
C GLN A 26 10.87 -2.69 -13.89
N GLY A 27 11.56 -3.02 -12.79
CA GLY A 27 12.40 -2.05 -12.06
C GLY A 27 11.60 -0.98 -11.32
N LYS A 28 10.27 -1.13 -11.31
CA LYS A 28 9.34 -0.20 -10.66
C LYS A 28 8.94 -0.75 -9.30
N ILE A 29 8.17 0.03 -8.53
CA ILE A 29 7.64 -0.40 -7.23
C ILE A 29 6.09 -0.32 -7.28
N PHE A 30 5.44 -1.37 -6.78
CA PHE A 30 3.97 -1.50 -6.74
C PHE A 30 3.57 -1.82 -5.30
N LEU A 31 2.39 -1.34 -4.88
CA LEU A 31 1.82 -1.71 -3.57
C LEU A 31 0.60 -2.62 -3.80
N GLN A 32 0.80 -3.93 -3.70
CA GLN A 32 -0.27 -4.91 -3.89
C GLN A 32 -1.03 -5.14 -2.59
N VAL A 33 -2.27 -4.61 -2.56
CA VAL A 33 -3.21 -4.81 -1.45
C VAL A 33 -3.73 -6.26 -1.53
N MET A 34 -3.19 -7.12 -0.64
CA MET A 34 -3.56 -8.55 -0.55
C MET A 34 -5.03 -8.74 -0.15
N TRP A 35 -5.53 -9.96 -0.43
CA TRP A 35 -6.90 -10.42 -0.08
C TRP A 35 -7.02 -10.79 1.42
N LYS A 36 -5.96 -10.51 2.18
CA LYS A 36 -5.82 -10.92 3.56
C LYS A 36 -6.17 -9.76 4.48
N TYR A 37 -7.37 -9.81 5.04
CA TYR A 37 -7.82 -8.85 6.08
C TYR A 37 -7.47 -9.42 7.46
N LEU A 38 -7.29 -8.52 8.45
CA LEU A 38 -6.84 -8.88 9.81
C LEU A 38 -7.82 -9.82 10.55
N GLU A 39 -9.08 -9.88 10.07
CA GLU A 39 -10.14 -10.73 10.66
C GLU A 39 -9.84 -12.24 10.46
N GLN A 40 -8.92 -12.56 9.50
CA GLN A 40 -8.51 -13.96 9.23
C GLN A 40 -7.65 -14.52 10.38
N ALA A 41 -7.94 -15.77 10.76
CA ALA A 41 -7.14 -16.52 11.76
C ALA A 41 -5.88 -17.14 11.10
N SER A 42 -5.88 -17.19 9.76
CA SER A 42 -4.74 -17.66 8.95
C SER A 42 -3.78 -16.50 8.59
N PHE A 43 -4.08 -15.28 9.09
CA PHE A 43 -3.34 -14.05 8.76
C PHE A 43 -1.85 -14.16 9.21
N PRO A 44 -0.85 -13.89 8.29
CA PRO A 44 0.60 -14.13 8.56
C PRO A 44 1.17 -13.31 9.73
N MET A 45 0.63 -12.10 9.92
CA MET A 45 1.01 -11.20 11.03
C MET A 45 -0.03 -11.29 12.16
N ASN A 46 0.37 -10.85 13.35
CA ASN A 46 -0.56 -10.68 14.49
C ASN A 46 -1.34 -9.35 14.35
N GLU A 47 -2.13 -8.99 15.39
CA GLU A 47 -2.92 -7.74 15.39
C GLU A 47 -1.99 -6.51 15.34
N THR A 48 -1.08 -6.41 16.34
CA THR A 48 -0.12 -5.31 16.43
C THR A 48 0.87 -5.37 15.24
N GLU A 49 1.42 -6.59 14.96
CA GLU A 49 2.38 -6.82 13.86
C GLU A 49 1.85 -6.33 12.50
N TYR A 50 0.54 -6.48 12.28
CA TYR A 50 -0.13 -5.94 11.08
C TYR A 50 0.03 -4.40 10.99
N GLN A 51 -0.22 -3.71 12.11
CA GLN A 51 -0.13 -2.24 12.18
C GLN A 51 1.34 -1.77 12.07
N GLU A 52 2.28 -2.59 12.55
CA GLU A 52 3.73 -2.32 12.43
C GLU A 52 4.17 -2.48 10.97
N HIS A 53 3.52 -3.43 10.27
CA HIS A 53 3.74 -3.70 8.83
C HIS A 53 3.26 -2.49 8.01
N LEU A 54 2.09 -1.94 8.38
CA LEU A 54 1.51 -0.73 7.74
C LEU A 54 2.43 0.49 7.96
N ASP A 55 2.96 0.59 9.19
CA ASP A 55 3.89 1.65 9.60
C ASP A 55 5.18 1.61 8.75
N SER A 56 5.66 0.39 8.50
CA SER A 56 6.86 0.14 7.68
C SER A 56 6.60 0.47 6.18
N VAL A 57 5.39 0.11 5.70
CA VAL A 57 4.96 0.38 4.31
C VAL A 57 4.79 1.89 4.07
N ALA A 58 4.13 2.56 5.03
CA ALA A 58 3.83 3.99 4.95
C ALA A 58 5.09 4.86 4.97
N ASN A 59 6.17 4.32 5.60
CA ASN A 59 7.49 4.96 5.63
C ASN A 59 8.07 5.08 4.21
N TYR A 60 7.92 4.01 3.41
CA TYR A 60 8.32 4.00 1.99
C TYR A 60 7.38 4.88 1.15
N LEU A 61 6.08 4.87 1.48
CA LEU A 61 5.08 5.69 0.77
C LEU A 61 5.42 7.19 0.92
N HIS A 62 5.92 7.57 2.10
CA HIS A 62 6.41 8.94 2.39
C HIS A 62 7.73 9.22 1.64
N ALA A 63 8.71 8.31 1.84
CA ALA A 63 10.10 8.47 1.35
C ALA A 63 10.17 8.58 -0.19
N LEU A 64 9.42 7.70 -0.85
CA LEU A 64 9.39 7.58 -2.31
C LEU A 64 8.44 8.63 -2.95
N GLY A 65 7.42 9.06 -2.18
CA GLY A 65 6.34 9.91 -2.70
C GLY A 65 5.22 9.08 -3.32
N GLY A 66 5.26 7.75 -3.08
CA GLY A 66 4.25 6.82 -3.59
C GLY A 66 2.96 6.84 -2.79
N ALA A 67 2.94 7.62 -1.69
CA ALA A 67 1.75 7.80 -0.83
C ALA A 67 0.55 8.32 -1.62
N VAL A 68 0.81 9.38 -2.40
CA VAL A 68 -0.18 10.07 -3.21
C VAL A 68 -0.72 9.14 -4.31
N GLN A 69 0.16 8.27 -4.85
CA GLN A 69 -0.19 7.27 -5.87
C GLN A 69 -1.22 6.26 -5.31
N VAL A 70 -1.03 5.86 -4.03
CA VAL A 70 -1.92 4.93 -3.32
C VAL A 70 -3.29 5.57 -3.07
N LYS A 71 -3.26 6.83 -2.57
CA LYS A 71 -4.46 7.60 -2.23
C LYS A 71 -5.36 7.79 -3.46
N THR A 72 -4.74 8.22 -4.57
CA THR A 72 -5.44 8.50 -5.83
C THR A 72 -6.00 7.21 -6.45
N PHE A 73 -5.17 6.14 -6.45
CA PHE A 73 -5.52 4.87 -7.11
C PHE A 73 -6.71 4.19 -6.41
N ILE A 74 -6.58 3.98 -5.08
CA ILE A 74 -7.60 3.31 -4.25
C ILE A 74 -8.97 4.03 -4.33
N THR A 75 -8.93 5.38 -4.35
CA THR A 75 -10.14 6.22 -4.45
C THR A 75 -10.85 6.05 -5.82
N GLN A 76 -10.06 6.11 -6.91
CA GLN A 76 -10.59 6.06 -8.29
C GLN A 76 -11.06 4.66 -8.71
N THR A 77 -10.31 3.62 -8.27
CA THR A 77 -10.62 2.22 -8.62
C THR A 77 -11.91 1.76 -7.92
N LYS A 78 -12.47 0.66 -8.42
CA LYS A 78 -13.66 0.00 -7.82
C LYS A 78 -13.39 -1.50 -7.65
N GLU A 79 -12.10 -1.87 -7.72
CA GLU A 79 -11.64 -3.25 -7.52
C GLU A 79 -11.34 -3.51 -6.05
N ARG A 80 -11.77 -4.68 -5.60
CA ARG A 80 -11.64 -5.15 -4.21
C ARG A 80 -10.62 -6.30 -4.16
N PRO A 81 -9.78 -6.38 -3.08
CA PRO A 81 -8.86 -7.51 -2.87
C PRO A 81 -9.65 -8.83 -2.71
N ARG A 82 -9.40 -9.77 -3.63
CA ARG A 82 -10.17 -11.01 -3.79
C ARG A 82 -9.20 -12.20 -3.82
N LEU A 83 -9.70 -13.41 -3.46
CA LEU A 83 -8.88 -14.63 -3.33
C LEU A 83 -8.15 -14.99 -4.66
N GLY A 84 -6.91 -14.48 -4.80
CA GLY A 84 -6.08 -14.74 -6.00
C GLY A 84 -5.84 -13.48 -6.83
N LYS A 85 -6.66 -12.46 -6.63
CA LYS A 85 -6.56 -11.18 -7.35
C LYS A 85 -6.37 -10.01 -6.36
N ALA A 86 -5.13 -9.51 -6.26
CA ALA A 86 -4.77 -8.35 -5.41
C ALA A 86 -5.08 -7.04 -6.13
N VAL A 87 -5.11 -5.93 -5.37
CA VAL A 87 -5.19 -4.56 -5.93
C VAL A 87 -3.75 -4.02 -6.08
N SER A 88 -3.14 -4.28 -7.26
CA SER A 88 -1.76 -3.88 -7.56
C SER A 88 -1.73 -2.39 -7.92
N ILE A 89 -1.34 -1.57 -6.95
CA ILE A 89 -1.24 -0.11 -7.08
C ILE A 89 0.08 0.27 -7.76
N PRO A 90 0.06 0.87 -8.99
CA PRO A 90 1.30 1.37 -9.62
C PRO A 90 1.78 2.66 -8.93
N LEU A 91 2.95 2.59 -8.27
CA LEU A 91 3.58 3.75 -7.66
C LEU A 91 4.44 4.42 -8.72
N ASP A 92 3.82 5.39 -9.42
CA ASP A 92 4.46 6.13 -10.51
C ASP A 92 5.57 7.02 -9.95
N LEU A 93 6.81 6.51 -10.00
CA LEU A 93 8.00 7.20 -9.48
C LEU A 93 8.98 7.55 -10.62
N GLY A 94 8.44 7.81 -11.82
CA GLY A 94 9.28 8.20 -12.96
C GLY A 94 9.95 9.55 -12.73
N GLU A 95 9.15 10.54 -12.34
CA GLU A 95 9.61 11.88 -11.97
C GLU A 95 9.86 11.97 -10.44
N ARG A 96 9.15 11.11 -9.67
CA ARG A 96 9.29 11.05 -8.19
C ARG A 96 10.63 10.37 -7.76
N ALA A 97 11.38 9.80 -8.73
CA ALA A 97 12.76 9.32 -8.47
C ALA A 97 13.70 10.50 -8.20
N SER A 98 13.35 11.68 -8.75
CA SER A 98 14.17 12.90 -8.63
C SER A 98 14.19 13.47 -7.19
N GLU A 99 13.27 12.99 -6.31
CA GLU A 99 13.21 13.43 -4.89
C GLU A 99 14.55 13.16 -4.18
N TRP A 100 15.04 11.93 -4.32
CA TRP A 100 16.25 11.45 -3.62
C TRP A 100 17.49 11.41 -4.53
N ILE A 101 17.31 11.74 -5.83
CA ILE A 101 18.43 12.00 -6.77
C ILE A 101 18.68 13.52 -6.81
N ILE A 102 19.84 13.94 -6.26
CA ILE A 102 20.34 15.33 -6.35
C ILE A 102 21.80 15.28 -6.83
N LEU A 103 22.02 15.69 -8.09
CA LEU A 103 23.34 15.68 -8.75
C LEU A 103 23.76 17.13 -9.07
N GLU A 104 25.07 17.36 -9.22
CA GLU A 104 25.63 18.67 -9.62
C GLU A 104 26.61 18.49 -10.81
N MET A 1 1.60 9.89 3.96
CA MET A 1 0.49 9.10 4.53
C MET A 1 1.03 8.24 5.67
N THR A 2 0.33 8.26 6.81
CA THR A 2 0.68 7.47 8.00
C THR A 2 0.07 6.04 7.91
N GLY A 3 0.51 5.14 8.82
CA GLY A 3 -0.07 3.80 8.94
C GLY A 3 -1.51 3.84 9.44
N GLN A 4 -1.87 4.97 10.09
CA GLN A 4 -3.25 5.26 10.53
C GLN A 4 -4.14 5.53 9.31
N GLU A 5 -3.70 6.50 8.46
CA GLU A 5 -4.44 6.89 7.23
C GLU A 5 -4.58 5.70 6.26
N LEU A 6 -3.49 4.91 6.16
CA LEU A 6 -3.43 3.73 5.29
C LEU A 6 -4.46 2.67 5.73
N ARG A 7 -4.58 2.47 7.06
CA ARG A 7 -5.58 1.55 7.65
C ARG A 7 -7.01 2.06 7.39
N GLN A 8 -7.19 3.37 7.60
CA GLN A 8 -8.48 4.07 7.39
C GLN A 8 -8.86 4.14 5.92
N LEU A 9 -7.87 4.01 5.02
CA LEU A 9 -8.08 4.01 3.56
C LEU A 9 -8.69 2.67 3.12
N LEU A 10 -8.16 1.58 3.67
CA LEU A 10 -8.60 0.20 3.38
C LEU A 10 -9.99 -0.07 4.02
N LEU A 11 -10.23 0.56 5.19
CA LEU A 11 -11.50 0.46 5.93
C LEU A 11 -12.61 1.30 5.27
N ASP A 12 -12.27 2.55 4.89
CA ASP A 12 -13.22 3.47 4.19
C ASP A 12 -13.69 2.83 2.87
N LYS A 13 -12.73 2.21 2.17
CA LYS A 13 -12.98 1.63 0.85
C LYS A 13 -13.72 0.28 0.95
N TRP A 14 -13.07 -0.73 1.53
CA TRP A 14 -13.54 -2.14 1.47
C TRP A 14 -14.15 -2.61 2.81
N GLY A 15 -13.97 -1.82 3.88
CA GLY A 15 -14.46 -2.19 5.23
C GLY A 15 -13.54 -3.12 5.98
N TYR A 16 -12.37 -3.42 5.39
CA TYR A 16 -11.37 -4.35 5.94
C TYR A 16 -9.98 -3.78 5.72
N SER A 17 -9.12 -3.90 6.72
CA SER A 17 -7.72 -3.51 6.63
C SER A 17 -6.88 -4.70 6.10
N TYR A 18 -6.48 -4.61 4.82
CA TYR A 18 -5.74 -5.69 4.12
C TYR A 18 -4.22 -5.48 4.20
N ASP A 19 -3.48 -6.57 3.97
CA ASP A 19 -2.02 -6.54 3.86
C ASP A 19 -1.62 -5.84 2.56
N VAL A 20 -0.87 -4.75 2.68
CA VAL A 20 -0.30 -4.02 1.53
C VAL A 20 1.20 -4.36 1.46
N GLN A 21 1.66 -4.84 0.29
CA GLN A 21 3.05 -5.33 0.13
C GLN A 21 3.64 -4.83 -1.20
N PHE A 22 4.92 -4.42 -1.13
CA PHE A 22 5.67 -3.94 -2.29
C PHE A 22 6.05 -5.13 -3.20
N ARG A 23 5.89 -4.92 -4.51
CA ARG A 23 6.17 -5.94 -5.51
C ARG A 23 6.75 -5.23 -6.73
N ARG A 24 8.01 -5.56 -7.05
CA ARG A 24 8.76 -4.90 -8.14
C ARG A 24 8.90 -5.84 -9.33
N THR A 25 8.89 -5.25 -10.53
CA THR A 25 9.20 -5.94 -11.78
C THR A 25 9.95 -4.98 -12.72
N GLN A 26 11.17 -5.39 -13.13
CA GLN A 26 11.97 -4.72 -14.19
C GLN A 26 12.38 -3.28 -13.81
N GLY A 27 12.42 -2.98 -12.49
CA GLY A 27 12.80 -1.65 -11.99
C GLY A 27 11.60 -0.80 -11.56
N LYS A 28 10.38 -1.30 -11.82
CA LYS A 28 9.12 -0.59 -11.51
C LYS A 28 8.50 -1.15 -10.21
N ILE A 29 7.84 -0.29 -9.42
CA ILE A 29 7.24 -0.68 -8.12
C ILE A 29 5.69 -0.63 -8.18
N PHE A 30 5.07 -1.71 -7.65
CA PHE A 30 3.61 -1.89 -7.55
C PHE A 30 3.26 -2.31 -6.13
N LEU A 31 2.43 -1.52 -5.43
CA LEU A 31 1.98 -1.87 -4.06
C LEU A 31 0.67 -2.70 -4.17
N GLN A 32 0.79 -4.02 -4.00
CA GLN A 32 -0.32 -4.95 -4.13
C GLN A 32 -1.08 -5.09 -2.79
N VAL A 33 -2.35 -4.64 -2.77
CA VAL A 33 -3.25 -4.83 -1.63
C VAL A 33 -3.83 -6.26 -1.71
N MET A 34 -3.27 -7.16 -0.91
CA MET A 34 -3.65 -8.60 -0.90
C MET A 34 -5.04 -8.84 -0.31
N TRP A 35 -5.59 -10.03 -0.63
CA TRP A 35 -6.95 -10.47 -0.23
C TRP A 35 -7.01 -10.92 1.25
N LYS A 36 -5.86 -10.93 1.92
CA LYS A 36 -5.73 -11.28 3.34
C LYS A 36 -5.88 -10.00 4.19
N TYR A 37 -6.87 -10.00 5.09
CA TYR A 37 -7.16 -8.88 6.01
C TYR A 37 -7.06 -9.36 7.47
N LEU A 38 -6.88 -8.39 8.39
CA LEU A 38 -6.61 -8.66 9.82
C LEU A 38 -7.81 -9.34 10.54
N GLU A 39 -9.05 -9.18 10.02
CA GLU A 39 -10.25 -9.78 10.65
C GLU A 39 -10.25 -11.34 10.50
N GLN A 40 -9.31 -11.87 9.70
CA GLN A 40 -9.04 -13.32 9.65
C GLN A 40 -8.03 -13.72 10.73
N ALA A 41 -8.32 -14.85 11.41
CA ALA A 41 -7.40 -15.48 12.36
C ALA A 41 -6.27 -16.21 11.61
N SER A 42 -6.54 -16.56 10.33
CA SER A 42 -5.59 -17.19 9.40
C SER A 42 -4.62 -16.16 8.77
N PHE A 43 -4.66 -14.90 9.27
CA PHE A 43 -3.75 -13.83 8.83
C PHE A 43 -2.33 -14.10 9.36
N PRO A 44 -1.26 -14.06 8.49
CA PRO A 44 0.12 -14.46 8.87
C PRO A 44 0.85 -13.43 9.77
N MET A 45 0.20 -12.29 10.05
CA MET A 45 0.71 -11.28 10.99
C MET A 45 -0.28 -11.10 12.15
N ASN A 46 0.26 -10.79 13.34
CA ASN A 46 -0.56 -10.46 14.53
C ASN A 46 -1.20 -9.07 14.36
N GLU A 47 -2.08 -8.70 15.30
CA GLU A 47 -2.79 -7.41 15.29
C GLU A 47 -1.82 -6.22 15.40
N THR A 48 -0.81 -6.37 16.27
CA THR A 48 0.27 -5.38 16.46
C THR A 48 1.23 -5.38 15.26
N GLU A 49 1.67 -6.59 14.85
CA GLU A 49 2.65 -6.77 13.75
C GLU A 49 2.10 -6.21 12.42
N TYR A 50 0.77 -6.25 12.26
CA TYR A 50 0.07 -5.71 11.10
C TYR A 50 0.11 -4.17 11.10
N GLN A 51 -0.14 -3.54 12.27
CA GLN A 51 -0.13 -2.07 12.39
C GLN A 51 1.30 -1.51 12.18
N GLU A 52 2.30 -2.28 12.64
CA GLU A 52 3.72 -1.98 12.41
C GLU A 52 4.07 -2.08 10.92
N HIS A 53 3.45 -3.08 10.25
CA HIS A 53 3.62 -3.33 8.81
C HIS A 53 3.02 -2.18 7.98
N LEU A 54 1.85 -1.66 8.42
CA LEU A 54 1.17 -0.54 7.75
C LEU A 54 2.04 0.71 7.77
N ASP A 55 2.60 1.00 8.95
CA ASP A 55 3.41 2.21 9.18
C ASP A 55 4.79 2.07 8.52
N SER A 56 5.29 0.81 8.40
CA SER A 56 6.56 0.50 7.70
C SER A 56 6.42 0.77 6.20
N VAL A 57 5.33 0.22 5.62
CA VAL A 57 4.98 0.40 4.21
C VAL A 57 4.72 1.88 3.91
N ALA A 58 3.94 2.52 4.79
CA ALA A 58 3.56 3.94 4.64
C ALA A 58 4.76 4.89 4.85
N ASN A 59 5.81 4.40 5.55
CA ASN A 59 7.10 5.12 5.71
C ASN A 59 7.88 5.09 4.39
N TYR A 60 7.79 3.96 3.65
CA TYR A 60 8.38 3.84 2.30
C TYR A 60 7.57 4.65 1.28
N LEU A 61 6.25 4.68 1.44
CA LEU A 61 5.36 5.49 0.60
C LEU A 61 5.63 7.00 0.85
N HIS A 62 6.00 7.31 2.09
CA HIS A 62 6.48 8.64 2.50
C HIS A 62 7.86 8.96 1.87
N ALA A 63 8.76 7.97 1.92
CA ALA A 63 10.16 8.12 1.49
C ALA A 63 10.32 8.14 -0.03
N LEU A 64 9.38 7.50 -0.74
CA LEU A 64 9.42 7.35 -2.20
C LEU A 64 8.44 8.31 -2.89
N GLY A 65 7.44 8.82 -2.12
CA GLY A 65 6.40 9.72 -2.66
C GLY A 65 5.15 8.99 -3.13
N GLY A 66 5.07 7.67 -2.83
CA GLY A 66 3.96 6.81 -3.23
C GLY A 66 2.73 6.97 -2.35
N ALA A 67 2.86 7.75 -1.26
CA ALA A 67 1.80 7.94 -0.25
C ALA A 67 0.48 8.46 -0.85
N VAL A 68 0.58 9.60 -1.56
CA VAL A 68 -0.56 10.24 -2.23
C VAL A 68 -1.06 9.37 -3.39
N GLN A 69 -0.14 8.62 -4.03
CA GLN A 69 -0.44 7.77 -5.21
C GLN A 69 -1.36 6.58 -4.82
N VAL A 70 -1.12 6.02 -3.62
CA VAL A 70 -1.93 4.92 -3.05
C VAL A 70 -3.33 5.42 -2.69
N LYS A 71 -3.39 6.63 -2.09
CA LYS A 71 -4.65 7.27 -1.70
C LYS A 71 -5.51 7.61 -2.93
N THR A 72 -4.85 8.12 -3.99
CA THR A 72 -5.49 8.48 -5.26
C THR A 72 -6.09 7.23 -5.93
N PHE A 73 -5.29 6.14 -5.96
CA PHE A 73 -5.65 4.91 -6.66
C PHE A 73 -6.82 4.19 -5.98
N ILE A 74 -6.65 3.86 -4.67
CA ILE A 74 -7.63 3.05 -3.89
C ILE A 74 -9.02 3.73 -3.83
N THR A 75 -9.03 5.07 -3.70
CA THR A 75 -10.28 5.86 -3.62
C THR A 75 -11.04 5.85 -4.97
N GLN A 76 -10.32 6.07 -6.08
CA GLN A 76 -10.93 6.23 -7.42
C GLN A 76 -11.25 4.88 -8.09
N THR A 77 -10.40 3.85 -7.84
CA THR A 77 -10.60 2.49 -8.41
C THR A 77 -11.78 1.81 -7.70
N LYS A 78 -12.40 0.81 -8.36
CA LYS A 78 -13.53 0.06 -7.81
C LYS A 78 -13.18 -1.42 -7.63
N GLU A 79 -11.88 -1.76 -7.78
CA GLU A 79 -11.36 -3.12 -7.60
C GLU A 79 -11.43 -3.53 -6.12
N ARG A 80 -11.75 -4.81 -5.87
CA ARG A 80 -11.66 -5.41 -4.53
C ARG A 80 -10.51 -6.45 -4.51
N PRO A 81 -9.83 -6.63 -3.35
CA PRO A 81 -8.88 -7.76 -3.15
C PRO A 81 -9.62 -9.11 -3.29
N ARG A 82 -9.16 -9.92 -4.25
CA ARG A 82 -9.83 -11.17 -4.66
C ARG A 82 -8.84 -12.33 -4.49
N LEU A 83 -9.36 -13.56 -4.30
CA LEU A 83 -8.52 -14.78 -4.18
C LEU A 83 -7.64 -14.96 -5.43
N GLY A 84 -6.34 -14.70 -5.28
CA GLY A 84 -5.37 -14.87 -6.38
C GLY A 84 -5.03 -13.57 -7.10
N LYS A 85 -5.91 -12.54 -6.95
CA LYS A 85 -5.71 -11.22 -7.57
C LYS A 85 -5.70 -10.12 -6.49
N ALA A 86 -4.54 -9.51 -6.25
CA ALA A 86 -4.40 -8.32 -5.39
C ALA A 86 -4.73 -7.04 -6.19
N VAL A 87 -4.98 -5.93 -5.46
CA VAL A 87 -5.17 -4.60 -6.05
C VAL A 87 -3.77 -3.96 -6.25
N SER A 88 -3.18 -4.19 -7.42
CA SER A 88 -1.81 -3.77 -7.76
C SER A 88 -1.80 -2.26 -8.10
N ILE A 89 -1.30 -1.45 -7.17
CA ILE A 89 -1.22 0.01 -7.30
C ILE A 89 0.09 0.39 -8.03
N PRO A 90 0.04 0.87 -9.32
CA PRO A 90 1.24 1.35 -10.00
C PRO A 90 1.65 2.71 -9.41
N LEU A 91 2.79 2.73 -8.72
CA LEU A 91 3.27 3.93 -8.02
C LEU A 91 4.00 4.85 -9.00
N ASP A 92 3.35 5.99 -9.33
CA ASP A 92 3.92 7.03 -10.19
C ASP A 92 5.09 7.71 -9.45
N LEU A 93 6.29 7.14 -9.59
CA LEU A 93 7.49 7.59 -8.85
C LEU A 93 8.61 7.96 -9.83
N GLY A 94 8.23 8.39 -11.05
CA GLY A 94 9.18 8.88 -12.05
C GLY A 94 9.85 10.16 -11.60
N GLU A 95 9.02 11.16 -11.20
CA GLU A 95 9.48 12.46 -10.68
C GLU A 95 10.12 12.28 -9.28
N ARG A 96 9.42 11.51 -8.42
CA ARG A 96 9.74 11.42 -6.98
C ARG A 96 11.04 10.63 -6.71
N ALA A 97 11.31 9.58 -7.51
CA ALA A 97 12.60 8.84 -7.42
C ALA A 97 13.70 9.70 -8.05
N SER A 98 13.38 10.41 -9.15
CA SER A 98 14.36 11.23 -9.90
C SER A 98 14.97 12.36 -9.03
N GLU A 99 14.31 12.66 -7.89
CA GLU A 99 14.81 13.65 -6.92
C GLU A 99 16.19 13.26 -6.37
N TRP A 100 16.37 11.96 -6.03
CA TRP A 100 17.65 11.47 -5.48
C TRP A 100 18.60 10.98 -6.61
N ILE A 101 18.04 10.65 -7.81
CA ILE A 101 18.88 10.37 -9.00
C ILE A 101 19.55 11.68 -9.45
N ILE A 102 20.86 11.78 -9.16
CA ILE A 102 21.72 12.91 -9.56
C ILE A 102 22.75 12.39 -10.57
N LEU A 103 22.45 12.61 -11.86
CA LEU A 103 23.32 12.26 -13.01
C LEU A 103 23.36 13.47 -13.94
N GLU A 104 24.57 14.02 -14.17
CA GLU A 104 24.76 15.24 -14.97
C GLU A 104 24.47 14.98 -16.48
N MET A 1 0.79 10.24 4.94
CA MET A 1 0.05 9.01 5.25
C MET A 1 0.91 8.09 6.15
N THR A 2 0.46 7.89 7.39
CA THR A 2 1.06 6.94 8.35
C THR A 2 0.43 5.55 8.18
N GLY A 3 0.87 4.57 9.01
CA GLY A 3 0.24 3.25 9.06
C GLY A 3 -1.18 3.30 9.60
N GLN A 4 -1.45 4.33 10.42
CA GLN A 4 -2.78 4.68 10.90
C GLN A 4 -3.68 5.08 9.70
N GLU A 5 -3.18 6.06 8.92
CA GLU A 5 -3.90 6.63 7.73
C GLU A 5 -4.00 5.60 6.59
N LEU A 6 -3.04 4.67 6.52
CA LEU A 6 -3.00 3.61 5.50
C LEU A 6 -4.11 2.58 5.79
N ARG A 7 -4.23 2.21 7.09
CA ARG A 7 -5.28 1.29 7.56
C ARG A 7 -6.67 1.91 7.33
N GLN A 8 -6.78 3.22 7.64
CA GLN A 8 -7.98 4.02 7.40
C GLN A 8 -8.35 4.02 5.90
N LEU A 9 -7.34 4.13 5.02
CA LEU A 9 -7.55 4.15 3.55
C LEU A 9 -8.20 2.83 3.05
N LEU A 10 -7.93 1.72 3.77
CA LEU A 10 -8.47 0.38 3.46
C LEU A 10 -9.93 0.25 3.99
N LEU A 11 -10.19 0.89 5.15
CA LEU A 11 -11.50 0.85 5.84
C LEU A 11 -12.52 1.77 5.16
N ASP A 12 -12.13 3.05 4.97
CA ASP A 12 -12.94 4.07 4.26
C ASP A 12 -13.33 3.62 2.85
N LYS A 13 -12.43 2.88 2.17
CA LYS A 13 -12.68 2.39 0.81
C LYS A 13 -13.52 1.11 0.83
N TRP A 14 -12.95 0.02 1.38
CA TRP A 14 -13.51 -1.35 1.27
C TRP A 14 -14.24 -1.78 2.55
N GLY A 15 -13.75 -1.33 3.72
CA GLY A 15 -14.35 -1.69 5.01
C GLY A 15 -13.62 -2.81 5.73
N TYR A 16 -12.41 -3.14 5.25
CA TYR A 16 -11.56 -4.21 5.82
C TYR A 16 -10.12 -3.71 5.94
N SER A 17 -9.46 -4.09 7.04
CA SER A 17 -8.06 -3.76 7.30
C SER A 17 -7.14 -4.77 6.57
N TYR A 18 -6.95 -4.57 5.25
CA TYR A 18 -6.18 -5.48 4.39
C TYR A 18 -4.65 -5.40 4.64
N ASP A 19 -3.96 -6.48 4.29
CA ASP A 19 -2.51 -6.50 4.20
C ASP A 19 -2.10 -5.86 2.88
N VAL A 20 -0.99 -5.11 2.91
CA VAL A 20 -0.42 -4.45 1.73
C VAL A 20 1.01 -4.98 1.50
N GLN A 21 1.27 -5.49 0.29
CA GLN A 21 2.52 -6.22 -0.02
C GLN A 21 3.23 -5.54 -1.20
N PHE A 22 4.52 -5.20 -1.02
CA PHE A 22 5.37 -4.64 -2.07
C PHE A 22 5.68 -5.72 -3.13
N ARG A 23 5.89 -5.29 -4.38
CA ARG A 23 6.25 -6.17 -5.49
C ARG A 23 7.26 -5.45 -6.40
N ARG A 24 8.49 -5.97 -6.46
CA ARG A 24 9.60 -5.37 -7.23
C ARG A 24 9.88 -6.24 -8.46
N THR A 25 9.54 -5.70 -9.64
CA THR A 25 9.75 -6.34 -10.94
C THR A 25 10.11 -5.26 -11.97
N GLN A 26 11.08 -5.59 -12.88
CA GLN A 26 11.63 -4.67 -13.89
C GLN A 26 12.37 -3.48 -13.23
N GLY A 27 12.76 -3.67 -11.95
CA GLY A 27 13.40 -2.61 -11.14
C GLY A 27 12.40 -1.58 -10.60
N LYS A 28 11.10 -1.82 -10.86
CA LYS A 28 9.99 -0.92 -10.46
C LYS A 28 9.27 -1.50 -9.24
N ILE A 29 8.51 -0.65 -8.53
CA ILE A 29 7.81 -1.04 -7.30
C ILE A 29 6.28 -0.88 -7.48
N PHE A 30 5.54 -1.92 -7.05
CA PHE A 30 4.07 -2.00 -7.12
C PHE A 30 3.55 -2.44 -5.75
N LEU A 31 2.66 -1.65 -5.12
CA LEU A 31 2.07 -2.02 -3.82
C LEU A 31 0.77 -2.82 -4.07
N GLN A 32 0.88 -4.15 -4.02
CA GLN A 32 -0.24 -5.06 -4.25
C GLN A 32 -0.99 -5.32 -2.93
N VAL A 33 -2.14 -4.65 -2.79
CA VAL A 33 -3.05 -4.85 -1.65
C VAL A 33 -3.64 -6.26 -1.71
N MET A 34 -3.28 -7.08 -0.72
CA MET A 34 -3.72 -8.48 -0.60
C MET A 34 -5.21 -8.57 -0.24
N TRP A 35 -5.80 -9.72 -0.58
CA TRP A 35 -7.20 -10.07 -0.25
C TRP A 35 -7.35 -10.50 1.23
N LYS A 36 -6.19 -10.66 1.90
CA LYS A 36 -6.11 -11.01 3.32
C LYS A 36 -6.32 -9.74 4.16
N TYR A 37 -7.12 -9.84 5.22
CA TYR A 37 -7.36 -8.72 6.16
C TYR A 37 -7.29 -9.23 7.60
N LEU A 38 -7.02 -8.30 8.54
CA LEU A 38 -6.73 -8.62 9.96
C LEU A 38 -7.94 -9.25 10.68
N GLU A 39 -9.16 -9.06 10.13
CA GLU A 39 -10.39 -9.63 10.71
C GLU A 39 -10.42 -11.18 10.57
N GLN A 40 -9.67 -11.70 9.57
CA GLN A 40 -9.49 -13.15 9.38
C GLN A 40 -8.55 -13.73 10.43
N ALA A 41 -8.98 -14.83 11.07
CA ALA A 41 -8.17 -15.60 12.04
C ALA A 41 -7.00 -16.32 11.33
N SER A 42 -7.13 -16.50 9.99
CA SER A 42 -6.10 -17.13 9.13
C SER A 42 -4.95 -16.16 8.77
N PHE A 43 -4.95 -14.95 9.37
CA PHE A 43 -3.91 -13.93 9.15
C PHE A 43 -2.58 -14.40 9.80
N PRO A 44 -1.45 -14.48 9.02
CA PRO A 44 -0.17 -15.10 9.49
C PRO A 44 0.71 -14.17 10.36
N MET A 45 0.20 -12.98 10.66
CA MET A 45 0.88 -12.00 11.54
C MET A 45 -0.04 -11.68 12.71
N ASN A 46 0.54 -11.25 13.84
CA ASN A 46 -0.21 -10.74 15.00
C ASN A 46 -0.85 -9.40 14.62
N GLU A 47 -1.78 -8.93 15.46
CA GLU A 47 -2.44 -7.63 15.27
C GLU A 47 -1.42 -6.49 15.42
N THR A 48 -0.46 -6.64 16.36
CA THR A 48 0.66 -5.71 16.53
C THR A 48 1.53 -5.72 15.27
N GLU A 49 1.94 -6.94 14.83
CA GLU A 49 2.84 -7.14 13.66
C GLU A 49 2.23 -6.55 12.37
N TYR A 50 0.89 -6.61 12.27
CA TYR A 50 0.12 -6.04 11.17
C TYR A 50 0.26 -4.51 11.14
N GLN A 51 0.09 -3.87 12.30
CA GLN A 51 0.13 -2.40 12.41
C GLN A 51 1.58 -1.88 12.21
N GLU A 52 2.56 -2.68 12.68
CA GLU A 52 4.00 -2.43 12.46
C GLU A 52 4.31 -2.48 10.95
N HIS A 53 3.72 -3.50 10.28
CA HIS A 53 3.84 -3.73 8.83
C HIS A 53 3.27 -2.55 8.05
N LEU A 54 2.08 -2.06 8.47
CA LEU A 54 1.41 -0.91 7.83
C LEU A 54 2.27 0.34 7.89
N ASP A 55 2.78 0.63 9.10
CA ASP A 55 3.54 1.86 9.37
C ASP A 55 4.92 1.79 8.70
N SER A 56 5.44 0.56 8.54
CA SER A 56 6.69 0.29 7.82
C SER A 56 6.49 0.52 6.31
N VAL A 57 5.32 0.08 5.80
CA VAL A 57 4.94 0.22 4.39
C VAL A 57 4.72 1.70 4.04
N ALA A 58 3.92 2.40 4.86
CA ALA A 58 3.53 3.81 4.63
C ALA A 58 4.72 4.76 4.82
N ASN A 59 5.69 4.34 5.65
CA ASN A 59 6.98 5.05 5.84
C ASN A 59 7.84 4.91 4.57
N TYR A 60 7.83 3.69 4.00
CA TYR A 60 8.53 3.35 2.75
C TYR A 60 7.90 4.12 1.57
N LEU A 61 6.55 4.21 1.57
CA LEU A 61 5.76 4.92 0.55
C LEU A 61 6.07 6.43 0.60
N HIS A 62 6.20 6.94 1.84
CA HIS A 62 6.57 8.34 2.13
C HIS A 62 7.99 8.64 1.63
N ALA A 63 8.90 7.67 1.83
CA ALA A 63 10.30 7.76 1.40
C ALA A 63 10.41 7.84 -0.13
N LEU A 64 9.62 6.97 -0.80
CA LEU A 64 9.56 6.88 -2.27
C LEU A 64 8.80 8.06 -2.90
N GLY A 65 7.84 8.61 -2.14
CA GLY A 65 6.89 9.61 -2.67
C GLY A 65 5.66 8.95 -3.30
N GLY A 66 5.60 7.60 -3.24
CA GLY A 66 4.50 6.82 -3.81
C GLY A 66 3.31 6.69 -2.88
N ALA A 67 3.38 7.34 -1.69
CA ALA A 67 2.27 7.37 -0.72
C ALA A 67 1.04 8.05 -1.33
N VAL A 68 1.28 9.18 -2.03
CA VAL A 68 0.25 9.95 -2.74
C VAL A 68 -0.35 9.10 -3.86
N GLN A 69 0.48 8.25 -4.49
CA GLN A 69 0.05 7.37 -5.60
C GLN A 69 -0.90 6.26 -5.10
N VAL A 70 -0.64 5.76 -3.88
CA VAL A 70 -1.51 4.76 -3.22
C VAL A 70 -2.89 5.37 -2.92
N LYS A 71 -2.86 6.60 -2.38
CA LYS A 71 -4.07 7.35 -2.01
C LYS A 71 -4.93 7.70 -3.25
N THR A 72 -4.28 8.29 -4.27
CA THR A 72 -4.92 8.72 -5.53
C THR A 72 -5.52 7.51 -6.29
N PHE A 73 -4.78 6.39 -6.30
CA PHE A 73 -5.19 5.16 -6.99
C PHE A 73 -6.43 4.56 -6.32
N ILE A 74 -6.30 4.19 -5.03
CA ILE A 74 -7.35 3.47 -4.25
C ILE A 74 -8.70 4.23 -4.25
N THR A 75 -8.64 5.56 -4.07
CA THR A 75 -9.84 6.42 -4.05
C THR A 75 -10.65 6.30 -5.35
N GLN A 76 -9.97 6.51 -6.50
CA GLN A 76 -10.62 6.62 -7.81
C GLN A 76 -11.03 5.24 -8.37
N THR A 77 -10.13 4.24 -8.21
CA THR A 77 -10.37 2.86 -8.71
C THR A 77 -11.42 2.15 -7.83
N LYS A 78 -12.21 1.25 -8.43
CA LYS A 78 -13.24 0.46 -7.72
C LYS A 78 -12.78 -1.01 -7.57
N GLU A 79 -11.46 -1.26 -7.81
CA GLU A 79 -10.86 -2.58 -7.67
C GLU A 79 -10.86 -3.02 -6.21
N ARG A 80 -11.49 -4.17 -5.96
CA ARG A 80 -11.62 -4.78 -4.64
C ARG A 80 -10.72 -6.02 -4.56
N PRO A 81 -9.92 -6.18 -3.45
CA PRO A 81 -9.03 -7.35 -3.25
C PRO A 81 -9.81 -8.68 -3.24
N ARG A 82 -9.43 -9.60 -4.14
CA ARG A 82 -10.14 -10.85 -4.44
C ARG A 82 -9.14 -12.01 -4.43
N LEU A 83 -9.60 -13.24 -4.18
CA LEU A 83 -8.75 -14.44 -4.15
C LEU A 83 -8.12 -14.68 -5.54
N GLY A 84 -6.82 -14.35 -5.66
CA GLY A 84 -6.07 -14.49 -6.93
C GLY A 84 -5.90 -13.17 -7.66
N LYS A 85 -6.62 -12.13 -7.20
CA LYS A 85 -6.54 -10.76 -7.77
C LYS A 85 -6.18 -9.78 -6.63
N ALA A 86 -4.93 -9.33 -6.60
CA ALA A 86 -4.47 -8.26 -5.70
C ALA A 86 -4.69 -6.89 -6.38
N VAL A 87 -4.95 -5.85 -5.58
CA VAL A 87 -5.02 -4.47 -6.09
C VAL A 87 -3.58 -3.96 -6.26
N SER A 88 -3.04 -4.20 -7.46
CA SER A 88 -1.66 -3.87 -7.82
C SER A 88 -1.57 -2.38 -8.13
N ILE A 89 -1.22 -1.61 -7.09
CA ILE A 89 -1.03 -0.16 -7.20
C ILE A 89 0.34 0.11 -7.85
N PRO A 90 0.40 0.63 -9.11
CA PRO A 90 1.67 1.01 -9.72
C PRO A 90 2.18 2.33 -9.11
N LEU A 91 3.31 2.26 -8.38
CA LEU A 91 3.91 3.44 -7.79
C LEU A 91 4.67 4.19 -8.89
N ASP A 92 3.94 5.13 -9.52
CA ASP A 92 4.46 5.96 -10.61
C ASP A 92 5.46 6.96 -10.03
N LEU A 93 6.74 6.62 -10.19
CA LEU A 93 7.87 7.36 -9.60
C LEU A 93 8.87 7.79 -10.67
N GLY A 94 8.46 7.72 -11.95
CA GLY A 94 9.36 8.02 -13.07
C GLY A 94 9.80 9.47 -13.07
N GLU A 95 8.81 10.37 -13.12
CA GLU A 95 9.05 11.82 -13.04
C GLU A 95 9.01 12.28 -11.55
N ARG A 96 8.32 11.49 -10.68
CA ARG A 96 8.25 11.76 -9.22
C ARG A 96 9.60 11.50 -8.52
N ALA A 97 10.52 10.82 -9.21
CA ALA A 97 11.90 10.63 -8.73
C ALA A 97 12.62 11.98 -8.58
N SER A 98 12.26 12.94 -9.45
CA SER A 98 12.84 14.29 -9.45
C SER A 98 12.21 15.20 -8.36
N GLU A 99 11.10 14.73 -7.72
CA GLU A 99 10.41 15.49 -6.65
C GLU A 99 11.16 15.39 -5.31
N TRP A 100 11.75 14.22 -5.01
CA TRP A 100 12.51 14.00 -3.76
C TRP A 100 14.01 14.23 -3.96
N ILE A 101 14.45 14.44 -5.23
CA ILE A 101 15.76 15.03 -5.54
C ILE A 101 15.54 16.56 -5.61
N ILE A 102 15.96 17.27 -4.55
CA ILE A 102 15.87 18.74 -4.47
C ILE A 102 17.27 19.33 -4.70
N LEU A 103 17.52 19.80 -5.93
CA LEU A 103 18.79 20.45 -6.32
C LEU A 103 18.54 21.91 -6.73
N GLU A 104 19.56 22.75 -6.50
CA GLU A 104 19.54 24.19 -6.80
C GLU A 104 20.85 24.57 -7.55
N MET A 1 2.07 9.58 4.82
CA MET A 1 1.35 8.33 5.12
C MET A 1 1.93 7.69 6.41
N THR A 2 1.07 7.51 7.41
CA THR A 2 1.38 6.71 8.61
C THR A 2 0.72 5.34 8.45
N GLY A 3 1.13 4.35 9.27
CA GLY A 3 0.48 3.04 9.32
C GLY A 3 -1.00 3.12 9.68
N GLN A 4 -1.32 4.14 10.50
CA GLN A 4 -2.69 4.49 10.85
C GLN A 4 -3.49 4.85 9.59
N GLU A 5 -2.98 5.84 8.81
CA GLU A 5 -3.66 6.37 7.60
C GLU A 5 -3.82 5.30 6.52
N LEU A 6 -2.82 4.40 6.44
CA LEU A 6 -2.82 3.29 5.48
C LEU A 6 -3.97 2.31 5.81
N ARG A 7 -4.14 2.00 7.11
CA ARG A 7 -5.23 1.15 7.61
C ARG A 7 -6.59 1.86 7.40
N GLN A 8 -6.61 3.18 7.67
CA GLN A 8 -7.80 4.02 7.54
C GLN A 8 -8.19 4.21 6.06
N LEU A 9 -7.24 4.03 5.14
CA LEU A 9 -7.49 4.14 3.69
C LEU A 9 -8.21 2.87 3.19
N LEU A 10 -7.82 1.71 3.76
CA LEU A 10 -8.40 0.40 3.43
C LEU A 10 -9.80 0.24 4.09
N LEU A 11 -9.95 0.83 5.30
CA LEU A 11 -11.22 0.80 6.07
C LEU A 11 -12.25 1.79 5.51
N ASP A 12 -11.79 3.01 5.17
CA ASP A 12 -12.67 4.06 4.59
C ASP A 12 -13.17 3.65 3.19
N LYS A 13 -12.31 2.93 2.44
CA LYS A 13 -12.63 2.49 1.08
C LYS A 13 -13.49 1.20 1.10
N TRP A 14 -12.90 0.09 1.57
CA TRP A 14 -13.49 -1.27 1.44
C TRP A 14 -14.14 -1.76 2.75
N GLY A 15 -13.87 -1.07 3.87
CA GLY A 15 -14.42 -1.46 5.19
C GLY A 15 -13.58 -2.51 5.92
N TYR A 16 -12.49 -2.95 5.28
CA TYR A 16 -11.63 -4.04 5.78
C TYR A 16 -10.15 -3.60 5.71
N SER A 17 -9.40 -3.86 6.78
CA SER A 17 -7.98 -3.54 6.86
C SER A 17 -7.16 -4.69 6.25
N TYR A 18 -6.82 -4.58 4.95
CA TYR A 18 -6.11 -5.62 4.20
C TYR A 18 -4.59 -5.57 4.40
N ASP A 19 -3.95 -6.70 4.10
CA ASP A 19 -2.50 -6.80 4.01
C ASP A 19 -2.04 -6.16 2.69
N VAL A 20 -0.93 -5.43 2.73
CA VAL A 20 -0.36 -4.77 1.54
C VAL A 20 1.12 -5.16 1.43
N GLN A 21 1.53 -5.70 0.27
CA GLN A 21 2.91 -6.18 0.03
C GLN A 21 3.56 -5.36 -1.08
N PHE A 22 4.89 -5.19 -0.98
CA PHE A 22 5.68 -4.55 -2.03
C PHE A 22 6.09 -5.58 -3.07
N ARG A 23 5.68 -5.33 -4.33
CA ARG A 23 6.06 -6.16 -5.47
C ARG A 23 7.22 -5.46 -6.19
N ARG A 24 8.40 -6.08 -6.12
CA ARG A 24 9.63 -5.57 -6.72
C ARG A 24 9.93 -6.41 -7.96
N THR A 25 9.51 -5.92 -9.12
CA THR A 25 9.70 -6.62 -10.40
C THR A 25 10.04 -5.61 -11.51
N GLN A 26 11.01 -6.02 -12.38
CA GLN A 26 11.53 -5.22 -13.51
C GLN A 26 12.23 -3.94 -13.02
N GLY A 27 12.78 -4.02 -11.78
CA GLY A 27 13.45 -2.89 -11.13
C GLY A 27 12.48 -1.88 -10.49
N LYS A 28 11.17 -2.13 -10.66
CA LYS A 28 10.10 -1.21 -10.29
C LYS A 28 9.45 -1.62 -8.96
N ILE A 29 8.71 -0.68 -8.35
CA ILE A 29 8.02 -0.91 -7.07
C ILE A 29 6.49 -0.78 -7.27
N PHE A 30 5.76 -1.76 -6.73
CA PHE A 30 4.29 -1.82 -6.75
C PHE A 30 3.81 -2.10 -5.32
N LEU A 31 2.51 -1.86 -5.05
CA LEU A 31 1.90 -2.18 -3.76
C LEU A 31 0.63 -3.01 -3.99
N GLN A 32 0.75 -4.33 -3.86
CA GLN A 32 -0.37 -5.27 -4.08
C GLN A 32 -1.18 -5.45 -2.79
N VAL A 33 -2.37 -4.82 -2.76
CA VAL A 33 -3.35 -4.98 -1.67
C VAL A 33 -3.91 -6.41 -1.72
N MET A 34 -3.44 -7.26 -0.80
CA MET A 34 -3.91 -8.66 -0.64
C MET A 34 -5.39 -8.71 -0.22
N TRP A 35 -6.03 -9.84 -0.51
CA TRP A 35 -7.43 -10.11 -0.13
C TRP A 35 -7.56 -10.50 1.35
N LYS A 36 -6.41 -10.82 1.98
CA LYS A 36 -6.36 -11.19 3.38
C LYS A 36 -6.44 -9.94 4.25
N TYR A 37 -7.57 -9.78 4.94
CA TYR A 37 -7.75 -8.69 5.93
C TYR A 37 -7.55 -9.23 7.35
N LEU A 38 -7.24 -8.32 8.30
CA LEU A 38 -6.84 -8.67 9.69
C LEU A 38 -7.95 -9.43 10.46
N GLU A 39 -9.21 -9.20 10.08
CA GLU A 39 -10.38 -9.85 10.69
C GLU A 39 -10.38 -11.39 10.44
N GLN A 40 -9.69 -11.83 9.36
CA GLN A 40 -9.46 -13.26 9.06
C GLN A 40 -8.54 -13.89 10.13
N ALA A 41 -8.97 -15.03 10.69
CA ALA A 41 -8.17 -15.81 11.67
C ALA A 41 -6.97 -16.49 11.01
N SER A 42 -7.00 -16.60 9.66
CA SER A 42 -5.93 -17.19 8.84
C SER A 42 -4.84 -16.14 8.49
N PHE A 43 -4.96 -14.92 9.06
CA PHE A 43 -4.01 -13.83 8.80
C PHE A 43 -2.62 -14.18 9.42
N PRO A 44 -1.52 -14.18 8.60
CA PRO A 44 -0.19 -14.72 9.04
C PRO A 44 0.59 -13.80 10.02
N MET A 45 -0.02 -12.67 10.43
CA MET A 45 0.55 -11.75 11.43
C MET A 45 -0.51 -11.44 12.52
N ASN A 46 -0.04 -11.01 13.70
CA ASN A 46 -0.91 -10.50 14.79
C ASN A 46 -1.27 -9.04 14.51
N GLU A 47 -2.10 -8.44 15.38
CA GLU A 47 -2.60 -7.05 15.22
C GLU A 47 -1.45 -6.02 15.31
N THR A 48 -0.52 -6.24 16.25
CA THR A 48 0.65 -5.36 16.44
C THR A 48 1.68 -5.56 15.30
N GLU A 49 1.91 -6.82 14.88
CA GLU A 49 2.80 -7.15 13.75
C GLU A 49 2.26 -6.55 12.43
N TYR A 50 0.92 -6.55 12.31
CA TYR A 50 0.20 -6.01 11.15
C TYR A 50 0.33 -4.48 11.10
N GLN A 51 0.26 -3.81 12.26
CA GLN A 51 0.34 -2.34 12.33
C GLN A 51 1.81 -1.86 12.15
N GLU A 52 2.77 -2.68 12.60
CA GLU A 52 4.21 -2.48 12.31
C GLU A 52 4.48 -2.66 10.80
N HIS A 53 3.74 -3.62 10.20
CA HIS A 53 3.79 -3.91 8.76
C HIS A 53 3.27 -2.71 7.97
N LEU A 54 2.12 -2.17 8.40
CA LEU A 54 1.47 -1.00 7.80
C LEU A 54 2.38 0.22 7.84
N ASP A 55 2.97 0.45 9.03
CA ASP A 55 3.81 1.64 9.29
C ASP A 55 5.15 1.55 8.54
N SER A 56 5.67 0.32 8.36
CA SER A 56 6.87 0.07 7.56
C SER A 56 6.59 0.34 6.08
N VAL A 57 5.45 -0.18 5.60
CA VAL A 57 4.97 0.04 4.22
C VAL A 57 4.77 1.56 3.98
N ALA A 58 4.13 2.20 4.95
CA ALA A 58 3.79 3.63 4.91
C ALA A 58 5.04 4.53 4.95
N ASN A 59 6.07 4.02 5.66
CA ASN A 59 7.39 4.66 5.76
C ASN A 59 8.10 4.63 4.40
N TYR A 60 7.94 3.49 3.68
CA TYR A 60 8.47 3.32 2.31
C TYR A 60 7.66 4.13 1.29
N LEU A 61 6.35 4.25 1.51
CA LEU A 61 5.46 5.01 0.62
C LEU A 61 5.86 6.50 0.67
N HIS A 62 6.13 6.99 1.88
CA HIS A 62 6.63 8.36 2.11
C HIS A 62 8.05 8.52 1.53
N ALA A 63 8.93 7.54 1.81
CA ALA A 63 10.35 7.57 1.42
C ALA A 63 10.52 7.67 -0.11
N LEU A 64 9.80 6.82 -0.82
CA LEU A 64 9.87 6.69 -2.28
C LEU A 64 9.01 7.77 -2.98
N GLY A 65 8.04 8.34 -2.24
CA GLY A 65 7.10 9.35 -2.77
C GLY A 65 5.81 8.74 -3.31
N GLY A 66 5.66 7.41 -3.14
CA GLY A 66 4.51 6.66 -3.66
C GLY A 66 3.29 6.69 -2.74
N ALA A 67 3.37 7.45 -1.62
CA ALA A 67 2.28 7.58 -0.65
C ALA A 67 1.02 8.18 -1.27
N VAL A 68 1.23 9.30 -2.00
CA VAL A 68 0.15 10.02 -2.69
C VAL A 68 -0.38 9.15 -3.86
N GLN A 69 0.53 8.39 -4.50
CA GLN A 69 0.18 7.49 -5.64
C GLN A 69 -0.79 6.36 -5.21
N VAL A 70 -0.56 5.81 -4.00
CA VAL A 70 -1.44 4.79 -3.39
C VAL A 70 -2.84 5.38 -3.12
N LYS A 71 -2.84 6.60 -2.54
CA LYS A 71 -4.09 7.34 -2.24
C LYS A 71 -4.90 7.59 -3.52
N THR A 72 -4.22 8.16 -4.54
CA THR A 72 -4.84 8.59 -5.81
C THR A 72 -5.46 7.38 -6.53
N PHE A 73 -4.75 6.24 -6.50
CA PHE A 73 -5.20 4.99 -7.12
C PHE A 73 -6.46 4.48 -6.41
N ILE A 74 -6.35 4.31 -5.06
CA ILE A 74 -7.43 3.73 -4.22
C ILE A 74 -8.71 4.61 -4.23
N THR A 75 -8.53 5.93 -4.33
CA THR A 75 -9.64 6.91 -4.38
C THR A 75 -10.46 6.72 -5.69
N GLN A 76 -9.73 6.57 -6.81
CA GLN A 76 -10.35 6.49 -8.16
C GLN A 76 -10.83 5.06 -8.51
N THR A 77 -10.17 4.04 -7.94
CA THR A 77 -10.42 2.63 -8.32
C THR A 77 -11.77 2.14 -7.78
N LYS A 78 -12.39 1.24 -8.54
CA LYS A 78 -13.63 0.55 -8.16
C LYS A 78 -13.34 -0.94 -7.93
N GLU A 79 -12.05 -1.33 -8.01
CA GLU A 79 -11.61 -2.73 -7.85
C GLU A 79 -11.46 -3.08 -6.36
N ARG A 80 -11.81 -4.33 -6.03
CA ARG A 80 -11.68 -4.90 -4.68
C ARG A 80 -10.68 -6.07 -4.71
N PRO A 81 -9.86 -6.26 -3.63
CA PRO A 81 -8.99 -7.45 -3.49
C PRO A 81 -9.83 -8.70 -3.15
N ARG A 82 -9.80 -9.70 -4.04
CA ARG A 82 -10.61 -10.94 -3.91
C ARG A 82 -9.67 -12.16 -3.92
N LEU A 83 -10.19 -13.33 -3.51
CA LEU A 83 -9.41 -14.58 -3.47
C LEU A 83 -8.78 -14.90 -4.85
N GLY A 84 -7.45 -14.71 -4.93
CA GLY A 84 -6.67 -14.95 -6.16
C GLY A 84 -6.21 -13.66 -6.84
N LYS A 85 -6.99 -12.57 -6.66
CA LYS A 85 -6.72 -11.25 -7.31
C LYS A 85 -6.36 -10.19 -6.24
N ALA A 86 -5.16 -9.62 -6.35
CA ALA A 86 -4.71 -8.46 -5.54
C ALA A 86 -4.95 -7.16 -6.30
N VAL A 87 -5.01 -6.04 -5.58
CA VAL A 87 -5.04 -4.68 -6.18
C VAL A 87 -3.59 -4.19 -6.32
N SER A 88 -2.97 -4.49 -7.46
CA SER A 88 -1.58 -4.13 -7.77
C SER A 88 -1.50 -2.64 -8.16
N ILE A 89 -1.09 -1.81 -7.20
CA ILE A 89 -0.94 -0.34 -7.37
C ILE A 89 0.45 -0.03 -7.97
N PRO A 90 0.54 0.46 -9.25
CA PRO A 90 1.82 0.90 -9.84
C PRO A 90 2.26 2.27 -9.27
N LEU A 91 3.39 2.29 -8.56
CA LEU A 91 3.96 3.54 -8.00
C LEU A 91 4.81 4.22 -9.07
N ASP A 92 4.20 5.20 -9.76
CA ASP A 92 4.85 5.97 -10.84
C ASP A 92 5.82 7.00 -10.22
N LEU A 93 7.09 6.60 -10.11
CA LEU A 93 8.13 7.39 -9.41
C LEU A 93 9.25 7.80 -10.37
N GLY A 94 8.94 7.90 -11.67
CA GLY A 94 9.92 8.31 -12.69
C GLY A 94 10.32 9.77 -12.56
N GLU A 95 9.72 10.63 -13.42
CA GLU A 95 9.95 12.08 -13.42
C GLU A 95 9.50 12.73 -12.09
N ARG A 96 8.40 12.21 -11.54
CA ARG A 96 7.73 12.78 -10.34
C ARG A 96 8.67 12.79 -9.11
N ALA A 97 9.48 11.72 -8.94
CA ALA A 97 10.37 11.59 -7.76
C ALA A 97 11.42 12.72 -7.67
N SER A 98 11.74 13.34 -8.82
CA SER A 98 12.75 14.42 -8.90
C SER A 98 12.28 15.73 -8.22
N GLU A 99 10.99 15.78 -7.80
CA GLU A 99 10.43 16.91 -7.01
C GLU A 99 11.22 17.12 -5.68
N TRP A 100 11.69 16.02 -5.06
CA TRP A 100 12.44 16.08 -3.78
C TRP A 100 13.95 15.87 -3.98
N ILE A 101 14.39 15.59 -5.23
CA ILE A 101 15.82 15.63 -5.61
C ILE A 101 16.12 17.05 -6.17
N ILE A 102 16.64 17.93 -5.31
CA ILE A 102 16.94 19.33 -5.65
C ILE A 102 18.46 19.52 -5.83
N LEU A 103 18.92 19.55 -7.09
CA LEU A 103 20.35 19.75 -7.46
C LEU A 103 20.50 21.06 -8.25
N GLU A 104 21.67 21.72 -8.12
CA GLU A 104 21.96 22.99 -8.82
C GLU A 104 22.54 22.67 -10.23
N MET A 1 1.96 10.29 6.21
CA MET A 1 1.12 9.10 5.95
C MET A 1 1.68 7.91 6.73
N THR A 2 1.10 7.68 7.91
CA THR A 2 1.40 6.52 8.76
C THR A 2 0.67 5.27 8.25
N GLY A 3 0.93 4.12 8.90
CA GLY A 3 0.19 2.89 8.66
C GLY A 3 -1.27 3.00 9.05
N GLN A 4 -1.55 3.92 9.99
CA GLN A 4 -2.91 4.33 10.35
C GLN A 4 -3.62 4.96 9.14
N GLU A 5 -2.94 5.88 8.45
CA GLU A 5 -3.51 6.60 7.29
C GLU A 5 -3.77 5.65 6.12
N LEU A 6 -2.82 4.71 5.94
CA LEU A 6 -2.93 3.63 4.95
C LEU A 6 -4.12 2.71 5.28
N ARG A 7 -4.26 2.36 6.57
CA ARG A 7 -5.32 1.45 7.07
C ARG A 7 -6.70 2.10 6.93
N GLN A 8 -6.78 3.40 7.26
CA GLN A 8 -8.03 4.18 7.17
C GLN A 8 -8.48 4.35 5.72
N LEU A 9 -7.53 4.22 4.78
CA LEU A 9 -7.79 4.27 3.34
C LEU A 9 -8.41 2.93 2.86
N LEU A 10 -7.94 1.82 3.45
CA LEU A 10 -8.44 0.45 3.16
C LEU A 10 -9.86 0.29 3.75
N LEU A 11 -10.05 0.86 4.96
CA LEU A 11 -11.33 0.84 5.69
C LEU A 11 -12.35 1.80 5.04
N ASP A 12 -11.84 2.96 4.57
CA ASP A 12 -12.63 3.97 3.82
C ASP A 12 -13.34 3.33 2.63
N LYS A 13 -12.53 2.68 1.78
CA LYS A 13 -12.97 2.20 0.48
C LYS A 13 -13.62 0.81 0.59
N TRP A 14 -12.87 -0.17 1.10
CA TRP A 14 -13.26 -1.60 1.03
C TRP A 14 -13.85 -2.11 2.36
N GLY A 15 -13.58 -1.39 3.47
CA GLY A 15 -14.17 -1.70 4.78
C GLY A 15 -13.42 -2.74 5.59
N TYR A 16 -12.26 -3.20 5.06
CA TYR A 16 -11.46 -4.27 5.70
C TYR A 16 -10.00 -3.84 5.75
N SER A 17 -9.32 -4.26 6.83
CA SER A 17 -7.92 -3.95 7.08
C SER A 17 -7.02 -4.95 6.33
N TYR A 18 -6.83 -4.72 5.03
CA TYR A 18 -6.08 -5.62 4.14
C TYR A 18 -4.56 -5.47 4.33
N ASP A 19 -3.85 -6.59 4.14
CA ASP A 19 -2.39 -6.62 4.06
C ASP A 19 -1.97 -6.01 2.72
N VAL A 20 -0.87 -5.24 2.73
CA VAL A 20 -0.28 -4.65 1.53
C VAL A 20 1.22 -5.00 1.50
N GLN A 21 1.68 -5.56 0.37
CA GLN A 21 3.07 -6.01 0.22
C GLN A 21 3.65 -5.46 -1.09
N PHE A 22 4.94 -5.09 -1.04
CA PHE A 22 5.66 -4.53 -2.18
C PHE A 22 6.05 -5.60 -3.19
N ARG A 23 6.19 -5.19 -4.46
CA ARG A 23 6.58 -6.07 -5.55
C ARG A 23 7.48 -5.28 -6.51
N ARG A 24 8.69 -5.77 -6.69
CA ARG A 24 9.75 -5.06 -7.43
C ARG A 24 10.10 -5.85 -8.68
N THR A 25 9.69 -5.33 -9.85
CA THR A 25 9.91 -5.96 -11.16
C THR A 25 10.18 -4.89 -12.22
N GLN A 26 11.17 -5.17 -13.10
CA GLN A 26 11.58 -4.28 -14.21
C GLN A 26 12.05 -2.88 -13.70
N GLY A 27 12.61 -2.86 -12.46
CA GLY A 27 13.10 -1.63 -11.82
C GLY A 27 11.98 -0.74 -11.27
N LYS A 28 10.74 -1.24 -11.34
CA LYS A 28 9.54 -0.54 -10.83
C LYS A 28 9.08 -1.17 -9.51
N ILE A 29 8.28 -0.42 -8.73
CA ILE A 29 7.74 -0.89 -7.44
C ILE A 29 6.19 -0.82 -7.46
N PHE A 30 5.55 -1.88 -6.96
CA PHE A 30 4.08 -2.05 -6.99
C PHE A 30 3.61 -2.46 -5.60
N LEU A 31 2.68 -1.71 -5.01
CA LEU A 31 2.10 -2.10 -3.71
C LEU A 31 0.83 -2.93 -3.98
N GLN A 32 0.95 -4.26 -3.91
CA GLN A 32 -0.17 -5.17 -4.15
C GLN A 32 -0.95 -5.40 -2.86
N VAL A 33 -2.19 -4.89 -2.83
CA VAL A 33 -3.14 -5.12 -1.75
C VAL A 33 -3.62 -6.59 -1.79
N MET A 34 -3.23 -7.34 -0.76
CA MET A 34 -3.69 -8.72 -0.56
C MET A 34 -5.17 -8.75 -0.12
N TRP A 35 -5.78 -9.90 -0.39
CA TRP A 35 -7.15 -10.26 0.02
C TRP A 35 -7.20 -10.65 1.51
N LYS A 36 -6.02 -10.88 2.08
CA LYS A 36 -5.86 -11.24 3.49
C LYS A 36 -6.09 -9.99 4.35
N TYR A 37 -7.22 -9.92 5.06
CA TYR A 37 -7.48 -8.85 6.04
C TYR A 37 -7.41 -9.40 7.47
N LEU A 38 -7.09 -8.50 8.42
CA LEU A 38 -6.78 -8.85 9.83
C LEU A 38 -7.97 -9.55 10.54
N GLU A 39 -9.19 -9.30 10.06
CA GLU A 39 -10.44 -9.87 10.62
C GLU A 39 -10.61 -11.38 10.31
N GLN A 40 -9.68 -11.94 9.51
CA GLN A 40 -9.59 -13.40 9.27
C GLN A 40 -8.58 -14.03 10.25
N ALA A 41 -8.93 -15.21 10.79
CA ALA A 41 -8.06 -15.99 11.69
C ALA A 41 -6.86 -16.61 10.92
N SER A 42 -7.08 -16.80 9.60
CA SER A 42 -6.07 -17.31 8.67
C SER A 42 -4.91 -16.29 8.41
N PHE A 43 -5.13 -15.03 8.80
CA PHE A 43 -4.16 -13.93 8.62
C PHE A 43 -2.85 -14.23 9.40
N PRO A 44 -1.65 -14.19 8.72
CA PRO A 44 -0.39 -14.75 9.26
C PRO A 44 0.36 -13.82 10.25
N MET A 45 -0.22 -12.63 10.53
CA MET A 45 0.38 -11.65 11.47
C MET A 45 -0.59 -11.33 12.61
N ASN A 46 -0.03 -10.90 13.75
CA ASN A 46 -0.80 -10.38 14.90
C ASN A 46 -1.27 -8.93 14.61
N GLU A 47 -2.16 -8.39 15.48
CA GLU A 47 -2.86 -7.11 15.25
C GLU A 47 -1.90 -5.90 15.18
N THR A 48 -1.18 -5.66 16.29
CA THR A 48 -0.26 -4.53 16.43
C THR A 48 0.93 -4.66 15.46
N GLU A 49 1.39 -5.91 15.25
CA GLU A 49 2.51 -6.22 14.34
C GLU A 49 2.10 -5.98 12.87
N TYR A 50 0.80 -6.18 12.56
CA TYR A 50 0.21 -5.81 11.27
C TYR A 50 0.21 -4.28 11.09
N GLN A 51 -0.06 -3.56 12.19
CA GLN A 51 -0.08 -2.08 12.20
C GLN A 51 1.34 -1.52 11.96
N GLU A 52 2.36 -2.18 12.55
CA GLU A 52 3.78 -1.82 12.34
C GLU A 52 4.23 -2.18 10.92
N HIS A 53 3.62 -3.24 10.34
CA HIS A 53 3.83 -3.66 8.94
C HIS A 53 3.34 -2.56 7.98
N LEU A 54 2.11 -2.06 8.22
CA LEU A 54 1.50 -0.99 7.42
C LEU A 54 2.33 0.30 7.51
N ASP A 55 2.84 0.54 8.72
CA ASP A 55 3.61 1.75 9.05
C ASP A 55 5.01 1.69 8.42
N SER A 56 5.53 0.44 8.25
CA SER A 56 6.77 0.16 7.52
C SER A 56 6.56 0.41 6.01
N VAL A 57 5.40 -0.06 5.51
CA VAL A 57 4.98 0.13 4.12
C VAL A 57 4.85 1.62 3.82
N ALA A 58 4.16 2.33 4.73
CA ALA A 58 3.85 3.76 4.57
C ALA A 58 5.10 4.65 4.74
N ASN A 59 6.11 4.12 5.46
CA ASN A 59 7.45 4.74 5.57
C ASN A 59 8.14 4.74 4.19
N TYR A 60 8.05 3.59 3.51
CA TYR A 60 8.54 3.43 2.13
C TYR A 60 7.73 4.32 1.16
N LEU A 61 6.41 4.38 1.37
CA LEU A 61 5.50 5.18 0.53
C LEU A 61 5.87 6.68 0.61
N HIS A 62 6.21 7.13 1.84
CA HIS A 62 6.69 8.51 2.08
C HIS A 62 8.03 8.76 1.37
N ALA A 63 8.98 7.84 1.56
CA ALA A 63 10.35 7.97 1.03
C ALA A 63 10.40 8.00 -0.51
N LEU A 64 9.60 7.11 -1.12
CA LEU A 64 9.55 6.95 -2.58
C LEU A 64 8.64 8.01 -3.24
N GLY A 65 7.77 8.65 -2.43
CA GLY A 65 6.69 9.49 -2.96
C GLY A 65 5.51 8.67 -3.47
N GLY A 66 5.54 7.34 -3.15
CA GLY A 66 4.51 6.40 -3.58
C GLY A 66 3.26 6.46 -2.71
N ALA A 67 3.29 7.31 -1.65
CA ALA A 67 2.14 7.52 -0.76
C ALA A 67 0.95 8.10 -1.51
N VAL A 68 1.23 9.16 -2.28
CA VAL A 68 0.23 9.85 -3.10
C VAL A 68 -0.32 8.91 -4.19
N GLN A 69 0.52 7.97 -4.65
CA GLN A 69 0.14 6.98 -5.68
C GLN A 69 -0.93 6.02 -5.14
N VAL A 70 -0.71 5.52 -3.90
CA VAL A 70 -1.65 4.61 -3.21
C VAL A 70 -2.96 5.32 -2.88
N LYS A 71 -2.83 6.55 -2.35
CA LYS A 71 -3.99 7.37 -1.94
C LYS A 71 -4.89 7.69 -3.14
N THR A 72 -4.29 8.26 -4.20
CA THR A 72 -4.98 8.62 -5.45
C THR A 72 -5.64 7.38 -6.11
N PHE A 73 -4.90 6.26 -6.13
CA PHE A 73 -5.37 5.02 -6.76
C PHE A 73 -6.62 4.48 -6.03
N ILE A 74 -6.48 4.18 -4.72
CA ILE A 74 -7.54 3.56 -3.90
C ILE A 74 -8.78 4.47 -3.81
N THR A 75 -8.58 5.80 -3.73
CA THR A 75 -9.67 6.80 -3.68
C THR A 75 -10.48 6.83 -5.00
N GLN A 76 -9.78 6.67 -6.13
CA GLN A 76 -10.39 6.78 -7.48
C GLN A 76 -10.78 5.40 -8.05
N THR A 77 -10.34 4.29 -7.42
CA THR A 77 -10.73 2.94 -7.87
C THR A 77 -11.91 2.43 -7.02
N LYS A 78 -12.66 1.47 -7.58
CA LYS A 78 -13.75 0.76 -6.91
C LYS A 78 -13.50 -0.76 -7.05
N GLU A 79 -12.22 -1.13 -7.19
CA GLU A 79 -11.78 -2.53 -7.32
C GLU A 79 -11.30 -3.09 -5.99
N ARG A 80 -11.91 -4.21 -5.59
CA ARG A 80 -11.63 -4.88 -4.31
C ARG A 80 -10.68 -6.08 -4.51
N PRO A 81 -9.79 -6.37 -3.52
CA PRO A 81 -8.98 -7.62 -3.51
C PRO A 81 -9.87 -8.86 -3.21
N ARG A 82 -9.57 -9.96 -3.90
CA ARG A 82 -10.35 -11.23 -3.86
C ARG A 82 -9.35 -12.40 -3.77
N LEU A 83 -9.83 -13.59 -3.36
CA LEU A 83 -8.98 -14.79 -3.16
C LEU A 83 -8.17 -15.12 -4.44
N GLY A 84 -6.86 -14.79 -4.41
CA GLY A 84 -5.96 -14.97 -5.56
C GLY A 84 -5.72 -13.68 -6.32
N LYS A 85 -6.76 -12.83 -6.38
CA LYS A 85 -6.75 -11.54 -7.09
C LYS A 85 -6.23 -10.41 -6.16
N ALA A 86 -5.07 -9.85 -6.50
CA ALA A 86 -4.49 -8.71 -5.76
C ALA A 86 -4.79 -7.40 -6.52
N VAL A 87 -4.94 -6.31 -5.75
CA VAL A 87 -5.05 -4.95 -6.30
C VAL A 87 -3.64 -4.35 -6.40
N SER A 88 -3.01 -4.55 -7.57
CA SER A 88 -1.64 -4.10 -7.83
C SER A 88 -1.64 -2.59 -8.11
N ILE A 89 -1.18 -1.80 -7.14
CA ILE A 89 -1.09 -0.34 -7.25
C ILE A 89 0.26 0.05 -7.89
N PRO A 90 0.27 0.63 -9.13
CA PRO A 90 1.50 1.13 -9.76
C PRO A 90 1.99 2.41 -9.05
N LEU A 91 3.15 2.29 -8.39
CA LEU A 91 3.75 3.41 -7.65
C LEU A 91 4.65 4.20 -8.61
N ASP A 92 4.08 5.27 -9.19
CA ASP A 92 4.81 6.13 -10.15
C ASP A 92 5.93 6.84 -9.42
N LEU A 93 7.15 6.40 -9.71
CA LEU A 93 8.37 7.06 -9.25
C LEU A 93 9.04 7.79 -10.43
N GLY A 94 8.30 7.91 -11.56
CA GLY A 94 8.77 8.66 -12.73
C GLY A 94 8.88 10.15 -12.43
N GLU A 95 7.73 10.74 -12.05
CA GLU A 95 7.66 12.14 -11.58
C GLU A 95 8.31 12.28 -10.18
N ARG A 96 8.00 11.31 -9.31
CA ARG A 96 8.39 11.33 -7.88
C ARG A 96 9.91 11.23 -7.64
N ALA A 97 10.67 10.78 -8.66
CA ALA A 97 12.15 10.73 -8.60
C ALA A 97 12.74 12.14 -8.49
N SER A 98 12.13 13.10 -9.18
CA SER A 98 12.63 14.46 -9.32
C SER A 98 12.55 15.28 -8.00
N GLU A 99 11.91 14.70 -6.97
CA GLU A 99 11.81 15.31 -5.64
C GLU A 99 13.12 15.13 -4.84
N TRP A 100 13.76 13.94 -4.94
CA TRP A 100 15.04 13.66 -4.23
C TRP A 100 16.26 13.98 -5.11
N ILE A 101 16.01 14.28 -6.40
CA ILE A 101 16.98 14.94 -7.27
C ILE A 101 16.72 16.46 -7.17
N ILE A 102 17.51 17.15 -6.35
CA ILE A 102 17.42 18.62 -6.19
C ILE A 102 18.52 19.30 -7.02
N LEU A 103 18.11 19.82 -8.19
CA LEU A 103 18.97 20.62 -9.08
C LEU A 103 18.34 22.01 -9.21
N GLU A 104 18.99 23.01 -8.59
CA GLU A 104 18.54 24.42 -8.58
C GLU A 104 19.74 25.35 -8.22
N MET A 1 3.70 8.94 5.18
CA MET A 1 2.40 8.36 5.59
C MET A 1 2.61 7.53 6.86
N THR A 2 1.63 7.56 7.78
CA THR A 2 1.61 6.67 8.97
C THR A 2 0.74 5.45 8.68
N GLY A 3 0.97 4.37 9.46
CA GLY A 3 0.17 3.15 9.37
C GLY A 3 -1.30 3.35 9.69
N GLN A 4 -1.60 4.48 10.36
CA GLN A 4 -2.97 4.94 10.61
C GLN A 4 -3.68 5.23 9.28
N GLU A 5 -3.15 6.20 8.51
CA GLU A 5 -3.75 6.63 7.22
C GLU A 5 -3.92 5.46 6.24
N LEU A 6 -2.95 4.52 6.29
CA LEU A 6 -2.89 3.38 5.37
C LEU A 6 -4.04 2.37 5.66
N ARG A 7 -4.25 2.00 6.96
CA ARG A 7 -5.38 1.11 7.34
C ARG A 7 -6.73 1.80 7.12
N GLN A 8 -6.79 3.12 7.46
CA GLN A 8 -8.03 3.90 7.40
C GLN A 8 -8.50 4.07 5.95
N LEU A 9 -7.55 4.05 5.01
CA LEU A 9 -7.83 4.09 3.56
C LEU A 9 -8.51 2.77 3.12
N LEU A 10 -8.05 1.65 3.69
CA LEU A 10 -8.57 0.29 3.38
C LEU A 10 -9.93 0.05 4.10
N LEU A 11 -10.07 0.64 5.30
CA LEU A 11 -11.27 0.51 6.16
C LEU A 11 -12.41 1.40 5.66
N ASP A 12 -12.05 2.52 5.02
CA ASP A 12 -13.04 3.45 4.43
C ASP A 12 -13.50 2.91 3.07
N LYS A 13 -12.53 2.43 2.27
CA LYS A 13 -12.78 2.01 0.88
C LYS A 13 -13.48 0.64 0.81
N TRP A 14 -12.84 -0.38 1.39
CA TRP A 14 -13.32 -1.78 1.29
C TRP A 14 -13.91 -2.27 2.63
N GLY A 15 -13.60 -1.56 3.73
CA GLY A 15 -14.17 -1.88 5.05
C GLY A 15 -13.34 -2.86 5.86
N TYR A 16 -12.14 -3.20 5.35
CA TYR A 16 -11.24 -4.21 5.97
C TYR A 16 -9.79 -3.79 5.85
N SER A 17 -8.98 -4.15 6.85
CA SER A 17 -7.56 -3.84 6.90
C SER A 17 -6.76 -4.93 6.15
N TYR A 18 -6.61 -4.77 4.83
CA TYR A 18 -5.92 -5.75 3.96
C TYR A 18 -4.40 -5.61 4.05
N ASP A 19 -3.68 -6.73 3.92
CA ASP A 19 -2.20 -6.74 3.88
C ASP A 19 -1.71 -6.00 2.63
N VAL A 20 -0.80 -5.06 2.83
CA VAL A 20 -0.17 -4.30 1.73
C VAL A 20 1.32 -4.65 1.68
N GLN A 21 1.80 -5.06 0.49
CA GLN A 21 3.19 -5.49 0.30
C GLN A 21 3.71 -5.02 -1.06
N PHE A 22 5.00 -4.65 -1.09
CA PHE A 22 5.66 -4.15 -2.29
C PHE A 22 5.97 -5.29 -3.28
N ARG A 23 6.17 -4.90 -4.55
CA ARG A 23 6.43 -5.84 -5.64
C ARG A 23 7.38 -5.18 -6.65
N ARG A 24 8.56 -5.79 -6.81
CA ARG A 24 9.60 -5.30 -7.73
C ARG A 24 9.68 -6.23 -8.94
N THR A 25 9.28 -5.71 -10.10
CA THR A 25 9.39 -6.41 -11.38
C THR A 25 9.68 -5.39 -12.50
N GLN A 26 10.61 -5.76 -13.41
CA GLN A 26 11.03 -4.95 -14.57
C GLN A 26 11.72 -3.62 -14.17
N GLY A 27 12.15 -3.50 -12.90
CA GLY A 27 12.77 -2.28 -12.37
C GLY A 27 11.76 -1.31 -11.78
N LYS A 28 10.48 -1.69 -11.80
CA LYS A 28 9.36 -0.90 -11.26
C LYS A 28 8.94 -1.42 -9.88
N ILE A 29 8.21 -0.58 -9.14
CA ILE A 29 7.71 -0.89 -7.79
C ILE A 29 6.17 -0.74 -7.76
N PHE A 30 5.50 -1.73 -7.15
CA PHE A 30 4.02 -1.82 -7.06
C PHE A 30 3.63 -2.13 -5.61
N LEU A 31 2.61 -1.44 -5.07
CA LEU A 31 2.04 -1.81 -3.76
C LEU A 31 0.79 -2.68 -3.97
N GLN A 32 0.95 -4.00 -3.81
CA GLN A 32 -0.14 -4.96 -4.03
C GLN A 32 -0.92 -5.22 -2.73
N VAL A 33 -2.16 -4.71 -2.72
CA VAL A 33 -3.13 -4.95 -1.65
C VAL A 33 -3.68 -6.39 -1.78
N MET A 34 -3.23 -7.26 -0.86
CA MET A 34 -3.70 -8.67 -0.77
C MET A 34 -5.21 -8.77 -0.44
N TRP A 35 -5.76 -9.97 -0.67
CA TRP A 35 -7.18 -10.29 -0.45
C TRP A 35 -7.47 -10.70 1.00
N LYS A 36 -6.40 -10.87 1.80
CA LYS A 36 -6.51 -11.24 3.22
C LYS A 36 -6.43 -9.99 4.08
N TYR A 37 -7.21 -10.00 5.17
CA TYR A 37 -7.36 -8.86 6.08
C TYR A 37 -7.27 -9.32 7.54
N LEU A 38 -6.96 -8.34 8.43
CA LEU A 38 -6.65 -8.58 9.86
C LEU A 38 -7.89 -9.09 10.65
N GLU A 39 -9.10 -8.80 10.14
CA GLU A 39 -10.37 -9.15 10.80
C GLU A 39 -10.62 -10.68 10.75
N GLN A 40 -9.81 -11.40 9.93
CA GLN A 40 -9.73 -12.88 9.95
C GLN A 40 -8.75 -13.32 11.04
N ALA A 41 -9.18 -14.29 11.87
CA ALA A 41 -8.32 -14.90 12.91
C ALA A 41 -7.29 -15.87 12.28
N SER A 42 -7.49 -16.19 10.98
CA SER A 42 -6.59 -17.04 10.20
C SER A 42 -5.39 -16.23 9.62
N PHE A 43 -5.48 -14.89 9.71
CA PHE A 43 -4.46 -13.97 9.17
C PHE A 43 -3.09 -14.23 9.85
N PRO A 44 -1.99 -14.51 9.05
CA PRO A 44 -0.65 -14.91 9.59
C PRO A 44 -0.11 -13.95 10.68
N MET A 45 -0.35 -12.64 10.49
CA MET A 45 0.12 -11.59 11.41
C MET A 45 -0.99 -11.22 12.41
N ASN A 46 -0.57 -10.92 13.64
CA ASN A 46 -1.46 -10.42 14.70
C ASN A 46 -1.64 -8.89 14.55
N GLU A 47 -2.43 -8.28 15.46
CA GLU A 47 -2.85 -6.88 15.34
C GLU A 47 -1.67 -5.88 15.28
N THR A 48 -0.68 -6.08 16.18
CA THR A 48 0.49 -5.17 16.29
C THR A 48 1.54 -5.51 15.20
N GLU A 49 1.66 -6.82 14.84
CA GLU A 49 2.57 -7.28 13.76
C GLU A 49 2.21 -6.60 12.43
N TYR A 50 0.89 -6.65 12.13
CA TYR A 50 0.32 -6.08 10.91
C TYR A 50 0.28 -4.52 10.98
N GLN A 51 0.08 -3.94 12.19
CA GLN A 51 -0.02 -2.47 12.37
C GLN A 51 1.34 -1.82 12.06
N GLU A 52 2.40 -2.40 12.63
CA GLU A 52 3.78 -1.94 12.43
C GLU A 52 4.28 -2.27 11.00
N HIS A 53 3.69 -3.33 10.40
CA HIS A 53 3.87 -3.66 8.97
C HIS A 53 3.32 -2.52 8.08
N LEU A 54 2.12 -2.02 8.43
CA LEU A 54 1.49 -0.87 7.73
C LEU A 54 2.37 0.37 7.81
N ASP A 55 2.83 0.67 9.02
CA ASP A 55 3.61 1.89 9.32
C ASP A 55 4.98 1.83 8.62
N SER A 56 5.52 0.61 8.48
CA SER A 56 6.79 0.35 7.78
C SER A 56 6.63 0.58 6.26
N VAL A 57 5.55 0.00 5.70
CA VAL A 57 5.19 0.17 4.27
C VAL A 57 4.91 1.66 3.96
N ALA A 58 4.18 2.30 4.87
CA ALA A 58 3.75 3.71 4.74
C ALA A 58 4.92 4.69 4.84
N ASN A 59 5.98 4.26 5.57
CA ASN A 59 7.27 4.97 5.65
C ASN A 59 7.95 4.96 4.27
N TYR A 60 7.98 3.76 3.64
CA TYR A 60 8.54 3.58 2.28
C TYR A 60 7.71 4.31 1.22
N LEU A 61 6.40 4.38 1.43
CA LEU A 61 5.49 5.08 0.50
C LEU A 61 5.87 6.58 0.41
N HIS A 62 6.19 7.21 1.56
CA HIS A 62 6.63 8.62 1.60
C HIS A 62 8.09 8.76 1.12
N ALA A 63 8.94 7.80 1.54
CA ALA A 63 10.40 7.80 1.24
C ALA A 63 10.64 7.77 -0.29
N LEU A 64 9.89 6.87 -0.94
CA LEU A 64 9.96 6.66 -2.40
C LEU A 64 9.06 7.67 -3.14
N GLY A 65 8.03 8.21 -2.45
CA GLY A 65 7.11 9.21 -3.04
C GLY A 65 5.86 8.59 -3.67
N GLY A 66 5.66 7.28 -3.43
CA GLY A 66 4.51 6.54 -3.96
C GLY A 66 3.27 6.61 -3.07
N ALA A 67 3.36 7.40 -1.98
CA ALA A 67 2.26 7.55 -0.99
C ALA A 67 1.00 8.15 -1.61
N VAL A 68 1.22 9.25 -2.38
CA VAL A 68 0.14 9.95 -3.11
C VAL A 68 -0.48 9.01 -4.17
N GLN A 69 0.36 8.15 -4.78
CA GLN A 69 -0.06 7.21 -5.84
C GLN A 69 -0.98 6.11 -5.29
N VAL A 70 -0.75 5.71 -4.02
CA VAL A 70 -1.61 4.77 -3.28
C VAL A 70 -2.96 5.42 -2.95
N LYS A 71 -2.88 6.68 -2.46
CA LYS A 71 -4.06 7.47 -2.07
C LYS A 71 -4.89 7.90 -3.29
N THR A 72 -4.26 7.93 -4.48
CA THR A 72 -4.95 8.19 -5.75
C THR A 72 -5.67 6.91 -6.20
N PHE A 73 -4.90 5.82 -6.29
CA PHE A 73 -5.35 4.56 -6.90
C PHE A 73 -6.52 3.95 -6.11
N ILE A 74 -6.28 3.64 -4.81
CA ILE A 74 -7.27 2.97 -3.92
C ILE A 74 -8.59 3.76 -3.85
N THR A 75 -8.48 5.08 -3.66
CA THR A 75 -9.65 5.98 -3.48
C THR A 75 -10.51 6.05 -4.77
N GLN A 76 -9.89 5.84 -5.94
CA GLN A 76 -10.60 5.91 -7.24
C GLN A 76 -11.08 4.53 -7.75
N THR A 77 -10.32 3.45 -7.45
CA THR A 77 -10.54 2.12 -8.07
C THR A 77 -11.76 1.42 -7.45
N LYS A 78 -12.71 0.98 -8.30
CA LYS A 78 -13.88 0.19 -7.88
C LYS A 78 -13.56 -1.32 -7.86
N GLU A 79 -12.27 -1.64 -8.09
CA GLU A 79 -11.76 -3.01 -7.98
C GLU A 79 -11.57 -3.38 -6.51
N ARG A 80 -11.91 -4.64 -6.19
CA ARG A 80 -11.82 -5.19 -4.83
C ARG A 80 -10.76 -6.32 -4.81
N PRO A 81 -9.96 -6.44 -3.71
CA PRO A 81 -9.02 -7.57 -3.56
C PRO A 81 -9.78 -8.89 -3.33
N ARG A 82 -9.57 -9.83 -4.25
CA ARG A 82 -10.27 -11.12 -4.32
C ARG A 82 -9.21 -12.24 -4.34
N LEU A 83 -9.61 -13.51 -4.03
CA LEU A 83 -8.74 -14.68 -4.15
C LEU A 83 -8.02 -14.72 -5.52
N GLY A 84 -6.70 -14.52 -5.50
CA GLY A 84 -5.88 -14.49 -6.71
C GLY A 84 -5.68 -13.05 -7.23
N LYS A 85 -6.71 -12.21 -7.06
CA LYS A 85 -6.70 -10.81 -7.53
C LYS A 85 -6.17 -9.87 -6.42
N ALA A 86 -4.91 -9.43 -6.56
CA ALA A 86 -4.34 -8.37 -5.71
C ALA A 86 -4.52 -7.01 -6.39
N VAL A 87 -4.92 -6.00 -5.61
CA VAL A 87 -5.04 -4.62 -6.11
C VAL A 87 -3.62 -4.02 -6.21
N SER A 88 -2.99 -4.24 -7.39
CA SER A 88 -1.60 -3.86 -7.66
C SER A 88 -1.54 -2.39 -8.06
N ILE A 89 -1.02 -1.55 -7.15
CA ILE A 89 -0.91 -0.11 -7.34
C ILE A 89 0.44 0.23 -8.01
N PRO A 90 0.46 0.67 -9.31
CA PRO A 90 1.71 1.13 -9.95
C PRO A 90 2.19 2.44 -9.30
N LEU A 91 3.34 2.38 -8.60
CA LEU A 91 3.90 3.54 -7.91
C LEU A 91 4.74 4.34 -8.91
N ASP A 92 4.10 5.36 -9.48
CA ASP A 92 4.70 6.23 -10.50
C ASP A 92 5.75 7.17 -9.87
N LEU A 93 7.00 6.70 -9.84
CA LEU A 93 8.13 7.48 -9.28
C LEU A 93 8.99 8.07 -10.41
N GLY A 94 8.35 8.34 -11.57
CA GLY A 94 9.07 8.83 -12.76
C GLY A 94 9.68 10.22 -12.55
N GLU A 95 8.83 11.24 -12.66
CA GLU A 95 9.23 12.65 -12.45
C GLU A 95 9.24 12.99 -10.94
N ARG A 96 8.49 12.22 -10.14
CA ARG A 96 8.44 12.36 -8.66
C ARG A 96 9.74 11.83 -7.99
N ALA A 97 10.62 11.21 -8.77
CA ALA A 97 11.99 10.89 -8.33
C ALA A 97 12.79 12.18 -8.01
N SER A 98 12.44 13.28 -8.70
CA SER A 98 13.21 14.54 -8.61
C SER A 98 12.96 15.33 -7.31
N GLU A 99 11.94 14.92 -6.53
CA GLU A 99 11.57 15.59 -5.25
C GLU A 99 12.73 15.53 -4.23
N TRP A 100 13.38 14.35 -4.14
CA TRP A 100 14.52 14.14 -3.22
C TRP A 100 15.87 14.53 -3.86
N ILE A 101 15.88 14.75 -5.20
CA ILE A 101 17.04 15.37 -5.89
C ILE A 101 17.06 16.87 -5.50
N ILE A 102 17.97 17.21 -4.59
CA ILE A 102 18.28 18.59 -4.20
C ILE A 102 19.54 19.03 -5.00
N LEU A 103 20.62 18.23 -4.81
CA LEU A 103 21.93 18.38 -5.51
C LEU A 103 22.52 19.81 -5.41
N GLU A 104 22.32 20.43 -4.24
CA GLU A 104 22.93 21.72 -3.89
C GLU A 104 24.29 21.48 -3.20
N MET A 1 1.34 10.23 4.97
CA MET A 1 0.39 9.13 5.26
C MET A 1 1.09 8.05 6.10
N THR A 2 0.69 7.92 7.38
CA THR A 2 1.14 6.85 8.28
C THR A 2 0.33 5.57 8.03
N GLY A 3 0.69 4.48 8.75
CA GLY A 3 -0.04 3.21 8.68
C GLY A 3 -1.43 3.30 9.27
N GLN A 4 -1.62 4.29 10.17
CA GLN A 4 -2.93 4.67 10.72
C GLN A 4 -3.86 5.13 9.58
N GLU A 5 -3.34 6.06 8.75
CA GLU A 5 -4.08 6.64 7.61
C GLU A 5 -4.30 5.57 6.52
N LEU A 6 -3.26 4.74 6.30
CA LEU A 6 -3.27 3.67 5.29
C LEU A 6 -4.37 2.65 5.60
N ARG A 7 -4.48 2.26 6.90
CA ARG A 7 -5.52 1.31 7.36
C ARG A 7 -6.92 1.91 7.17
N GLN A 8 -7.07 3.18 7.56
CA GLN A 8 -8.34 3.93 7.44
C GLN A 8 -8.75 4.13 5.97
N LEU A 9 -7.78 4.09 5.04
CA LEU A 9 -8.02 4.19 3.60
C LEU A 9 -8.63 2.87 3.06
N LEU A 10 -8.13 1.72 3.57
CA LEU A 10 -8.60 0.38 3.19
C LEU A 10 -10.01 0.11 3.78
N LEU A 11 -10.24 0.64 4.99
CA LEU A 11 -11.51 0.49 5.73
C LEU A 11 -12.58 1.44 5.16
N ASP A 12 -12.16 2.63 4.74
CA ASP A 12 -13.06 3.64 4.16
C ASP A 12 -13.66 3.15 2.84
N LYS A 13 -12.77 2.65 1.96
CA LYS A 13 -13.14 2.26 0.58
C LYS A 13 -13.68 0.82 0.52
N TRP A 14 -12.95 -0.13 1.11
CA TRP A 14 -13.23 -1.58 0.94
C TRP A 14 -13.88 -2.21 2.19
N GLY A 15 -13.68 -1.59 3.37
CA GLY A 15 -14.32 -2.06 4.61
C GLY A 15 -13.48 -3.07 5.40
N TYR A 16 -12.32 -3.45 4.85
CA TYR A 16 -11.43 -4.46 5.46
C TYR A 16 -9.99 -3.93 5.44
N SER A 17 -9.24 -4.24 6.51
CA SER A 17 -7.85 -3.82 6.67
C SER A 17 -6.94 -4.85 6.00
N TYR A 18 -6.79 -4.74 4.67
CA TYR A 18 -6.02 -5.69 3.85
C TYR A 18 -4.50 -5.46 4.01
N ASP A 19 -3.74 -6.56 3.96
CA ASP A 19 -2.27 -6.50 3.96
C ASP A 19 -1.79 -5.87 2.67
N VAL A 20 -0.72 -5.09 2.76
CA VAL A 20 -0.11 -4.39 1.62
C VAL A 20 1.40 -4.68 1.61
N GLN A 21 1.97 -4.93 0.42
CA GLN A 21 3.40 -5.30 0.25
C GLN A 21 3.93 -4.80 -1.09
N PHE A 22 5.22 -4.43 -1.12
CA PHE A 22 5.90 -3.91 -2.31
C PHE A 22 6.35 -5.06 -3.22
N ARG A 23 6.43 -4.78 -4.53
CA ARG A 23 6.92 -5.72 -5.55
C ARG A 23 7.67 -4.94 -6.62
N ARG A 24 8.89 -5.39 -6.94
CA ARG A 24 9.75 -4.79 -7.96
C ARG A 24 9.64 -5.63 -9.25
N THR A 25 8.77 -5.20 -10.17
CA THR A 25 8.55 -5.88 -11.45
C THR A 25 8.56 -4.85 -12.57
N GLN A 26 9.19 -5.22 -13.71
CA GLN A 26 9.36 -4.36 -14.91
C GLN A 26 10.32 -3.18 -14.64
N GLY A 27 11.13 -3.31 -13.56
CA GLY A 27 12.03 -2.23 -13.13
C GLY A 27 11.31 -1.11 -12.40
N LYS A 28 10.01 -1.32 -12.12
CA LYS A 28 9.13 -0.36 -11.44
C LYS A 28 8.84 -0.87 -10.00
N ILE A 29 7.99 -0.14 -9.27
CA ILE A 29 7.58 -0.51 -7.91
C ILE A 29 6.04 -0.45 -7.79
N PHE A 30 5.46 -1.54 -7.28
CA PHE A 30 3.99 -1.71 -7.17
C PHE A 30 3.65 -2.14 -5.74
N LEU A 31 2.67 -1.46 -5.13
CA LEU A 31 2.13 -1.84 -3.82
C LEU A 31 0.91 -2.76 -4.03
N GLN A 32 1.12 -4.07 -3.89
CA GLN A 32 0.06 -5.07 -4.08
C GLN A 32 -0.73 -5.24 -2.77
N VAL A 33 -2.00 -4.82 -2.82
CA VAL A 33 -2.95 -5.00 -1.73
C VAL A 33 -3.48 -6.45 -1.77
N MET A 34 -2.99 -7.25 -0.83
CA MET A 34 -3.39 -8.66 -0.65
C MET A 34 -4.86 -8.78 -0.22
N TRP A 35 -5.48 -9.91 -0.59
CA TRP A 35 -6.86 -10.27 -0.20
C TRP A 35 -6.96 -10.69 1.29
N LYS A 36 -5.80 -11.03 1.86
CA LYS A 36 -5.67 -11.39 3.28
C LYS A 36 -5.75 -10.12 4.13
N TYR A 37 -6.79 -10.01 4.96
CA TYR A 37 -7.04 -8.85 5.85
C TYR A 37 -6.82 -9.25 7.31
N LEU A 38 -6.70 -8.27 8.25
CA LEU A 38 -6.40 -8.59 9.68
C LEU A 38 -7.59 -9.30 10.35
N GLU A 39 -8.80 -9.10 9.82
CA GLU A 39 -10.05 -9.71 10.34
C GLU A 39 -10.08 -11.25 10.05
N GLN A 40 -9.06 -11.74 9.30
CA GLN A 40 -8.87 -13.16 8.97
C GLN A 40 -8.71 -14.00 10.26
N ALA A 41 -9.45 -15.11 10.33
CA ALA A 41 -9.37 -16.06 11.47
C ALA A 41 -7.97 -16.72 11.57
N SER A 42 -7.24 -16.73 10.44
CA SER A 42 -5.85 -17.19 10.37
C SER A 42 -5.01 -16.20 9.55
N PHE A 43 -4.82 -14.97 10.09
CA PHE A 43 -3.87 -14.00 9.53
C PHE A 43 -2.46 -14.37 10.05
N PRO A 44 -1.45 -14.65 9.12
CA PRO A 44 -0.08 -15.13 9.49
C PRO A 44 0.71 -14.23 10.50
N MET A 45 0.20 -13.01 10.74
CA MET A 45 0.81 -12.03 11.67
C MET A 45 -0.21 -11.61 12.73
N ASN A 46 0.30 -11.13 13.89
CA ASN A 46 -0.54 -10.60 14.98
C ASN A 46 -1.04 -9.18 14.64
N GLU A 47 -1.95 -8.66 15.48
CA GLU A 47 -2.53 -7.32 15.32
C GLU A 47 -1.46 -6.21 15.45
N THR A 48 -0.55 -6.40 16.42
CA THR A 48 0.56 -5.47 16.69
C THR A 48 1.57 -5.46 15.52
N GLU A 49 1.93 -6.68 15.07
CA GLU A 49 2.89 -6.92 13.97
C GLU A 49 2.39 -6.23 12.69
N TYR A 50 1.08 -6.41 12.44
CA TYR A 50 0.40 -5.93 11.25
C TYR A 50 0.27 -4.39 11.24
N GLN A 51 0.00 -3.78 12.40
CA GLN A 51 -0.21 -2.34 12.50
C GLN A 51 1.10 -1.59 12.16
N GLU A 52 2.20 -2.09 12.75
CA GLU A 52 3.57 -1.57 12.51
C GLU A 52 4.06 -1.92 11.09
N HIS A 53 3.48 -2.98 10.50
CA HIS A 53 3.74 -3.38 9.10
C HIS A 53 3.18 -2.32 8.14
N LEU A 54 1.91 -1.89 8.41
CA LEU A 54 1.25 -0.83 7.63
C LEU A 54 2.04 0.47 7.73
N ASP A 55 2.57 0.73 8.94
CA ASP A 55 3.36 1.93 9.25
C ASP A 55 4.69 1.92 8.49
N SER A 56 5.32 0.73 8.41
CA SER A 56 6.59 0.54 7.69
C SER A 56 6.40 0.77 6.18
N VAL A 57 5.34 0.14 5.62
CA VAL A 57 4.95 0.28 4.22
C VAL A 57 4.69 1.77 3.89
N ALA A 58 3.86 2.42 4.73
CA ALA A 58 3.43 3.81 4.56
C ALA A 58 4.59 4.81 4.81
N ASN A 59 5.64 4.34 5.52
CA ASN A 59 6.87 5.12 5.75
C ASN A 59 7.72 5.15 4.46
N TYR A 60 7.69 4.04 3.70
CA TYR A 60 8.32 3.97 2.36
C TYR A 60 7.51 4.78 1.37
N LEU A 61 6.17 4.71 1.46
CA LEU A 61 5.26 5.53 0.64
C LEU A 61 5.52 7.04 0.90
N HIS A 62 5.90 7.36 2.14
CA HIS A 62 6.35 8.71 2.55
C HIS A 62 7.76 9.02 1.97
N ALA A 63 8.68 8.06 2.10
CA ALA A 63 10.12 8.23 1.78
C ALA A 63 10.39 8.27 0.26
N LEU A 64 9.45 7.71 -0.52
CA LEU A 64 9.58 7.62 -1.99
C LEU A 64 8.69 8.68 -2.68
N GLY A 65 7.64 9.11 -1.96
CA GLY A 65 6.61 10.01 -2.50
C GLY A 65 5.45 9.24 -3.13
N GLY A 66 5.33 7.95 -2.77
CA GLY A 66 4.31 7.05 -3.29
C GLY A 66 3.03 7.02 -2.48
N ALA A 67 2.95 7.85 -1.41
CA ALA A 67 1.79 7.87 -0.49
C ALA A 67 0.55 8.44 -1.19
N VAL A 68 0.73 9.59 -1.87
CA VAL A 68 -0.33 10.23 -2.67
C VAL A 68 -0.79 9.29 -3.81
N GLN A 69 0.15 8.51 -4.37
CA GLN A 69 -0.12 7.56 -5.47
C GLN A 69 -1.11 6.46 -5.01
N VAL A 70 -0.93 6.00 -3.76
CA VAL A 70 -1.81 5.00 -3.11
C VAL A 70 -3.20 5.59 -2.82
N LYS A 71 -3.21 6.79 -2.22
CA LYS A 71 -4.44 7.53 -1.85
C LYS A 71 -5.34 7.76 -3.08
N THR A 72 -4.71 8.24 -4.17
CA THR A 72 -5.37 8.53 -5.44
C THR A 72 -5.92 7.25 -6.08
N PHE A 73 -5.07 6.20 -6.15
CA PHE A 73 -5.40 4.94 -6.86
C PHE A 73 -6.57 4.20 -6.17
N ILE A 74 -6.51 4.08 -4.83
CA ILE A 74 -7.54 3.35 -4.04
C ILE A 74 -8.90 4.07 -4.10
N THR A 75 -8.88 5.42 -4.11
CA THR A 75 -10.10 6.25 -4.28
C THR A 75 -10.76 6.00 -5.66
N GLN A 76 -9.92 5.83 -6.70
CA GLN A 76 -10.39 5.62 -8.08
C GLN A 76 -10.92 4.18 -8.30
N THR A 77 -10.15 3.16 -7.86
CA THR A 77 -10.44 1.75 -8.16
C THR A 77 -11.68 1.28 -7.37
N LYS A 78 -12.74 0.92 -8.10
CA LYS A 78 -13.98 0.35 -7.53
C LYS A 78 -13.80 -1.16 -7.25
N GLU A 79 -12.64 -1.71 -7.68
CA GLU A 79 -12.28 -3.11 -7.50
C GLU A 79 -11.82 -3.36 -6.06
N ARG A 80 -12.01 -4.61 -5.59
CA ARG A 80 -11.62 -5.07 -4.25
C ARG A 80 -10.67 -6.26 -4.36
N PRO A 81 -9.71 -6.41 -3.38
CA PRO A 81 -8.85 -7.63 -3.30
C PRO A 81 -9.70 -8.91 -3.11
N ARG A 82 -9.60 -9.82 -4.08
CA ARG A 82 -10.37 -11.08 -4.13
C ARG A 82 -9.36 -12.25 -3.99
N LEU A 83 -9.83 -13.48 -3.71
CA LEU A 83 -8.94 -14.66 -3.57
C LEU A 83 -8.18 -14.91 -4.90
N GLY A 84 -6.84 -14.76 -4.83
CA GLY A 84 -5.96 -14.90 -6.02
C GLY A 84 -5.75 -13.59 -6.77
N LYS A 85 -6.51 -12.55 -6.38
CA LYS A 85 -6.55 -11.24 -7.05
C LYS A 85 -6.08 -10.13 -6.07
N ALA A 86 -4.86 -9.65 -6.28
CA ALA A 86 -4.31 -8.48 -5.55
C ALA A 86 -4.64 -7.19 -6.32
N VAL A 87 -4.76 -6.06 -5.59
CA VAL A 87 -4.92 -4.73 -6.20
C VAL A 87 -3.54 -4.05 -6.27
N SER A 88 -2.89 -4.18 -7.44
CA SER A 88 -1.53 -3.67 -7.67
C SER A 88 -1.57 -2.16 -7.93
N ILE A 89 -0.96 -1.39 -7.01
CA ILE A 89 -0.92 0.07 -7.06
C ILE A 89 0.41 0.53 -7.70
N PRO A 90 0.38 1.10 -8.95
CA PRO A 90 1.60 1.62 -9.60
C PRO A 90 2.06 2.93 -8.92
N LEU A 91 3.23 2.87 -8.28
CA LEU A 91 3.84 4.03 -7.60
C LEU A 91 4.79 4.71 -8.58
N ASP A 92 4.43 5.93 -9.03
CA ASP A 92 5.25 6.65 -10.01
C ASP A 92 6.46 7.25 -9.30
N LEU A 93 7.58 6.53 -9.38
CA LEU A 93 8.90 7.07 -9.11
C LEU A 93 9.61 7.30 -10.46
N GLY A 94 8.80 7.56 -11.52
CA GLY A 94 9.31 7.91 -12.83
C GLY A 94 9.74 9.37 -12.86
N GLU A 95 8.77 10.25 -12.56
CA GLU A 95 9.01 11.69 -12.37
C GLU A 95 9.62 11.91 -10.98
N ARG A 96 8.95 11.33 -9.97
CA ARG A 96 9.24 11.58 -8.53
C ARG A 96 10.62 11.04 -8.09
N ALA A 97 11.33 10.25 -8.94
CA ALA A 97 12.70 9.79 -8.65
C ALA A 97 13.65 10.97 -8.37
N SER A 98 13.57 11.99 -9.23
CA SER A 98 14.60 13.04 -9.33
C SER A 98 14.59 14.03 -8.14
N GLU A 99 13.57 13.96 -7.25
CA GLU A 99 13.53 14.81 -6.04
C GLU A 99 14.22 14.12 -4.83
N TRP A 100 14.21 12.77 -4.77
CA TRP A 100 14.95 12.03 -3.70
C TRP A 100 16.28 11.46 -4.25
N ILE A 101 16.49 11.60 -5.58
CA ILE A 101 17.80 11.44 -6.25
C ILE A 101 18.30 12.86 -6.58
N ILE A 102 19.19 13.39 -5.74
CA ILE A 102 19.83 14.71 -5.95
C ILE A 102 21.31 14.49 -6.30
N LEU A 103 21.71 14.94 -7.50
CA LEU A 103 23.08 14.74 -8.01
C LEU A 103 23.72 16.11 -8.28
N GLU A 104 24.45 16.62 -7.28
CA GLU A 104 25.17 17.90 -7.33
C GLU A 104 26.62 17.71 -6.80
N MET A 1 1.47 9.88 4.98
CA MET A 1 0.79 8.61 5.25
C MET A 1 1.53 7.86 6.37
N THR A 2 0.86 7.69 7.51
CA THR A 2 1.32 6.82 8.60
C THR A 2 0.67 5.42 8.42
N GLY A 3 1.03 4.47 9.32
CA GLY A 3 0.33 3.17 9.38
C GLY A 3 -1.15 3.32 9.66
N GLN A 4 -1.49 4.39 10.40
CA GLN A 4 -2.87 4.83 10.66
C GLN A 4 -3.56 5.22 9.35
N GLU A 5 -2.98 6.20 8.62
CA GLU A 5 -3.59 6.77 7.40
C GLU A 5 -3.79 5.70 6.30
N LEU A 6 -2.82 4.77 6.22
CA LEU A 6 -2.82 3.68 5.24
C LEU A 6 -3.95 2.68 5.54
N ARG A 7 -4.08 2.30 6.82
CA ARG A 7 -5.15 1.39 7.30
C ARG A 7 -6.54 2.03 7.10
N GLN A 8 -6.62 3.32 7.43
CA GLN A 8 -7.85 4.12 7.34
C GLN A 8 -8.29 4.32 5.88
N LEU A 9 -7.31 4.28 4.95
CA LEU A 9 -7.56 4.34 3.51
C LEU A 9 -8.25 3.04 3.02
N LEU A 10 -7.83 1.91 3.62
CA LEU A 10 -8.37 0.57 3.31
C LEU A 10 -9.77 0.39 3.95
N LEU A 11 -9.95 0.98 5.16
CA LEU A 11 -11.21 0.93 5.92
C LEU A 11 -12.27 1.86 5.30
N ASP A 12 -11.82 2.99 4.76
CA ASP A 12 -12.68 3.97 4.08
C ASP A 12 -13.19 3.39 2.74
N LYS A 13 -12.33 2.59 2.09
CA LYS A 13 -12.62 2.08 0.75
C LYS A 13 -13.46 0.78 0.81
N TRP A 14 -12.87 -0.29 1.34
CA TRP A 14 -13.45 -1.65 1.31
C TRP A 14 -14.01 -2.04 2.67
N GLY A 15 -13.60 -1.33 3.73
CA GLY A 15 -14.10 -1.57 5.09
C GLY A 15 -13.36 -2.65 5.83
N TYR A 16 -12.19 -3.04 5.31
CA TYR A 16 -11.34 -4.06 5.93
C TYR A 16 -9.87 -3.62 5.86
N SER A 17 -9.10 -4.05 6.86
CA SER A 17 -7.68 -3.74 6.98
C SER A 17 -6.89 -4.81 6.22
N TYR A 18 -6.63 -4.56 4.93
CA TYR A 18 -5.92 -5.52 4.05
C TYR A 18 -4.41 -5.41 4.22
N ASP A 19 -3.74 -6.55 4.05
CA ASP A 19 -2.28 -6.63 4.10
C ASP A 19 -1.70 -6.05 2.80
N VAL A 20 -1.05 -4.89 2.90
CA VAL A 20 -0.40 -4.24 1.75
C VAL A 20 1.11 -4.49 1.84
N GLN A 21 1.69 -4.95 0.74
CA GLN A 21 3.10 -5.36 0.68
C GLN A 21 3.72 -4.97 -0.67
N PHE A 22 5.00 -4.57 -0.62
CA PHE A 22 5.77 -4.19 -1.81
C PHE A 22 6.17 -5.43 -2.64
N ARG A 23 6.23 -5.25 -3.95
CA ARG A 23 6.65 -6.27 -4.90
C ARG A 23 7.42 -5.61 -6.03
N ARG A 24 8.63 -6.11 -6.28
CA ARG A 24 9.54 -5.56 -7.29
C ARG A 24 9.62 -6.53 -8.47
N THR A 25 9.07 -6.13 -9.62
CA THR A 25 9.07 -6.94 -10.85
C THR A 25 9.40 -6.06 -12.06
N GLN A 26 10.27 -6.61 -12.96
CA GLN A 26 10.65 -6.01 -14.25
C GLN A 26 11.58 -4.78 -14.11
N GLY A 27 11.71 -4.23 -12.88
CA GLY A 27 12.48 -3.01 -12.62
C GLY A 27 11.65 -1.94 -11.90
N LYS A 28 10.33 -2.17 -11.85
CA LYS A 28 9.38 -1.25 -11.17
C LYS A 28 8.93 -1.79 -9.80
N ILE A 29 8.27 -0.91 -9.02
CA ILE A 29 7.76 -1.22 -7.66
C ILE A 29 6.22 -1.11 -7.64
N PHE A 30 5.57 -2.13 -7.08
CA PHE A 30 4.11 -2.25 -7.00
C PHE A 30 3.70 -2.58 -5.58
N LEU A 31 2.77 -1.79 -5.01
CA LEU A 31 2.20 -2.08 -3.68
C LEU A 31 0.93 -2.93 -3.85
N GLN A 32 1.05 -4.24 -3.64
CA GLN A 32 -0.07 -5.18 -3.83
C GLN A 32 -0.90 -5.29 -2.54
N VAL A 33 -2.14 -4.79 -2.62
CA VAL A 33 -3.16 -4.98 -1.60
C VAL A 33 -3.65 -6.44 -1.66
N MET A 34 -3.20 -7.27 -0.70
CA MET A 34 -3.67 -8.65 -0.54
C MET A 34 -5.15 -8.68 -0.17
N TRP A 35 -5.83 -9.75 -0.57
CA TRP A 35 -7.21 -10.08 -0.15
C TRP A 35 -7.25 -10.50 1.32
N LYS A 36 -6.08 -10.85 1.87
CA LYS A 36 -5.91 -11.23 3.26
C LYS A 36 -6.05 -9.98 4.16
N TYR A 37 -7.21 -9.83 4.80
CA TYR A 37 -7.45 -8.78 5.80
C TYR A 37 -7.25 -9.33 7.21
N LEU A 38 -7.12 -8.42 8.20
CA LEU A 38 -6.78 -8.76 9.59
C LEU A 38 -7.87 -9.65 10.26
N GLU A 39 -9.12 -9.59 9.75
CA GLU A 39 -10.25 -10.36 10.31
C GLU A 39 -10.14 -11.87 10.00
N GLN A 40 -9.20 -12.24 9.12
CA GLN A 40 -8.88 -13.66 8.84
C GLN A 40 -8.31 -14.33 10.11
N ALA A 41 -8.90 -15.47 10.52
CA ALA A 41 -8.40 -16.28 11.64
C ALA A 41 -7.03 -16.90 11.30
N SER A 42 -6.84 -17.19 9.99
CA SER A 42 -5.58 -17.78 9.47
C SER A 42 -4.68 -16.67 8.85
N PHE A 43 -4.81 -15.43 9.38
CA PHE A 43 -3.95 -14.30 8.99
C PHE A 43 -2.55 -14.50 9.62
N PRO A 44 -1.42 -14.39 8.81
CA PRO A 44 -0.04 -14.74 9.26
C PRO A 44 0.52 -13.81 10.35
N MET A 45 -0.13 -12.65 10.57
CA MET A 45 0.31 -11.64 11.55
C MET A 45 -0.81 -11.34 12.56
N ASN A 46 -0.43 -10.82 13.72
CA ASN A 46 -1.39 -10.31 14.74
C ASN A 46 -1.45 -8.78 14.63
N GLU A 47 -2.33 -8.18 15.43
CA GLU A 47 -2.69 -6.74 15.33
C GLU A 47 -1.47 -5.80 15.43
N THR A 48 -0.56 -6.09 16.37
CA THR A 48 0.63 -5.27 16.66
C THR A 48 1.59 -5.22 15.44
N GLU A 49 2.11 -6.41 15.06
CA GLU A 49 3.11 -6.52 13.98
C GLU A 49 2.51 -6.16 12.61
N TYR A 50 1.19 -6.36 12.46
CA TYR A 50 0.46 -5.98 11.25
C TYR A 50 0.37 -4.44 11.11
N GLN A 51 0.08 -3.76 12.22
CA GLN A 51 -0.09 -2.28 12.24
C GLN A 51 1.27 -1.62 11.91
N GLU A 52 2.34 -2.18 12.53
CA GLU A 52 3.72 -1.75 12.32
C GLU A 52 4.22 -2.13 10.90
N HIS A 53 3.63 -3.20 10.32
CA HIS A 53 3.86 -3.58 8.90
C HIS A 53 3.29 -2.51 7.96
N LEU A 54 2.08 -2.01 8.28
CA LEU A 54 1.42 -0.92 7.51
C LEU A 54 2.25 0.37 7.63
N ASP A 55 2.78 0.59 8.84
CA ASP A 55 3.63 1.76 9.16
C ASP A 55 4.98 1.67 8.43
N SER A 56 5.47 0.42 8.26
CA SER A 56 6.70 0.13 7.51
C SER A 56 6.51 0.42 6.01
N VAL A 57 5.34 0.05 5.49
CA VAL A 57 4.96 0.29 4.10
C VAL A 57 4.80 1.80 3.84
N ALA A 58 4.01 2.46 4.72
CA ALA A 58 3.70 3.88 4.63
C ALA A 58 4.96 4.77 4.78
N ASN A 59 5.98 4.22 5.48
CA ASN A 59 7.31 4.84 5.61
C ASN A 59 7.99 4.97 4.24
N TYR A 60 7.99 3.85 3.47
CA TYR A 60 8.57 3.81 2.11
C TYR A 60 7.73 4.61 1.11
N LEU A 61 6.41 4.62 1.30
CA LEU A 61 5.49 5.41 0.47
C LEU A 61 5.82 6.92 0.62
N HIS A 62 6.14 7.31 1.86
CA HIS A 62 6.60 8.66 2.19
C HIS A 62 8.01 8.92 1.60
N ALA A 63 8.87 7.88 1.68
CA ALA A 63 10.29 7.98 1.32
C ALA A 63 10.52 8.03 -0.22
N LEU A 64 9.57 7.48 -0.99
CA LEU A 64 9.70 7.36 -2.46
C LEU A 64 8.76 8.33 -3.20
N GLY A 65 7.78 8.90 -2.47
CA GLY A 65 6.72 9.72 -3.10
C GLY A 65 5.55 8.87 -3.59
N GLY A 66 5.55 7.59 -3.19
CA GLY A 66 4.52 6.63 -3.59
C GLY A 66 3.26 6.71 -2.75
N ALA A 67 3.27 7.57 -1.71
CA ALA A 67 2.10 7.78 -0.84
C ALA A 67 0.94 8.39 -1.61
N VAL A 68 1.26 9.43 -2.42
CA VAL A 68 0.29 10.11 -3.29
C VAL A 68 -0.28 9.12 -4.33
N GLN A 69 0.59 8.18 -4.78
CA GLN A 69 0.22 7.16 -5.78
C GLN A 69 -0.84 6.20 -5.24
N VAL A 70 -0.65 5.74 -4.00
CA VAL A 70 -1.58 4.81 -3.31
C VAL A 70 -2.92 5.48 -3.01
N LYS A 71 -2.84 6.74 -2.54
CA LYS A 71 -4.02 7.58 -2.22
C LYS A 71 -4.89 7.77 -3.47
N THR A 72 -4.28 8.36 -4.52
CA THR A 72 -4.95 8.74 -5.77
C THR A 72 -5.54 7.51 -6.48
N PHE A 73 -4.78 6.39 -6.46
CA PHE A 73 -5.18 5.13 -7.11
C PHE A 73 -6.44 4.56 -6.43
N ILE A 74 -6.36 4.30 -5.10
CA ILE A 74 -7.45 3.68 -4.31
C ILE A 74 -8.73 4.57 -4.32
N THR A 75 -8.54 5.90 -4.28
CA THR A 75 -9.65 6.87 -4.19
C THR A 75 -10.43 6.98 -5.53
N GLN A 76 -9.77 6.68 -6.67
CA GLN A 76 -10.41 6.74 -8.01
C GLN A 76 -10.93 5.35 -8.45
N THR A 77 -10.11 4.30 -8.26
CA THR A 77 -10.41 2.94 -8.72
C THR A 77 -11.61 2.36 -7.96
N LYS A 78 -12.19 1.30 -8.52
CA LYS A 78 -13.34 0.58 -7.94
C LYS A 78 -13.02 -0.92 -7.82
N GLU A 79 -11.72 -1.25 -7.91
CA GLU A 79 -11.23 -2.63 -7.80
C GLU A 79 -11.19 -3.09 -6.34
N ARG A 80 -11.62 -4.33 -6.12
CA ARG A 80 -11.63 -4.98 -4.80
C ARG A 80 -10.63 -6.14 -4.80
N PRO A 81 -9.76 -6.28 -3.75
CA PRO A 81 -8.88 -7.45 -3.60
C PRO A 81 -9.72 -8.73 -3.31
N ARG A 82 -9.60 -9.70 -4.20
CA ARG A 82 -10.39 -10.95 -4.17
C ARG A 82 -9.45 -12.16 -4.04
N LEU A 83 -10.00 -13.35 -3.79
CA LEU A 83 -9.21 -14.57 -3.55
C LEU A 83 -8.38 -14.96 -4.81
N GLY A 84 -7.12 -14.50 -4.84
CA GLY A 84 -6.23 -14.69 -6.00
C GLY A 84 -5.93 -13.37 -6.71
N LYS A 85 -6.90 -12.43 -6.62
CA LYS A 85 -6.81 -11.09 -7.21
C LYS A 85 -6.25 -10.08 -6.17
N ALA A 86 -5.02 -9.60 -6.40
CA ALA A 86 -4.41 -8.54 -5.58
C ALA A 86 -4.48 -7.21 -6.32
N VAL A 87 -4.84 -6.12 -5.61
CA VAL A 87 -4.85 -4.78 -6.18
C VAL A 87 -3.40 -4.24 -6.22
N SER A 88 -2.72 -4.52 -7.34
CA SER A 88 -1.34 -4.11 -7.56
C SER A 88 -1.31 -2.63 -7.96
N ILE A 89 -0.99 -1.78 -6.99
CA ILE A 89 -0.88 -0.33 -7.15
C ILE A 89 0.51 0.01 -7.75
N PRO A 90 0.59 0.44 -9.05
CA PRO A 90 1.86 0.87 -9.66
C PRO A 90 2.30 2.22 -9.07
N LEU A 91 3.44 2.24 -8.35
CA LEU A 91 3.98 3.48 -7.80
C LEU A 91 4.68 4.25 -8.92
N ASP A 92 3.92 5.14 -9.56
CA ASP A 92 4.44 6.00 -10.63
C ASP A 92 5.47 6.97 -10.05
N LEU A 93 6.75 6.62 -10.24
CA LEU A 93 7.89 7.41 -9.76
C LEU A 93 8.67 7.96 -10.95
N GLY A 94 8.04 8.91 -11.67
CA GLY A 94 8.73 9.72 -12.68
C GLY A 94 8.94 11.12 -12.13
N GLU A 95 7.82 11.80 -11.92
CA GLU A 95 7.74 13.10 -11.23
C GLU A 95 8.11 12.90 -9.75
N ARG A 96 7.60 11.80 -9.16
CA ARG A 96 7.79 11.47 -7.74
C ARG A 96 9.18 10.89 -7.44
N ALA A 97 9.93 10.53 -8.50
CA ALA A 97 11.33 10.14 -8.38
C ALA A 97 12.23 11.37 -8.15
N SER A 98 11.75 12.55 -8.59
CA SER A 98 12.49 13.82 -8.50
C SER A 98 12.26 14.53 -7.16
N GLU A 99 11.29 14.03 -6.34
CA GLU A 99 10.94 14.63 -5.02
C GLU A 99 12.17 14.75 -4.12
N TRP A 100 12.97 13.67 -4.07
CA TRP A 100 14.13 13.57 -3.18
C TRP A 100 15.42 14.16 -3.79
N ILE A 101 15.33 14.62 -5.07
CA ILE A 101 16.44 15.36 -5.71
C ILE A 101 16.30 16.85 -5.35
N ILE A 102 17.16 17.30 -4.43
CA ILE A 102 17.37 18.73 -4.15
C ILE A 102 18.85 19.02 -4.46
N LEU A 103 19.13 19.21 -5.76
CA LEU A 103 20.48 19.53 -6.26
C LEU A 103 20.51 20.99 -6.75
N GLU A 104 21.67 21.65 -6.56
CA GLU A 104 21.88 23.06 -6.96
C GLU A 104 23.13 23.16 -7.87
N MET A 1 1.19 9.92 3.90
CA MET A 1 0.39 8.80 4.43
C MET A 1 1.18 8.01 5.48
N THR A 2 0.70 8.07 6.73
CA THR A 2 1.21 7.26 7.84
C THR A 2 0.66 5.82 7.75
N GLY A 3 1.18 4.90 8.60
CA GLY A 3 0.62 3.53 8.72
C GLY A 3 -0.82 3.55 9.26
N GLN A 4 -1.13 4.61 10.03
CA GLN A 4 -2.50 4.93 10.48
C GLN A 4 -3.40 5.21 9.26
N GLU A 5 -3.00 6.19 8.43
CA GLU A 5 -3.74 6.62 7.22
C GLU A 5 -3.89 5.46 6.22
N LEU A 6 -2.84 4.64 6.11
CA LEU A 6 -2.79 3.49 5.20
C LEU A 6 -3.92 2.50 5.54
N ARG A 7 -4.08 2.20 6.84
CA ARG A 7 -5.17 1.33 7.34
C ARG A 7 -6.53 2.01 7.11
N GLN A 8 -6.61 3.31 7.44
CA GLN A 8 -7.83 4.11 7.31
C GLN A 8 -8.28 4.27 5.86
N LEU A 9 -7.35 4.09 4.92
CA LEU A 9 -7.63 4.12 3.47
C LEU A 9 -8.35 2.82 3.06
N LEU A 10 -7.87 1.70 3.62
CA LEU A 10 -8.44 0.35 3.38
C LEU A 10 -9.83 0.22 4.05
N LEU A 11 -9.99 0.92 5.19
CA LEU A 11 -11.22 0.92 6.00
C LEU A 11 -12.27 1.89 5.43
N ASP A 12 -11.81 3.02 4.88
CA ASP A 12 -12.68 4.03 4.24
C ASP A 12 -13.25 3.48 2.92
N LYS A 13 -12.38 2.77 2.17
CA LYS A 13 -12.67 2.26 0.83
C LYS A 13 -13.51 0.97 0.90
N TRP A 14 -12.93 -0.09 1.47
CA TRP A 14 -13.50 -1.45 1.44
C TRP A 14 -14.12 -1.83 2.80
N GLY A 15 -13.55 -1.29 3.89
CA GLY A 15 -14.00 -1.59 5.26
C GLY A 15 -13.31 -2.81 5.86
N TYR A 16 -12.14 -3.16 5.31
CA TYR A 16 -11.33 -4.31 5.75
C TYR A 16 -9.88 -3.87 5.91
N SER A 17 -9.23 -4.33 6.98
CA SER A 17 -7.82 -4.04 7.26
C SER A 17 -6.92 -5.07 6.52
N TYR A 18 -6.73 -4.86 5.20
CA TYR A 18 -5.88 -5.74 4.35
C TYR A 18 -4.39 -5.50 4.61
N ASP A 19 -3.54 -6.53 4.46
CA ASP A 19 -2.08 -6.33 4.46
C ASP A 19 -1.63 -5.92 3.04
N VAL A 20 -0.84 -4.86 2.98
CA VAL A 20 -0.30 -4.35 1.71
C VAL A 20 1.19 -4.72 1.62
N GLN A 21 1.60 -5.28 0.47
CA GLN A 21 2.97 -5.79 0.27
C GLN A 21 3.55 -5.26 -1.05
N PHE A 22 4.86 -4.93 -1.04
CA PHE A 22 5.58 -4.45 -2.23
C PHE A 22 5.84 -5.59 -3.22
N ARG A 23 5.97 -5.23 -4.50
CA ARG A 23 6.30 -6.15 -5.58
C ARG A 23 7.21 -5.42 -6.55
N ARG A 24 8.50 -5.73 -6.50
CA ARG A 24 9.48 -5.12 -7.40
C ARG A 24 9.81 -6.16 -8.46
N THR A 25 9.09 -6.06 -9.58
CA THR A 25 9.23 -6.97 -10.73
C THR A 25 9.45 -6.14 -11.99
N GLN A 26 10.37 -6.61 -12.86
CA GLN A 26 10.80 -5.95 -14.11
C GLN A 26 11.54 -4.61 -13.82
N GLY A 27 11.85 -4.36 -12.54
CA GLY A 27 12.49 -3.11 -12.08
C GLY A 27 11.49 -2.08 -11.58
N LYS A 28 10.20 -2.38 -11.74
CA LYS A 28 9.11 -1.49 -11.32
C LYS A 28 8.53 -1.94 -9.98
N ILE A 29 8.23 -0.97 -9.11
CA ILE A 29 7.70 -1.24 -7.75
C ILE A 29 6.16 -1.03 -7.74
N PHE A 30 5.44 -2.03 -7.22
CA PHE A 30 3.98 -2.07 -7.15
C PHE A 30 3.56 -2.38 -5.72
N LEU A 31 2.62 -1.60 -5.15
CA LEU A 31 2.04 -1.93 -3.85
C LEU A 31 0.78 -2.78 -4.06
N GLN A 32 0.92 -4.09 -3.91
CA GLN A 32 -0.18 -5.04 -4.09
C GLN A 32 -0.95 -5.24 -2.77
N VAL A 33 -2.15 -4.66 -2.71
CA VAL A 33 -3.10 -4.83 -1.60
C VAL A 33 -3.67 -6.27 -1.65
N MET A 34 -3.31 -7.10 -0.66
CA MET A 34 -3.80 -8.50 -0.58
C MET A 34 -5.30 -8.57 -0.29
N TRP A 35 -5.87 -9.73 -0.59
CA TRP A 35 -7.29 -10.04 -0.33
C TRP A 35 -7.50 -10.51 1.12
N LYS A 36 -6.38 -10.75 1.82
CA LYS A 36 -6.39 -11.18 3.23
C LYS A 36 -6.38 -9.94 4.13
N TYR A 37 -7.13 -10.04 5.22
CA TYR A 37 -7.32 -8.96 6.20
C TYR A 37 -7.18 -9.52 7.62
N LEU A 38 -6.85 -8.63 8.57
CA LEU A 38 -6.52 -9.01 9.97
C LEU A 38 -7.65 -9.80 10.66
N GLU A 39 -8.92 -9.52 10.27
CA GLU A 39 -10.12 -10.18 10.86
C GLU A 39 -10.19 -11.70 10.59
N GLN A 40 -9.37 -12.20 9.64
CA GLN A 40 -9.28 -13.65 9.37
C GLN A 40 -8.46 -14.35 10.48
N ALA A 41 -8.90 -15.55 10.88
CA ALA A 41 -8.12 -16.43 11.79
C ALA A 41 -7.01 -17.15 11.01
N SER A 42 -7.14 -17.19 9.66
CA SER A 42 -6.14 -17.75 8.75
C SER A 42 -4.95 -16.79 8.55
N PHE A 43 -5.15 -15.52 8.94
CA PHE A 43 -4.12 -14.46 8.91
C PHE A 43 -3.01 -14.80 9.94
N PRO A 44 -1.70 -14.88 9.53
CA PRO A 44 -0.60 -15.32 10.42
C PRO A 44 0.05 -14.16 11.21
N MET A 45 -0.56 -12.97 11.12
CA MET A 45 -0.01 -11.73 11.69
C MET A 45 -0.93 -11.24 12.82
N ASN A 46 -0.33 -10.90 13.97
CA ASN A 46 -1.07 -10.44 15.18
C ASN A 46 -1.60 -9.00 15.00
N GLU A 47 -2.36 -8.49 16.00
CA GLU A 47 -3.02 -7.15 15.96
C GLU A 47 -2.02 -6.00 15.76
N THR A 48 -1.18 -5.79 16.79
CA THR A 48 -0.16 -4.72 16.81
C THR A 48 0.91 -4.96 15.72
N GLU A 49 1.22 -6.25 15.49
CA GLU A 49 2.23 -6.68 14.50
C GLU A 49 1.77 -6.38 13.06
N TYR A 50 0.45 -6.46 12.83
CA TYR A 50 -0.16 -6.06 11.55
C TYR A 50 0.01 -4.53 11.33
N GLN A 51 -0.16 -3.74 12.41
CA GLN A 51 -0.02 -2.27 12.35
C GLN A 51 1.48 -1.92 12.09
N GLU A 52 2.40 -2.71 12.66
CA GLU A 52 3.86 -2.57 12.40
C GLU A 52 4.20 -2.82 10.93
N HIS A 53 3.48 -3.78 10.31
CA HIS A 53 3.61 -4.09 8.88
C HIS A 53 3.21 -2.88 8.03
N LEU A 54 2.06 -2.28 8.38
CA LEU A 54 1.50 -1.11 7.67
C LEU A 54 2.45 0.10 7.78
N ASP A 55 2.94 0.32 9.00
CA ASP A 55 3.79 1.46 9.35
C ASP A 55 5.11 1.40 8.58
N SER A 56 5.65 0.17 8.44
CA SER A 56 6.89 -0.08 7.68
C SER A 56 6.69 0.23 6.18
N VAL A 57 5.58 -0.28 5.62
CA VAL A 57 5.22 -0.10 4.21
C VAL A 57 4.98 1.39 3.89
N ALA A 58 4.13 2.05 4.69
CA ALA A 58 3.76 3.46 4.49
C ALA A 58 4.96 4.41 4.71
N ASN A 59 5.93 3.97 5.53
CA ASN A 59 7.20 4.70 5.75
C ASN A 59 8.01 4.73 4.45
N TYR A 60 8.06 3.58 3.75
CA TYR A 60 8.69 3.47 2.41
C TYR A 60 7.95 4.31 1.37
N LEU A 61 6.61 4.23 1.40
CA LEU A 61 5.74 4.96 0.47
C LEU A 61 5.97 6.48 0.58
N HIS A 62 6.16 6.96 1.81
CA HIS A 62 6.46 8.39 2.10
C HIS A 62 7.94 8.71 1.78
N ALA A 63 8.83 7.72 1.94
CA ALA A 63 10.28 7.86 1.66
C ALA A 63 10.55 7.99 0.16
N LEU A 64 9.74 7.29 -0.64
CA LEU A 64 9.89 7.22 -2.11
C LEU A 64 8.98 8.26 -2.80
N GLY A 65 7.90 8.68 -2.10
CA GLY A 65 6.89 9.60 -2.66
C GLY A 65 5.70 8.87 -3.31
N GLY A 66 5.68 7.53 -3.15
CA GLY A 66 4.64 6.67 -3.73
C GLY A 66 3.40 6.54 -2.86
N ALA A 67 3.38 7.23 -1.69
CA ALA A 67 2.23 7.23 -0.77
C ALA A 67 1.02 7.91 -1.40
N VAL A 68 1.29 9.02 -2.10
CA VAL A 68 0.26 9.77 -2.85
C VAL A 68 -0.32 8.89 -3.98
N GLN A 69 0.56 8.10 -4.63
CA GLN A 69 0.17 7.16 -5.72
C GLN A 69 -0.85 6.12 -5.21
N VAL A 70 -0.63 5.62 -3.98
CA VAL A 70 -1.53 4.67 -3.30
C VAL A 70 -2.90 5.31 -3.01
N LYS A 71 -2.86 6.50 -2.38
CA LYS A 71 -4.06 7.25 -1.97
C LYS A 71 -4.92 7.68 -3.19
N THR A 72 -4.24 7.97 -4.31
CA THR A 72 -4.89 8.39 -5.56
C THR A 72 -5.51 7.19 -6.30
N PHE A 73 -4.73 6.08 -6.37
CA PHE A 73 -5.13 4.86 -7.11
C PHE A 73 -6.36 4.21 -6.46
N ILE A 74 -6.29 4.00 -5.13
CA ILE A 74 -7.35 3.34 -4.34
C ILE A 74 -8.67 4.14 -4.40
N THR A 75 -8.58 5.48 -4.42
CA THR A 75 -9.77 6.36 -4.56
C THR A 75 -10.40 6.23 -5.97
N GLN A 76 -9.55 6.31 -7.00
CA GLN A 76 -9.99 6.28 -8.41
C GLN A 76 -10.56 4.91 -8.83
N THR A 77 -9.96 3.81 -8.31
CA THR A 77 -10.38 2.45 -8.67
C THR A 77 -11.70 2.08 -7.98
N LYS A 78 -12.40 1.09 -8.55
CA LYS A 78 -13.62 0.50 -7.96
C LYS A 78 -13.40 -1.01 -7.76
N GLU A 79 -12.15 -1.46 -8.02
CA GLU A 79 -11.74 -2.86 -7.83
C GLU A 79 -11.62 -3.17 -6.34
N ARG A 80 -11.92 -4.42 -6.00
CA ARG A 80 -11.81 -4.95 -4.65
C ARG A 80 -10.78 -6.10 -4.64
N PRO A 81 -9.97 -6.23 -3.54
CA PRO A 81 -9.04 -7.37 -3.38
C PRO A 81 -9.83 -8.71 -3.32
N ARG A 82 -9.59 -9.56 -4.30
CA ARG A 82 -10.37 -10.79 -4.53
C ARG A 82 -9.43 -12.01 -4.39
N LEU A 83 -10.00 -13.20 -4.18
CA LEU A 83 -9.22 -14.45 -3.99
C LEU A 83 -8.30 -14.74 -5.21
N GLY A 84 -7.03 -14.30 -5.08
CA GLY A 84 -6.02 -14.41 -6.14
C GLY A 84 -5.69 -13.07 -6.76
N LYS A 85 -6.69 -12.17 -6.82
CA LYS A 85 -6.55 -10.83 -7.39
C LYS A 85 -6.12 -9.82 -6.31
N ALA A 86 -4.87 -9.38 -6.36
CA ALA A 86 -4.37 -8.26 -5.55
C ALA A 86 -4.70 -6.93 -6.26
N VAL A 87 -4.86 -5.84 -5.49
CA VAL A 87 -4.99 -4.49 -6.06
C VAL A 87 -3.56 -3.94 -6.24
N SER A 88 -2.98 -4.20 -7.44
CA SER A 88 -1.59 -3.86 -7.76
C SER A 88 -1.51 -2.37 -8.15
N ILE A 89 -0.96 -1.57 -7.23
CA ILE A 89 -0.82 -0.11 -7.37
C ILE A 89 0.55 0.22 -8.00
N PRO A 90 0.63 0.69 -9.29
CA PRO A 90 1.89 1.16 -9.87
C PRO A 90 2.37 2.45 -9.18
N LEU A 91 3.50 2.38 -8.47
CA LEU A 91 4.06 3.53 -7.76
C LEU A 91 4.86 4.36 -8.76
N ASP A 92 4.21 5.36 -9.35
CA ASP A 92 4.86 6.28 -10.30
C ASP A 92 5.79 7.21 -9.52
N LEU A 93 7.08 6.91 -9.57
CA LEU A 93 8.13 7.71 -8.92
C LEU A 93 8.90 8.52 -9.98
N GLY A 94 8.29 8.73 -11.16
CA GLY A 94 8.93 9.49 -12.25
C GLY A 94 9.13 10.95 -11.90
N GLU A 95 8.03 11.63 -11.59
CA GLU A 95 8.04 13.05 -11.16
C GLU A 95 8.50 13.15 -9.69
N ARG A 96 8.15 12.13 -8.87
CA ARG A 96 8.43 12.12 -7.42
C ARG A 96 9.93 11.97 -7.11
N ALA A 97 10.68 11.30 -8.01
CA ALA A 97 12.15 11.23 -7.92
C ALA A 97 12.78 12.52 -8.44
N SER A 98 12.13 13.14 -9.43
CA SER A 98 12.67 14.29 -10.17
C SER A 98 12.68 15.58 -9.33
N GLU A 99 11.74 15.69 -8.36
CA GLU A 99 11.59 16.90 -7.52
C GLU A 99 12.86 17.16 -6.67
N TRP A 100 13.38 16.10 -6.01
CA TRP A 100 14.58 16.22 -5.13
C TRP A 100 15.88 16.16 -5.94
N ILE A 101 15.78 15.87 -7.25
CA ILE A 101 16.89 15.97 -8.22
C ILE A 101 17.20 17.47 -8.52
N ILE A 102 16.19 18.35 -8.35
CA ILE A 102 16.31 19.81 -8.51
C ILE A 102 16.57 20.18 -9.99
N LEU A 103 15.51 20.60 -10.69
CA LEU A 103 15.58 20.94 -12.13
C LEU A 103 16.21 22.34 -12.35
N GLU A 104 16.24 23.15 -11.28
CA GLU A 104 16.70 24.55 -11.31
C GLU A 104 18.24 24.59 -11.47
N MET A 1 1.59 9.55 5.22
CA MET A 1 0.86 8.29 5.43
C MET A 1 1.59 7.43 6.48
N THR A 2 1.00 7.31 7.68
CA THR A 2 1.44 6.37 8.72
C THR A 2 0.69 5.04 8.57
N GLY A 3 0.97 4.09 9.48
CA GLY A 3 0.23 2.82 9.54
C GLY A 3 -1.23 3.04 9.92
N GLN A 4 -1.48 4.14 10.65
CA GLN A 4 -2.82 4.63 10.99
C GLN A 4 -3.55 5.09 9.72
N GLU A 5 -2.91 5.99 8.96
CA GLU A 5 -3.46 6.57 7.71
C GLU A 5 -3.78 5.48 6.67
N LEU A 6 -2.84 4.53 6.52
CA LEU A 6 -2.94 3.42 5.56
C LEU A 6 -4.08 2.47 5.95
N ARG A 7 -4.18 2.17 7.27
CA ARG A 7 -5.27 1.35 7.85
C ARG A 7 -6.64 2.01 7.57
N GLN A 8 -6.71 3.32 7.84
CA GLN A 8 -7.93 4.14 7.66
C GLN A 8 -8.30 4.29 6.19
N LEU A 9 -7.31 4.16 5.28
CA LEU A 9 -7.54 4.19 3.83
C LEU A 9 -8.24 2.89 3.38
N LEU A 10 -7.78 1.75 3.93
CA LEU A 10 -8.33 0.41 3.61
C LEU A 10 -9.77 0.26 4.19
N LEU A 11 -10.01 0.91 5.34
CA LEU A 11 -11.29 0.86 6.07
C LEU A 11 -12.34 1.80 5.44
N ASP A 12 -11.89 3.00 5.05
CA ASP A 12 -12.74 4.02 4.41
C ASP A 12 -13.13 3.58 2.98
N LYS A 13 -12.19 2.91 2.30
CA LYS A 13 -12.36 2.47 0.91
C LYS A 13 -13.15 1.14 0.82
N TRP A 14 -12.55 0.05 1.33
CA TRP A 14 -13.08 -1.33 1.14
C TRP A 14 -13.77 -1.88 2.41
N GLY A 15 -13.47 -1.27 3.57
CA GLY A 15 -14.11 -1.63 4.84
C GLY A 15 -13.45 -2.78 5.60
N TYR A 16 -12.21 -3.13 5.21
CA TYR A 16 -11.44 -4.21 5.85
C TYR A 16 -9.95 -3.82 5.93
N SER A 17 -9.27 -4.35 6.95
CA SER A 17 -7.85 -4.09 7.21
C SER A 17 -6.96 -5.11 6.47
N TYR A 18 -6.76 -4.88 5.15
CA TYR A 18 -5.99 -5.81 4.29
C TYR A 18 -4.49 -5.70 4.50
N ASP A 19 -3.79 -6.81 4.25
CA ASP A 19 -2.32 -6.82 4.16
C ASP A 19 -1.92 -6.14 2.85
N VAL A 20 -0.78 -5.43 2.86
CA VAL A 20 -0.25 -4.70 1.68
C VAL A 20 1.25 -5.02 1.53
N GLN A 21 1.67 -5.48 0.35
CA GLN A 21 3.07 -5.91 0.10
C GLN A 21 3.61 -5.24 -1.17
N PHE A 22 4.89 -4.84 -1.11
CA PHE A 22 5.62 -4.29 -2.26
C PHE A 22 6.00 -5.42 -3.23
N ARG A 23 6.08 -5.07 -4.53
CA ARG A 23 6.47 -6.00 -5.59
C ARG A 23 7.34 -5.28 -6.62
N ARG A 24 8.61 -5.68 -6.70
CA ARG A 24 9.61 -5.07 -7.61
C ARG A 24 9.82 -5.97 -8.84
N THR A 25 9.26 -5.56 -9.98
CA THR A 25 9.38 -6.28 -11.25
C THR A 25 9.48 -5.29 -12.41
N GLN A 26 10.42 -5.59 -13.35
CA GLN A 26 10.70 -4.79 -14.56
C GLN A 26 11.21 -3.38 -14.22
N GLY A 27 11.82 -3.26 -13.03
CA GLY A 27 12.37 -1.98 -12.55
C GLY A 27 11.33 -1.08 -11.91
N LYS A 28 10.06 -1.56 -11.88
CA LYS A 28 8.92 -0.84 -11.31
C LYS A 28 8.62 -1.38 -9.91
N ILE A 29 7.75 -0.66 -9.20
CA ILE A 29 7.30 -1.03 -7.85
C ILE A 29 5.76 -0.97 -7.79
N PHE A 30 5.16 -2.04 -7.26
CA PHE A 30 3.70 -2.22 -7.16
C PHE A 30 3.34 -2.55 -5.71
N LEU A 31 2.40 -1.81 -5.11
CA LEU A 31 1.86 -2.13 -3.79
C LEU A 31 0.62 -3.02 -3.99
N GLN A 32 0.80 -4.33 -3.85
CA GLN A 32 -0.25 -5.33 -4.03
C GLN A 32 -1.03 -5.52 -2.73
N VAL A 33 -2.26 -5.01 -2.71
CA VAL A 33 -3.19 -5.15 -1.59
C VAL A 33 -3.80 -6.57 -1.63
N MET A 34 -3.44 -7.38 -0.62
CA MET A 34 -3.90 -8.76 -0.45
C MET A 34 -5.40 -8.82 -0.13
N TRP A 35 -6.00 -9.96 -0.46
CA TRP A 35 -7.41 -10.30 -0.17
C TRP A 35 -7.61 -10.67 1.31
N LYS A 36 -6.49 -10.98 1.99
CA LYS A 36 -6.49 -11.33 3.41
C LYS A 36 -6.47 -10.08 4.27
N TYR A 37 -7.30 -10.08 5.30
CA TYR A 37 -7.49 -8.95 6.22
C TYR A 37 -7.43 -9.45 7.67
N LEU A 38 -7.10 -8.53 8.60
CA LEU A 38 -6.80 -8.85 10.02
C LEU A 38 -8.02 -9.47 10.74
N GLU A 39 -9.23 -9.23 10.20
CA GLU A 39 -10.49 -9.73 10.80
C GLU A 39 -10.64 -11.27 10.67
N GLN A 40 -9.79 -11.87 9.82
CA GLN A 40 -9.69 -13.33 9.66
C GLN A 40 -8.79 -13.89 10.77
N ALA A 41 -9.26 -14.96 11.45
CA ALA A 41 -8.50 -15.64 12.52
C ALA A 41 -7.24 -16.33 11.95
N SER A 42 -7.27 -16.64 10.64
CA SER A 42 -6.18 -17.32 9.93
C SER A 42 -5.22 -16.30 9.25
N PHE A 43 -5.25 -15.03 9.71
CA PHE A 43 -4.31 -14.00 9.24
C PHE A 43 -2.90 -14.27 9.84
N PRO A 44 -1.80 -14.28 9.01
CA PRO A 44 -0.44 -14.73 9.46
C PRO A 44 0.16 -13.87 10.58
N MET A 45 -0.12 -12.55 10.53
CA MET A 45 0.40 -11.57 11.50
C MET A 45 -0.70 -11.24 12.51
N ASN A 46 -0.31 -11.03 13.79
CA ASN A 46 -1.23 -10.55 14.83
C ASN A 46 -1.44 -9.03 14.67
N GLU A 47 -2.36 -8.46 15.48
CA GLU A 47 -2.78 -7.04 15.36
C GLU A 47 -1.59 -6.06 15.47
N THR A 48 -0.65 -6.35 16.40
CA THR A 48 0.55 -5.54 16.62
C THR A 48 1.45 -5.59 15.38
N GLU A 49 1.76 -6.83 14.92
CA GLU A 49 2.67 -7.10 13.78
C GLU A 49 2.14 -6.49 12.47
N TYR A 50 0.82 -6.59 12.30
CA TYR A 50 0.11 -6.07 11.13
C TYR A 50 0.13 -4.52 11.10
N GLN A 51 -0.03 -3.90 12.28
CA GLN A 51 -0.05 -2.42 12.40
C GLN A 51 1.36 -1.87 12.10
N GLU A 52 2.39 -2.58 12.62
CA GLU A 52 3.82 -2.28 12.36
C GLU A 52 4.15 -2.47 10.88
N HIS A 53 3.49 -3.47 10.25
CA HIS A 53 3.65 -3.79 8.82
C HIS A 53 3.10 -2.65 7.96
N LEU A 54 1.91 -2.12 8.35
CA LEU A 54 1.27 -0.98 7.69
C LEU A 54 2.18 0.24 7.75
N ASP A 55 2.76 0.47 8.94
CA ASP A 55 3.61 1.64 9.21
C ASP A 55 4.97 1.51 8.48
N SER A 56 5.45 0.26 8.30
CA SER A 56 6.69 -0.05 7.57
C SER A 56 6.52 0.21 6.06
N VAL A 57 5.36 -0.24 5.53
CA VAL A 57 4.97 -0.02 4.14
C VAL A 57 4.80 1.50 3.88
N ALA A 58 4.04 2.15 4.77
CA ALA A 58 3.68 3.57 4.66
C ALA A 58 4.89 4.49 4.91
N ASN A 59 5.93 3.94 5.58
CA ASN A 59 7.23 4.62 5.77
C ASN A 59 7.94 4.76 4.41
N TYR A 60 7.92 3.66 3.62
CA TYR A 60 8.48 3.63 2.26
C TYR A 60 7.63 4.46 1.29
N LEU A 61 6.31 4.44 1.48
CA LEU A 61 5.37 5.25 0.67
C LEU A 61 5.68 6.75 0.88
N HIS A 62 6.01 7.11 2.12
CA HIS A 62 6.45 8.47 2.49
C HIS A 62 7.79 8.81 1.80
N ALA A 63 8.79 7.93 2.03
CA ALA A 63 10.20 8.17 1.64
C ALA A 63 10.37 8.29 0.11
N LEU A 64 9.65 7.43 -0.63
CA LEU A 64 9.75 7.34 -2.09
C LEU A 64 8.83 8.37 -2.79
N GLY A 65 7.78 8.82 -2.08
CA GLY A 65 6.71 9.65 -2.65
C GLY A 65 5.58 8.80 -3.24
N GLY A 66 5.57 7.49 -2.88
CA GLY A 66 4.58 6.54 -3.36
C GLY A 66 3.25 6.63 -2.63
N ALA A 67 3.19 7.40 -1.52
CA ALA A 67 1.98 7.59 -0.71
C ALA A 67 0.89 8.26 -1.53
N VAL A 68 1.28 9.30 -2.27
CA VAL A 68 0.41 10.06 -3.18
C VAL A 68 -0.10 9.14 -4.31
N GLN A 69 0.78 8.22 -4.77
CA GLN A 69 0.45 7.25 -5.84
C GLN A 69 -0.61 6.23 -5.39
N VAL A 70 -0.49 5.78 -4.12
CA VAL A 70 -1.44 4.84 -3.50
C VAL A 70 -2.81 5.50 -3.33
N LYS A 71 -2.81 6.72 -2.77
CA LYS A 71 -4.02 7.51 -2.53
C LYS A 71 -4.80 7.78 -3.82
N THR A 72 -4.11 8.31 -4.84
CA THR A 72 -4.68 8.65 -6.15
C THR A 72 -5.26 7.40 -6.86
N PHE A 73 -4.49 6.30 -6.83
CA PHE A 73 -4.88 5.04 -7.51
C PHE A 73 -6.13 4.43 -6.84
N ILE A 74 -6.09 4.32 -5.50
CA ILE A 74 -7.19 3.75 -4.68
C ILE A 74 -8.47 4.61 -4.80
N THR A 75 -8.31 5.93 -5.00
CA THR A 75 -9.44 6.83 -5.26
C THR A 75 -10.09 6.49 -6.63
N GLN A 76 -9.22 6.31 -7.66
CA GLN A 76 -9.68 6.02 -9.05
C GLN A 76 -10.30 4.61 -9.15
N THR A 77 -9.48 3.57 -8.92
CA THR A 77 -9.92 2.17 -8.97
C THR A 77 -10.89 1.87 -7.81
N LYS A 78 -11.98 1.18 -8.13
CA LYS A 78 -12.96 0.70 -7.14
C LYS A 78 -12.96 -0.83 -7.10
N GLU A 79 -11.85 -1.40 -7.60
CA GLU A 79 -11.59 -2.85 -7.57
C GLU A 79 -11.22 -3.28 -6.16
N ARG A 80 -11.84 -4.37 -5.71
CA ARG A 80 -11.67 -4.92 -4.37
C ARG A 80 -10.71 -6.12 -4.40
N PRO A 81 -9.82 -6.25 -3.36
CA PRO A 81 -8.88 -7.39 -3.25
C PRO A 81 -9.63 -8.75 -3.29
N ARG A 82 -9.33 -9.55 -4.30
CA ARG A 82 -10.10 -10.76 -4.66
C ARG A 82 -9.25 -12.00 -4.39
N LEU A 83 -9.91 -13.15 -4.10
CA LEU A 83 -9.22 -14.42 -3.84
C LEU A 83 -8.35 -14.82 -5.05
N GLY A 84 -7.02 -14.87 -4.83
CA GLY A 84 -6.05 -15.16 -5.90
C GLY A 84 -5.49 -13.90 -6.56
N LYS A 85 -6.33 -12.84 -6.65
CA LYS A 85 -6.00 -11.61 -7.39
C LYS A 85 -5.83 -10.40 -6.43
N ALA A 86 -4.61 -9.88 -6.34
CA ALA A 86 -4.29 -8.69 -5.52
C ALA A 86 -4.53 -7.39 -6.32
N VAL A 87 -4.82 -6.29 -5.60
CA VAL A 87 -4.92 -4.94 -6.19
C VAL A 87 -3.48 -4.36 -6.30
N SER A 88 -2.86 -4.60 -7.48
CA SER A 88 -1.49 -4.18 -7.78
C SER A 88 -1.49 -2.68 -8.12
N ILE A 89 -1.04 -1.86 -7.15
CA ILE A 89 -0.99 -0.41 -7.26
C ILE A 89 0.36 0.04 -7.89
N PRO A 90 0.38 0.51 -9.17
CA PRO A 90 1.62 1.02 -9.80
C PRO A 90 2.03 2.35 -9.15
N LEU A 91 3.18 2.35 -8.45
CA LEU A 91 3.72 3.56 -7.83
C LEU A 91 4.60 4.28 -8.86
N ASP A 92 4.02 5.32 -9.47
CA ASP A 92 4.69 6.10 -10.52
C ASP A 92 5.73 7.03 -9.88
N LEU A 93 6.95 6.50 -9.69
CA LEU A 93 8.07 7.23 -9.08
C LEU A 93 9.05 7.64 -10.19
N GLY A 94 8.62 8.62 -10.99
CA GLY A 94 9.43 9.20 -12.06
C GLY A 94 9.76 10.65 -11.77
N GLU A 95 8.79 11.54 -12.02
CA GLU A 95 8.94 12.98 -11.77
C GLU A 95 8.89 13.27 -10.27
N ARG A 96 8.02 12.56 -9.53
CA ARG A 96 7.92 12.62 -8.04
C ARG A 96 9.29 12.33 -7.42
N ALA A 97 9.96 11.29 -7.97
CA ALA A 97 11.32 10.90 -7.58
C ALA A 97 12.33 12.00 -7.94
N SER A 98 12.20 12.55 -9.16
CA SER A 98 13.16 13.51 -9.72
C SER A 98 13.18 14.85 -8.95
N GLU A 99 12.05 15.20 -8.30
CA GLU A 99 11.90 16.46 -7.54
C GLU A 99 12.78 16.47 -6.27
N TRP A 100 12.92 15.33 -5.58
CA TRP A 100 13.78 15.25 -4.36
C TRP A 100 15.21 14.76 -4.71
N ILE A 101 15.40 14.27 -5.96
CA ILE A 101 16.75 13.97 -6.50
C ILE A 101 17.42 15.29 -6.96
N ILE A 102 16.60 16.21 -7.52
CA ILE A 102 17.05 17.49 -8.12
C ILE A 102 18.00 17.22 -9.32
N LEU A 103 17.40 16.98 -10.50
CA LEU A 103 18.13 16.95 -11.79
C LEU A 103 18.31 18.38 -12.31
N GLU A 104 19.24 18.54 -13.28
CA GLU A 104 19.56 19.85 -13.88
C GLU A 104 18.37 20.35 -14.77
N MET A 1 1.77 9.84 3.79
CA MET A 1 0.92 8.80 4.38
C MET A 1 1.54 8.28 5.69
N THR A 2 0.68 8.09 6.71
CA THR A 2 1.01 7.41 7.97
C THR A 2 0.35 6.01 7.99
N GLY A 3 0.75 5.18 8.97
CA GLY A 3 0.12 3.87 9.21
C GLY A 3 -1.36 3.99 9.57
N GLN A 4 -1.75 5.18 10.07
CA GLN A 4 -3.15 5.56 10.34
C GLN A 4 -3.92 5.68 9.02
N GLU A 5 -3.40 6.55 8.13
CA GLU A 5 -4.03 6.89 6.84
C GLU A 5 -4.16 5.66 5.94
N LEU A 6 -3.10 4.82 5.92
CA LEU A 6 -3.05 3.62 5.08
C LEU A 6 -4.07 2.57 5.56
N ARG A 7 -4.15 2.38 6.89
CA ARG A 7 -5.10 1.45 7.51
C ARG A 7 -6.54 1.84 7.14
N GLN A 8 -6.85 3.11 7.39
CA GLN A 8 -8.16 3.70 7.11
C GLN A 8 -8.42 3.84 5.61
N LEU A 9 -7.37 3.81 4.78
CA LEU A 9 -7.52 3.87 3.31
C LEU A 9 -8.07 2.54 2.76
N LEU A 10 -7.84 1.45 3.52
CA LEU A 10 -8.35 0.11 3.21
C LEU A 10 -9.74 -0.10 3.86
N LEU A 11 -9.90 0.49 5.07
CA LEU A 11 -11.15 0.37 5.87
C LEU A 11 -12.27 1.25 5.28
N ASP A 12 -12.03 2.58 5.23
CA ASP A 12 -12.95 3.57 4.58
C ASP A 12 -13.45 3.09 3.20
N LYS A 13 -12.51 2.56 2.41
CA LYS A 13 -12.75 2.15 1.02
C LYS A 13 -13.53 0.82 0.93
N TRP A 14 -12.93 -0.27 1.44
CA TRP A 14 -13.43 -1.65 1.20
C TRP A 14 -14.08 -2.27 2.45
N GLY A 15 -13.74 -1.76 3.64
CA GLY A 15 -14.35 -2.20 4.90
C GLY A 15 -13.51 -3.20 5.68
N TYR A 16 -12.36 -3.62 5.12
CA TYR A 16 -11.54 -4.70 5.70
C TYR A 16 -10.10 -4.24 5.85
N SER A 17 -9.45 -4.79 6.87
CA SER A 17 -8.06 -4.48 7.23
C SER A 17 -7.09 -5.35 6.42
N TYR A 18 -7.04 -5.12 5.09
CA TYR A 18 -6.17 -5.87 4.18
C TYR A 18 -4.69 -5.57 4.47
N ASP A 19 -3.81 -6.52 4.17
CA ASP A 19 -2.36 -6.29 4.18
C ASP A 19 -1.91 -5.86 2.78
N VAL A 20 -1.05 -4.83 2.73
CA VAL A 20 -0.45 -4.32 1.48
C VAL A 20 1.01 -4.78 1.41
N GLN A 21 1.47 -5.18 0.21
CA GLN A 21 2.85 -5.70 0.01
C GLN A 21 3.50 -5.05 -1.20
N PHE A 22 4.78 -4.66 -1.02
CA PHE A 22 5.63 -4.13 -2.09
C PHE A 22 5.97 -5.23 -3.11
N ARG A 23 5.54 -5.00 -4.35
CA ARG A 23 5.81 -5.88 -5.48
C ARG A 23 6.91 -5.26 -6.33
N ARG A 24 8.11 -5.83 -6.21
CA ARG A 24 9.31 -5.39 -6.94
C ARG A 24 9.54 -6.35 -8.10
N THR A 25 9.18 -5.91 -9.32
CA THR A 25 9.35 -6.71 -10.53
C THR A 25 9.70 -5.82 -11.74
N GLN A 26 10.73 -6.26 -12.51
CA GLN A 26 11.19 -5.60 -13.76
C GLN A 26 11.65 -4.15 -13.53
N GLY A 27 12.24 -3.90 -12.34
CA GLY A 27 12.76 -2.57 -11.97
C GLY A 27 11.66 -1.59 -11.56
N LYS A 28 10.42 -2.10 -11.45
CA LYS A 28 9.22 -1.31 -11.11
C LYS A 28 8.68 -1.72 -9.74
N ILE A 29 7.90 -0.83 -9.11
CA ILE A 29 7.32 -1.06 -7.78
C ILE A 29 5.79 -0.83 -7.80
N PHE A 30 5.06 -1.82 -7.27
CA PHE A 30 3.59 -1.83 -7.23
C PHE A 30 3.16 -2.21 -5.81
N LEU A 31 2.33 -1.40 -5.14
CA LEU A 31 1.85 -1.76 -3.80
C LEU A 31 0.56 -2.57 -3.97
N GLN A 32 0.70 -3.91 -3.90
CA GLN A 32 -0.43 -4.82 -4.12
C GLN A 32 -1.18 -5.04 -2.81
N VAL A 33 -2.38 -4.43 -2.73
CA VAL A 33 -3.33 -4.68 -1.66
C VAL A 33 -3.82 -6.13 -1.78
N MET A 34 -3.32 -7.00 -0.90
CA MET A 34 -3.58 -8.43 -0.95
C MET A 34 -5.04 -8.75 -0.60
N TRP A 35 -5.45 -9.96 -1.00
CA TRP A 35 -6.83 -10.47 -0.84
C TRP A 35 -7.12 -10.97 0.60
N LYS A 36 -6.15 -10.79 1.50
CA LYS A 36 -6.21 -11.25 2.89
C LYS A 36 -6.32 -10.04 3.82
N TYR A 37 -6.98 -10.24 4.96
CA TYR A 37 -7.19 -9.19 5.96
C TYR A 37 -6.95 -9.74 7.37
N LEU A 38 -6.75 -8.82 8.33
CA LEU A 38 -6.40 -9.15 9.73
C LEU A 38 -7.58 -9.84 10.46
N GLU A 39 -8.81 -9.64 9.93
CA GLU A 39 -10.03 -10.26 10.48
C GLU A 39 -9.99 -11.80 10.35
N GLN A 40 -9.12 -12.31 9.46
CA GLN A 40 -8.81 -13.74 9.35
C GLN A 40 -8.02 -14.21 10.58
N ALA A 41 -8.52 -15.26 11.25
CA ALA A 41 -7.81 -15.90 12.39
C ALA A 41 -6.58 -16.69 11.88
N SER A 42 -6.63 -17.09 10.58
CA SER A 42 -5.56 -17.84 9.90
C SER A 42 -4.39 -16.90 9.46
N PHE A 43 -4.50 -15.60 9.79
CA PHE A 43 -3.46 -14.60 9.49
C PHE A 43 -2.23 -14.84 10.41
N PRO A 44 -1.00 -15.13 9.85
CA PRO A 44 0.19 -15.52 10.65
C PRO A 44 0.91 -14.32 11.32
N MET A 45 0.37 -13.12 11.11
CA MET A 45 0.87 -11.87 11.71
C MET A 45 -0.09 -11.42 12.82
N ASN A 46 0.47 -11.00 13.97
CA ASN A 46 -0.32 -10.43 15.07
C ASN A 46 -0.86 -9.03 14.68
N GLU A 47 -1.73 -8.46 15.53
CA GLU A 47 -2.36 -7.16 15.28
C GLU A 47 -1.29 -6.04 15.24
N THR A 48 -0.30 -6.13 16.14
CA THR A 48 0.82 -5.20 16.20
C THR A 48 1.66 -5.31 14.91
N GLU A 49 1.94 -6.56 14.47
CA GLU A 49 2.75 -6.85 13.26
C GLU A 49 2.09 -6.25 12.00
N TYR A 50 0.75 -6.35 11.95
CA TYR A 50 -0.08 -5.80 10.87
C TYR A 50 0.05 -4.26 10.82
N GLN A 51 -0.13 -3.62 11.99
CA GLN A 51 -0.14 -2.14 12.10
C GLN A 51 1.26 -1.55 11.80
N GLU A 52 2.30 -2.24 12.28
CA GLU A 52 3.70 -1.84 12.06
C GLU A 52 4.13 -2.13 10.62
N HIS A 53 3.44 -3.10 9.96
CA HIS A 53 3.65 -3.41 8.54
C HIS A 53 3.15 -2.22 7.71
N LEU A 54 1.93 -1.73 8.05
CA LEU A 54 1.31 -0.56 7.38
C LEU A 54 2.13 0.71 7.62
N ASP A 55 2.69 0.83 8.84
CA ASP A 55 3.48 2.00 9.24
C ASP A 55 4.81 2.01 8.47
N SER A 56 5.40 0.80 8.31
CA SER A 56 6.67 0.61 7.59
C SER A 56 6.50 0.81 6.08
N VAL A 57 5.33 0.36 5.55
CA VAL A 57 4.96 0.57 4.15
C VAL A 57 4.81 2.07 3.87
N ALA A 58 4.00 2.74 4.71
CA ALA A 58 3.72 4.19 4.60
C ALA A 58 4.99 5.05 4.76
N ASN A 59 5.98 4.52 5.51
CA ASN A 59 7.30 5.14 5.68
C ASN A 59 8.07 5.12 4.34
N TYR A 60 8.09 3.94 3.68
CA TYR A 60 8.70 3.77 2.35
C TYR A 60 7.97 4.62 1.30
N LEU A 61 6.64 4.67 1.39
CA LEU A 61 5.79 5.45 0.46
C LEU A 61 6.11 6.95 0.56
N HIS A 62 6.48 7.40 1.77
CA HIS A 62 6.95 8.77 2.04
C HIS A 62 8.36 8.99 1.45
N ALA A 63 9.22 7.98 1.62
CA ALA A 63 10.64 8.04 1.21
C ALA A 63 10.79 8.04 -0.32
N LEU A 64 9.88 7.31 -0.99
CA LEU A 64 9.92 7.12 -2.46
C LEU A 64 9.03 8.16 -3.18
N GLY A 65 8.02 8.68 -2.46
CA GLY A 65 7.02 9.59 -3.03
C GLY A 65 5.84 8.85 -3.65
N GLY A 66 5.65 7.59 -3.22
CA GLY A 66 4.57 6.73 -3.71
C GLY A 66 3.32 6.76 -2.84
N ALA A 67 3.32 7.59 -1.78
CA ALA A 67 2.21 7.66 -0.81
C ALA A 67 0.96 8.28 -1.42
N VAL A 68 1.14 9.45 -2.06
CA VAL A 68 0.06 10.16 -2.77
C VAL A 68 -0.41 9.34 -3.99
N GLN A 69 0.51 8.51 -4.56
CA GLN A 69 0.18 7.57 -5.66
C GLN A 69 -0.84 6.51 -5.20
N VAL A 70 -0.63 5.95 -4.00
CA VAL A 70 -1.52 4.94 -3.40
C VAL A 70 -2.90 5.54 -3.12
N LYS A 71 -2.90 6.71 -2.45
CA LYS A 71 -4.13 7.40 -2.02
C LYS A 71 -5.00 7.80 -3.24
N THR A 72 -4.34 8.39 -4.26
CA THR A 72 -5.01 8.83 -5.50
C THR A 72 -5.58 7.63 -6.27
N PHE A 73 -4.79 6.55 -6.39
CA PHE A 73 -5.18 5.34 -7.13
C PHE A 73 -6.43 4.71 -6.50
N ILE A 74 -6.42 4.55 -5.15
CA ILE A 74 -7.53 3.93 -4.39
C ILE A 74 -8.80 4.82 -4.44
N THR A 75 -8.62 6.15 -4.56
CA THR A 75 -9.76 7.08 -4.75
C THR A 75 -10.43 6.85 -6.14
N GLN A 76 -9.58 6.60 -7.16
CA GLN A 76 -10.02 6.43 -8.57
C GLN A 76 -10.63 5.03 -8.79
N THR A 77 -9.80 3.98 -8.61
CA THR A 77 -10.23 2.58 -8.78
C THR A 77 -11.32 2.23 -7.75
N LYS A 78 -12.36 1.51 -8.21
CA LYS A 78 -13.45 1.02 -7.36
C LYS A 78 -13.40 -0.52 -7.28
N GLU A 79 -12.25 -1.09 -7.73
CA GLU A 79 -11.97 -2.54 -7.68
C GLU A 79 -11.65 -2.99 -6.25
N ARG A 80 -11.99 -4.24 -5.94
CA ARG A 80 -11.83 -4.82 -4.59
C ARG A 80 -10.83 -5.99 -4.61
N PRO A 81 -10.03 -6.18 -3.50
CA PRO A 81 -9.15 -7.36 -3.32
C PRO A 81 -9.99 -8.64 -3.08
N ARG A 82 -9.80 -9.65 -3.93
CA ARG A 82 -10.58 -10.91 -3.93
C ARG A 82 -9.62 -12.06 -4.19
N LEU A 83 -9.89 -13.27 -3.62
CA LEU A 83 -8.92 -14.42 -3.57
C LEU A 83 -8.24 -14.70 -4.94
N GLY A 84 -6.90 -14.57 -4.97
CA GLY A 84 -6.08 -14.80 -6.19
C GLY A 84 -5.82 -13.53 -7.01
N LYS A 85 -6.57 -12.46 -6.70
CA LYS A 85 -6.59 -11.17 -7.44
C LYS A 85 -6.31 -9.99 -6.48
N ALA A 86 -5.08 -9.42 -6.54
CA ALA A 86 -4.66 -8.29 -5.68
C ALA A 86 -4.81 -6.96 -6.42
N VAL A 87 -5.21 -5.89 -5.68
CA VAL A 87 -5.28 -4.51 -6.22
C VAL A 87 -3.84 -3.95 -6.31
N SER A 88 -3.22 -4.17 -7.48
CA SER A 88 -1.83 -3.77 -7.75
C SER A 88 -1.79 -2.27 -8.07
N ILE A 89 -1.25 -1.49 -7.12
CA ILE A 89 -1.17 -0.02 -7.23
C ILE A 89 0.16 0.39 -7.90
N PRO A 90 0.14 0.87 -9.19
CA PRO A 90 1.35 1.38 -9.86
C PRO A 90 1.83 2.69 -9.21
N LEU A 91 3.01 2.65 -8.60
CA LEU A 91 3.62 3.84 -7.97
C LEU A 91 4.42 4.59 -9.04
N ASP A 92 3.91 5.76 -9.48
CA ASP A 92 4.66 6.64 -10.39
C ASP A 92 5.79 7.28 -9.59
N LEU A 93 6.97 6.68 -9.67
CA LEU A 93 8.21 7.27 -9.18
C LEU A 93 9.04 7.70 -10.40
N GLY A 94 8.37 7.81 -11.57
CA GLY A 94 9.00 8.32 -12.78
C GLY A 94 9.31 9.81 -12.63
N GLU A 95 8.29 10.58 -12.21
CA GLU A 95 8.44 12.00 -11.92
C GLU A 95 8.63 12.25 -10.41
N ARG A 96 7.89 11.48 -9.56
CA ARG A 96 7.83 11.73 -8.08
C ARG A 96 9.10 11.31 -7.33
N ALA A 97 10.00 10.56 -7.99
CA ALA A 97 11.27 10.16 -7.36
C ALA A 97 12.26 11.34 -7.29
N SER A 98 12.01 12.40 -8.07
CA SER A 98 12.94 13.53 -8.22
C SER A 98 13.06 14.38 -6.92
N GLU A 99 12.18 14.12 -5.93
CA GLU A 99 12.26 14.76 -4.60
C GLU A 99 13.49 14.23 -3.82
N TRP A 100 13.72 12.89 -3.88
CA TRP A 100 14.77 12.20 -3.09
C TRP A 100 15.99 11.85 -3.95
N ILE A 101 15.82 11.84 -5.30
CA ILE A 101 16.95 11.81 -6.24
C ILE A 101 17.60 13.21 -6.19
N ILE A 102 18.70 13.30 -5.45
CA ILE A 102 19.55 14.51 -5.39
C ILE A 102 20.97 14.10 -5.83
N LEU A 103 21.25 14.25 -7.13
CA LEU A 103 22.54 13.86 -7.74
C LEU A 103 23.56 15.00 -7.60
N GLU A 104 24.52 14.84 -6.66
CA GLU A 104 25.60 15.82 -6.41
C GLU A 104 26.95 15.25 -6.91
N MET A 1 1.08 10.17 5.55
CA MET A 1 0.35 8.91 5.83
C MET A 1 1.09 8.10 6.90
N THR A 2 0.43 7.85 8.04
CA THR A 2 0.89 6.90 9.06
C THR A 2 0.39 5.49 8.71
N GLY A 3 0.83 4.47 9.46
CA GLY A 3 0.25 3.12 9.35
C GLY A 3 -1.21 3.08 9.76
N GLN A 4 -1.59 4.01 10.65
CA GLN A 4 -2.99 4.24 11.03
C GLN A 4 -3.78 4.75 9.81
N GLU A 5 -3.27 5.80 9.13
CA GLU A 5 -3.94 6.44 7.98
C GLU A 5 -4.05 5.49 6.78
N LEU A 6 -3.04 4.61 6.61
CA LEU A 6 -3.05 3.56 5.59
C LEU A 6 -4.20 2.58 5.86
N ARG A 7 -4.37 2.22 7.16
CA ARG A 7 -5.45 1.32 7.61
C ARG A 7 -6.83 1.97 7.40
N GLN A 8 -6.92 3.29 7.69
CA GLN A 8 -8.18 4.05 7.56
C GLN A 8 -8.62 4.10 6.09
N LEU A 9 -7.62 4.16 5.18
CA LEU A 9 -7.84 4.23 3.72
C LEU A 9 -8.50 2.93 3.21
N LEU A 10 -8.16 1.80 3.86
CA LEU A 10 -8.71 0.46 3.55
C LEU A 10 -10.13 0.32 4.16
N LEU A 11 -10.32 0.94 5.35
CA LEU A 11 -11.61 0.94 6.08
C LEU A 11 -12.65 1.88 5.42
N ASP A 12 -12.17 2.93 4.73
CA ASP A 12 -13.04 3.87 4.00
C ASP A 12 -13.43 3.27 2.64
N LYS A 13 -12.46 2.61 1.99
CA LYS A 13 -12.64 2.11 0.62
C LYS A 13 -13.47 0.82 0.60
N TRP A 14 -13.02 -0.18 1.37
CA TRP A 14 -13.59 -1.54 1.34
C TRP A 14 -14.27 -1.91 2.66
N GLY A 15 -14.00 -1.13 3.73
CA GLY A 15 -14.59 -1.37 5.05
C GLY A 15 -13.91 -2.50 5.82
N TYR A 16 -12.68 -2.86 5.39
CA TYR A 16 -11.88 -3.94 6.00
C TYR A 16 -10.40 -3.56 5.95
N SER A 17 -9.66 -3.90 7.01
CA SER A 17 -8.23 -3.65 7.12
C SER A 17 -7.43 -4.81 6.51
N TYR A 18 -6.92 -4.61 5.29
CA TYR A 18 -6.20 -5.64 4.52
C TYR A 18 -4.68 -5.49 4.67
N ASP A 19 -3.98 -6.63 4.62
CA ASP A 19 -2.53 -6.70 4.44
C ASP A 19 -2.15 -6.07 3.08
N VAL A 20 -0.99 -5.42 3.00
CA VAL A 20 -0.50 -4.76 1.78
C VAL A 20 1.01 -5.04 1.64
N GLN A 21 1.44 -5.55 0.47
CA GLN A 21 2.83 -5.95 0.22
C GLN A 21 3.45 -5.15 -0.94
N PHE A 22 4.76 -4.93 -0.87
CA PHE A 22 5.54 -4.33 -1.98
C PHE A 22 6.10 -5.44 -2.88
N ARG A 23 6.24 -5.11 -4.18
CA ARG A 23 6.79 -6.02 -5.17
C ARG A 23 7.66 -5.23 -6.16
N ARG A 24 8.90 -5.70 -6.35
CA ARG A 24 9.90 -5.03 -7.20
C ARG A 24 10.16 -5.88 -8.45
N THR A 25 9.56 -5.47 -9.56
CA THR A 25 9.72 -6.14 -10.86
C THR A 25 9.70 -5.12 -12.00
N GLN A 26 10.56 -5.35 -13.02
CA GLN A 26 10.71 -4.49 -14.22
C GLN A 26 11.31 -3.11 -13.85
N GLY A 27 12.00 -3.08 -12.68
CA GLY A 27 12.58 -1.83 -12.13
C GLY A 27 11.56 -1.00 -11.33
N LYS A 28 10.30 -1.47 -11.31
CA LYS A 28 9.16 -0.74 -10.74
C LYS A 28 8.76 -1.30 -9.36
N ILE A 29 8.02 -0.49 -8.58
CA ILE A 29 7.54 -0.86 -7.24
C ILE A 29 5.99 -0.83 -7.23
N PHE A 30 5.39 -1.94 -6.73
CA PHE A 30 3.92 -2.15 -6.74
C PHE A 30 3.46 -2.45 -5.31
N LEU A 31 2.54 -1.64 -4.77
CA LEU A 31 1.87 -1.95 -3.49
C LEU A 31 0.59 -2.75 -3.78
N GLN A 32 0.70 -4.08 -3.68
CA GLN A 32 -0.41 -5.00 -3.93
C GLN A 32 -1.22 -5.23 -2.65
N VAL A 33 -2.44 -4.65 -2.62
CA VAL A 33 -3.41 -4.85 -1.54
C VAL A 33 -3.92 -6.30 -1.56
N MET A 34 -3.59 -7.04 -0.49
CA MET A 34 -3.93 -8.46 -0.34
C MET A 34 -5.40 -8.65 0.05
N TRP A 35 -5.93 -9.80 -0.36
CA TRP A 35 -7.28 -10.32 -0.01
C TRP A 35 -7.36 -10.67 1.50
N LYS A 36 -6.19 -10.91 2.12
CA LYS A 36 -6.08 -11.18 3.56
C LYS A 36 -6.40 -9.91 4.37
N TYR A 37 -7.47 -9.96 5.16
CA TYR A 37 -7.81 -8.94 6.17
C TYR A 37 -7.52 -9.51 7.57
N LEU A 38 -7.31 -8.61 8.53
CA LEU A 38 -6.83 -8.96 9.89
C LEU A 38 -7.78 -9.91 10.64
N GLU A 39 -9.08 -9.88 10.27
CA GLU A 39 -10.15 -10.65 10.95
C GLU A 39 -10.16 -12.14 10.56
N GLN A 40 -9.08 -12.63 9.91
CA GLN A 40 -8.84 -14.07 9.68
C GLN A 40 -7.77 -14.59 10.66
N ALA A 41 -7.98 -15.82 11.13
CA ALA A 41 -7.03 -16.54 12.02
C ALA A 41 -5.84 -17.09 11.21
N SER A 42 -6.00 -17.14 9.87
CA SER A 42 -4.95 -17.57 8.93
C SER A 42 -3.97 -16.42 8.58
N PHE A 43 -4.20 -15.23 9.15
CA PHE A 43 -3.38 -14.03 8.90
C PHE A 43 -1.91 -14.26 9.34
N PRO A 44 -0.88 -13.95 8.47
CA PRO A 44 0.54 -14.35 8.70
C PRO A 44 1.21 -13.59 9.88
N MET A 45 0.54 -12.54 10.37
CA MET A 45 1.04 -11.68 11.46
C MET A 45 -0.01 -11.58 12.58
N ASN A 46 0.43 -11.07 13.73
CA ASN A 46 -0.46 -10.68 14.84
C ASN A 46 -1.09 -9.30 14.53
N GLU A 47 -2.00 -8.84 15.40
CA GLU A 47 -2.70 -7.54 15.25
C GLU A 47 -1.73 -6.35 15.39
N THR A 48 -0.81 -6.47 16.36
CA THR A 48 0.29 -5.51 16.56
C THR A 48 1.21 -5.51 15.33
N GLU A 49 1.64 -6.72 14.91
CA GLU A 49 2.62 -6.91 13.82
C GLU A 49 2.05 -6.44 12.46
N TYR A 50 0.71 -6.51 12.33
CA TYR A 50 -0.01 -6.03 11.15
C TYR A 50 0.06 -4.49 11.08
N GLN A 51 -0.26 -3.84 12.22
CA GLN A 51 -0.34 -2.36 12.29
C GLN A 51 1.08 -1.74 12.18
N GLU A 52 2.08 -2.49 12.68
CA GLU A 52 3.51 -2.15 12.51
C GLU A 52 3.94 -2.31 11.03
N HIS A 53 3.42 -3.37 10.39
CA HIS A 53 3.66 -3.66 8.95
C HIS A 53 3.07 -2.55 8.06
N LEU A 54 1.95 -1.97 8.51
CA LEU A 54 1.27 -0.86 7.81
C LEU A 54 2.12 0.42 7.89
N ASP A 55 2.71 0.63 9.07
CA ASP A 55 3.56 1.81 9.33
C ASP A 55 4.90 1.67 8.61
N SER A 56 5.32 0.41 8.44
CA SER A 56 6.48 0.01 7.63
C SER A 56 6.24 0.33 6.15
N VAL A 57 5.03 0.02 5.67
CA VAL A 57 4.60 0.29 4.30
C VAL A 57 4.46 1.80 4.07
N ALA A 58 3.79 2.49 5.00
CA ALA A 58 3.54 3.94 4.94
C ALA A 58 4.85 4.76 5.04
N ASN A 59 5.88 4.14 5.67
CA ASN A 59 7.25 4.68 5.73
C ASN A 59 7.87 4.72 4.33
N TYR A 60 7.71 3.61 3.58
CA TYR A 60 8.15 3.53 2.16
C TYR A 60 7.31 4.44 1.25
N LEU A 61 6.03 4.62 1.59
CA LEU A 61 5.12 5.48 0.84
C LEU A 61 5.53 6.97 0.95
N HIS A 62 6.15 7.35 2.09
CA HIS A 62 6.71 8.70 2.27
C HIS A 62 8.09 8.81 1.57
N ALA A 63 8.91 7.74 1.72
CA ALA A 63 10.30 7.69 1.20
C ALA A 63 10.34 7.84 -0.33
N LEU A 64 9.42 7.12 -0.99
CA LEU A 64 9.31 7.08 -2.46
C LEU A 64 8.41 8.23 -2.98
N GLY A 65 7.54 8.76 -2.09
CA GLY A 65 6.48 9.70 -2.48
C GLY A 65 5.26 8.97 -3.03
N GLY A 66 5.20 7.65 -2.77
CA GLY A 66 4.15 6.77 -3.27
C GLY A 66 2.85 6.85 -2.48
N ALA A 67 2.84 7.64 -1.38
CA ALA A 67 1.64 7.83 -0.53
C ALA A 67 0.49 8.44 -1.33
N VAL A 68 0.82 9.50 -2.09
CA VAL A 68 -0.13 10.23 -2.96
C VAL A 68 -0.59 9.32 -4.12
N GLN A 69 0.32 8.43 -4.59
CA GLN A 69 0.04 7.49 -5.70
C GLN A 69 -0.97 6.39 -5.27
N VAL A 70 -0.87 5.97 -3.98
CA VAL A 70 -1.81 5.01 -3.37
C VAL A 70 -3.19 5.64 -3.21
N LYS A 71 -3.20 6.86 -2.66
CA LYS A 71 -4.44 7.62 -2.39
C LYS A 71 -5.22 7.92 -3.69
N THR A 72 -4.49 8.34 -4.74
CA THR A 72 -5.09 8.72 -6.04
C THR A 72 -5.65 7.48 -6.77
N PHE A 73 -4.88 6.36 -6.72
CA PHE A 73 -5.29 5.08 -7.35
C PHE A 73 -6.56 4.55 -6.65
N ILE A 74 -6.50 4.48 -5.29
CA ILE A 74 -7.58 3.93 -4.45
C ILE A 74 -8.89 4.76 -4.57
N THR A 75 -8.76 6.10 -4.72
CA THR A 75 -9.93 6.98 -4.93
C THR A 75 -10.68 6.59 -6.23
N GLN A 76 -9.94 6.54 -7.34
CA GLN A 76 -10.49 6.38 -8.69
C GLN A 76 -10.87 4.93 -9.01
N THR A 77 -10.13 3.95 -8.45
CA THR A 77 -10.34 2.52 -8.74
C THR A 77 -11.65 2.06 -8.10
N LYS A 78 -12.33 1.14 -8.77
CA LYS A 78 -13.58 0.52 -8.28
C LYS A 78 -13.30 -0.95 -7.88
N GLU A 79 -12.03 -1.39 -8.04
CA GLU A 79 -11.60 -2.78 -7.75
C GLU A 79 -11.45 -3.04 -6.24
N ARG A 80 -11.65 -4.32 -5.88
CA ARG A 80 -11.54 -4.83 -4.51
C ARG A 80 -10.49 -5.97 -4.47
N PRO A 81 -9.76 -6.15 -3.31
CA PRO A 81 -8.85 -7.29 -3.12
C PRO A 81 -9.63 -8.63 -3.11
N ARG A 82 -9.24 -9.49 -4.02
CA ARG A 82 -9.99 -10.70 -4.40
C ARG A 82 -9.04 -11.89 -4.30
N LEU A 83 -9.56 -13.06 -3.95
CA LEU A 83 -8.77 -14.28 -3.72
C LEU A 83 -8.12 -14.75 -5.05
N GLY A 84 -6.90 -14.24 -5.31
CA GLY A 84 -6.15 -14.54 -6.53
C GLY A 84 -5.85 -13.29 -7.36
N LYS A 85 -6.62 -12.20 -7.12
CA LYS A 85 -6.41 -10.91 -7.78
C LYS A 85 -6.19 -9.80 -6.72
N ALA A 86 -4.93 -9.42 -6.55
CA ALA A 86 -4.54 -8.32 -5.64
C ALA A 86 -4.71 -6.96 -6.33
N VAL A 87 -5.07 -5.91 -5.56
CA VAL A 87 -5.15 -4.53 -6.07
C VAL A 87 -3.72 -3.98 -6.18
N SER A 88 -3.09 -4.20 -7.35
CA SER A 88 -1.71 -3.79 -7.61
C SER A 88 -1.68 -2.28 -7.88
N ILE A 89 -1.07 -1.53 -6.95
CA ILE A 89 -0.94 -0.07 -7.05
C ILE A 89 0.49 0.28 -7.51
N PRO A 90 0.72 0.59 -8.82
CA PRO A 90 2.06 1.02 -9.31
C PRO A 90 2.40 2.41 -8.76
N LEU A 91 3.42 2.49 -7.88
CA LEU A 91 3.88 3.77 -7.34
C LEU A 91 4.73 4.43 -8.41
N ASP A 92 4.11 5.32 -9.21
CA ASP A 92 4.76 5.95 -10.35
C ASP A 92 5.93 6.82 -9.85
N LEU A 93 7.15 6.29 -10.00
CA LEU A 93 8.41 6.99 -9.68
C LEU A 93 9.12 7.32 -11.00
N GLY A 94 8.32 7.61 -12.04
CA GLY A 94 8.85 7.96 -13.35
C GLY A 94 9.47 9.35 -13.37
N GLU A 95 8.62 10.36 -13.10
CA GLU A 95 9.04 11.77 -13.08
C GLU A 95 9.59 12.15 -11.68
N ARG A 96 8.72 11.98 -10.67
CA ARG A 96 8.91 12.50 -9.29
C ARG A 96 10.09 11.85 -8.52
N ALA A 97 10.71 10.80 -9.09
CA ALA A 97 11.97 10.25 -8.56
C ALA A 97 13.09 11.29 -8.61
N SER A 98 12.96 12.28 -9.51
CA SER A 98 13.94 13.36 -9.71
C SER A 98 13.99 14.35 -8.53
N GLU A 99 13.02 14.24 -7.59
CA GLU A 99 12.97 15.09 -6.37
C GLU A 99 14.28 14.98 -5.55
N TRP A 100 14.80 13.75 -5.37
CA TRP A 100 16.03 13.54 -4.57
C TRP A 100 17.30 13.71 -5.43
N ILE A 101 17.15 13.69 -6.79
CA ILE A 101 18.25 14.06 -7.71
C ILE A 101 18.44 15.58 -7.64
N ILE A 102 19.55 16.02 -7.03
CA ILE A 102 19.90 17.43 -6.90
C ILE A 102 21.10 17.73 -7.81
N LEU A 103 20.94 18.73 -8.68
CA LEU A 103 21.96 19.12 -9.68
C LEU A 103 23.04 20.03 -9.06
N GLU A 104 22.79 20.53 -7.82
CA GLU A 104 23.77 21.35 -7.07
C GLU A 104 24.93 20.44 -6.57
N MET A 1 2.36 9.77 5.15
CA MET A 1 1.30 8.81 5.54
C MET A 1 1.78 7.99 6.73
N THR A 2 0.88 7.69 7.67
CA THR A 2 1.12 6.76 8.77
C THR A 2 0.33 5.46 8.52
N GLY A 3 0.66 4.40 9.28
CA GLY A 3 -0.06 3.13 9.23
C GLY A 3 -1.52 3.27 9.64
N GLN A 4 -1.80 4.33 10.43
CA GLN A 4 -3.15 4.74 10.79
C GLN A 4 -3.94 5.11 9.52
N GLU A 5 -3.39 6.06 8.75
CA GLU A 5 -4.04 6.62 7.54
C GLU A 5 -4.18 5.57 6.43
N LEU A 6 -3.16 4.71 6.29
CA LEU A 6 -3.14 3.63 5.30
C LEU A 6 -4.24 2.58 5.60
N ARG A 7 -4.37 2.22 6.89
CA ARG A 7 -5.43 1.30 7.37
C ARG A 7 -6.81 1.90 7.11
N GLN A 8 -6.95 3.17 7.50
CA GLN A 8 -8.22 3.91 7.40
C GLN A 8 -8.62 4.15 5.94
N LEU A 9 -7.65 4.07 5.02
CA LEU A 9 -7.90 4.18 3.57
C LEU A 9 -8.59 2.90 3.04
N LEU A 10 -8.12 1.74 3.55
CA LEU A 10 -8.66 0.41 3.22
C LEU A 10 -10.04 0.22 3.87
N LEU A 11 -10.21 0.85 5.05
CA LEU A 11 -11.48 0.86 5.82
C LEU A 11 -12.50 1.85 5.21
N ASP A 12 -11.96 2.95 4.65
CA ASP A 12 -12.77 4.01 4.02
C ASP A 12 -13.46 3.48 2.76
N LYS A 13 -12.69 2.72 1.97
CA LYS A 13 -13.11 2.25 0.66
C LYS A 13 -13.84 0.90 0.77
N TRP A 14 -13.12 -0.13 1.27
CA TRP A 14 -13.58 -1.53 1.24
C TRP A 14 -14.19 -1.96 2.59
N GLY A 15 -13.71 -1.34 3.69
CA GLY A 15 -14.21 -1.65 5.05
C GLY A 15 -13.55 -2.87 5.68
N TYR A 16 -12.37 -3.24 5.15
CA TYR A 16 -11.58 -4.37 5.66
C TYR A 16 -10.13 -3.92 5.80
N SER A 17 -9.47 -4.33 6.89
CA SER A 17 -8.07 -3.97 7.16
C SER A 17 -7.13 -4.95 6.42
N TYR A 18 -7.01 -4.79 5.09
CA TYR A 18 -6.12 -5.62 4.26
C TYR A 18 -4.64 -5.29 4.53
N ASP A 19 -3.74 -6.23 4.29
CA ASP A 19 -2.28 -5.98 4.37
C ASP A 19 -1.74 -5.73 2.96
N VAL A 20 -0.75 -4.83 2.85
CA VAL A 20 -0.18 -4.39 1.55
C VAL A 20 1.33 -4.68 1.51
N GLN A 21 1.88 -4.91 0.30
CA GLN A 21 3.31 -5.28 0.12
C GLN A 21 3.91 -4.62 -1.13
N PHE A 22 5.18 -4.19 -1.02
CA PHE A 22 5.95 -3.68 -2.17
C PHE A 22 6.53 -4.84 -2.98
N ARG A 23 6.31 -4.80 -4.29
CA ARG A 23 6.84 -5.78 -5.24
C ARG A 23 7.64 -5.06 -6.32
N ARG A 24 8.86 -5.53 -6.56
CA ARG A 24 9.77 -4.95 -7.55
C ARG A 24 9.98 -5.97 -8.69
N THR A 25 9.38 -5.67 -9.85
CA THR A 25 9.47 -6.51 -11.05
C THR A 25 9.48 -5.60 -12.30
N GLN A 26 10.35 -5.95 -13.29
CA GLN A 26 10.54 -5.21 -14.55
C GLN A 26 11.12 -3.78 -14.33
N GLY A 27 11.76 -3.55 -13.16
CA GLY A 27 12.23 -2.21 -12.78
C GLY A 27 11.12 -1.29 -12.29
N LYS A 28 9.93 -1.87 -12.11
CA LYS A 28 8.73 -1.15 -11.65
C LYS A 28 8.47 -1.46 -10.16
N ILE A 29 7.56 -0.69 -9.53
CA ILE A 29 7.16 -0.89 -8.13
C ILE A 29 5.62 -0.91 -8.01
N PHE A 30 5.12 -1.99 -7.39
CA PHE A 30 3.68 -2.26 -7.25
C PHE A 30 3.36 -2.54 -5.78
N LEU A 31 2.46 -1.73 -5.20
CA LEU A 31 1.96 -1.98 -3.85
C LEU A 31 0.71 -2.86 -3.95
N GLN A 32 0.90 -4.17 -3.73
CA GLN A 32 -0.17 -5.17 -3.86
C GLN A 32 -0.97 -5.27 -2.55
N VAL A 33 -2.21 -4.79 -2.60
CA VAL A 33 -3.20 -4.99 -1.53
C VAL A 33 -3.67 -6.45 -1.58
N MET A 34 -3.26 -7.23 -0.58
CA MET A 34 -3.64 -8.65 -0.44
C MET A 34 -5.15 -8.80 -0.17
N TRP A 35 -5.68 -9.97 -0.52
CA TRP A 35 -7.09 -10.36 -0.28
C TRP A 35 -7.34 -10.75 1.19
N LYS A 36 -6.25 -10.83 1.97
CA LYS A 36 -6.31 -11.15 3.40
C LYS A 36 -6.43 -9.87 4.22
N TYR A 37 -7.26 -9.92 5.26
CA TYR A 37 -7.55 -8.80 6.15
C TYR A 37 -7.43 -9.26 7.60
N LEU A 38 -7.16 -8.30 8.51
CA LEU A 38 -6.79 -8.58 9.92
C LEU A 38 -7.88 -9.37 10.69
N GLU A 39 -9.14 -9.24 10.26
CA GLU A 39 -10.30 -9.87 10.92
C GLU A 39 -10.27 -11.42 10.81
N GLN A 40 -9.45 -11.95 9.87
CA GLN A 40 -9.25 -13.41 9.69
C GLN A 40 -8.49 -14.02 10.89
N ALA A 41 -8.86 -15.27 11.24
CA ALA A 41 -8.19 -16.08 12.28
C ALA A 41 -6.96 -16.82 11.70
N SER A 42 -6.92 -16.90 10.35
CA SER A 42 -5.81 -17.51 9.59
C SER A 42 -4.78 -16.46 9.15
N PHE A 43 -4.96 -15.20 9.59
CA PHE A 43 -4.11 -14.07 9.18
C PHE A 43 -2.65 -14.28 9.70
N PRO A 44 -1.62 -14.27 8.80
CA PRO A 44 -0.23 -14.74 9.14
C PRO A 44 0.59 -13.74 9.99
N MET A 45 -0.02 -12.63 10.42
CA MET A 45 0.60 -11.63 11.31
C MET A 45 -0.32 -11.35 12.49
N ASN A 46 0.28 -10.96 13.62
CA ASN A 46 -0.46 -10.42 14.77
C ASN A 46 -0.94 -9.00 14.42
N GLU A 47 -1.87 -8.46 15.22
CA GLU A 47 -2.43 -7.12 14.99
C GLU A 47 -1.33 -6.04 15.03
N THR A 48 -0.40 -6.17 15.99
CA THR A 48 0.73 -5.25 16.14
C THR A 48 1.66 -5.34 14.89
N GLU A 49 1.97 -6.57 14.46
CA GLU A 49 2.88 -6.82 13.31
C GLU A 49 2.29 -6.26 12.01
N TYR A 50 0.96 -6.41 11.88
CA TYR A 50 0.17 -5.90 10.76
C TYR A 50 0.25 -4.35 10.69
N GLN A 51 -0.02 -3.72 11.83
CA GLN A 51 -0.14 -2.25 11.94
C GLN A 51 1.22 -1.56 11.76
N GLU A 52 2.28 -2.19 12.30
CA GLU A 52 3.67 -1.72 12.13
C GLU A 52 4.15 -1.93 10.68
N HIS A 53 3.62 -2.98 10.02
CA HIS A 53 3.91 -3.24 8.59
C HIS A 53 3.28 -2.16 7.72
N LEU A 54 2.06 -1.71 8.09
CA LEU A 54 1.36 -0.62 7.39
C LEU A 54 2.15 0.69 7.48
N ASP A 55 2.70 0.94 8.68
CA ASP A 55 3.47 2.17 8.96
C ASP A 55 4.84 2.11 8.28
N SER A 56 5.39 0.89 8.16
CA SER A 56 6.65 0.63 7.44
C SER A 56 6.46 0.84 5.92
N VAL A 57 5.27 0.45 5.41
CA VAL A 57 4.87 0.69 4.01
C VAL A 57 4.71 2.20 3.78
N ALA A 58 3.96 2.83 4.68
CA ALA A 58 3.66 4.27 4.64
C ALA A 58 4.94 5.13 4.78
N ASN A 59 5.96 4.56 5.46
CA ASN A 59 7.29 5.19 5.62
C ASN A 59 8.02 5.21 4.26
N TYR A 60 7.92 4.11 3.50
CA TYR A 60 8.47 4.03 2.13
C TYR A 60 7.70 4.93 1.15
N LEU A 61 6.38 5.03 1.34
CA LEU A 61 5.50 5.85 0.49
C LEU A 61 5.86 7.37 0.59
N HIS A 62 6.52 7.73 1.70
CA HIS A 62 7.08 9.08 1.92
C HIS A 62 8.36 9.28 1.09
N ALA A 63 9.32 8.35 1.27
CA ALA A 63 10.64 8.40 0.63
C ALA A 63 10.54 8.32 -0.91
N LEU A 64 9.79 7.32 -1.38
CA LEU A 64 9.58 7.05 -2.81
C LEU A 64 8.66 8.12 -3.44
N GLY A 65 7.77 8.70 -2.61
CA GLY A 65 6.77 9.66 -3.07
C GLY A 65 5.54 9.00 -3.68
N GLY A 66 5.19 7.79 -3.17
CA GLY A 66 4.08 7.00 -3.69
C GLY A 66 2.82 7.08 -2.85
N ALA A 67 2.84 7.87 -1.76
CA ALA A 67 1.71 7.97 -0.81
C ALA A 67 0.44 8.51 -1.46
N VAL A 68 0.61 9.60 -2.22
CA VAL A 68 -0.49 10.24 -2.97
C VAL A 68 -1.04 9.29 -4.04
N GLN A 69 -0.14 8.49 -4.66
CA GLN A 69 -0.50 7.51 -5.71
C GLN A 69 -1.41 6.39 -5.17
N VAL A 70 -1.12 5.94 -3.93
CA VAL A 70 -1.92 4.90 -3.24
C VAL A 70 -3.31 5.45 -2.89
N LYS A 71 -3.33 6.66 -2.30
CA LYS A 71 -4.56 7.35 -1.90
C LYS A 71 -5.44 7.69 -3.12
N THR A 72 -4.80 8.03 -4.25
CA THR A 72 -5.49 8.35 -5.50
C THR A 72 -6.12 7.07 -6.10
N PHE A 73 -5.32 6.00 -6.15
CA PHE A 73 -5.72 4.72 -6.79
C PHE A 73 -6.91 4.09 -6.04
N ILE A 74 -6.71 3.82 -4.73
CA ILE A 74 -7.68 3.08 -3.88
C ILE A 74 -9.04 3.83 -3.81
N THR A 75 -8.99 5.15 -3.55
CA THR A 75 -10.22 5.98 -3.41
C THR A 75 -11.02 6.04 -4.74
N GLN A 76 -10.33 5.97 -5.89
CA GLN A 76 -10.96 6.11 -7.22
C GLN A 76 -11.22 4.75 -7.92
N THR A 77 -10.65 3.64 -7.41
CA THR A 77 -10.84 2.31 -8.02
C THR A 77 -12.09 1.62 -7.47
N LYS A 78 -12.76 0.84 -8.32
CA LYS A 78 -13.91 0.02 -7.92
C LYS A 78 -13.51 -1.47 -7.85
N GLU A 79 -12.20 -1.73 -8.01
CA GLU A 79 -11.62 -3.08 -7.86
C GLU A 79 -11.46 -3.42 -6.36
N ARG A 80 -11.71 -4.69 -6.03
CA ARG A 80 -11.55 -5.22 -4.67
C ARG A 80 -10.51 -6.34 -4.66
N PRO A 81 -9.74 -6.49 -3.54
CA PRO A 81 -8.83 -7.65 -3.35
C PRO A 81 -9.64 -8.97 -3.27
N ARG A 82 -9.36 -9.89 -4.20
CA ARG A 82 -10.10 -11.17 -4.33
C ARG A 82 -9.11 -12.35 -4.32
N LEU A 83 -9.59 -13.57 -4.01
CA LEU A 83 -8.75 -14.77 -3.84
C LEU A 83 -7.90 -15.05 -5.10
N GLY A 84 -6.58 -14.84 -4.98
CA GLY A 84 -5.63 -15.07 -6.09
C GLY A 84 -5.25 -13.78 -6.80
N LYS A 85 -6.18 -12.80 -6.82
CA LYS A 85 -6.00 -11.51 -7.52
C LYS A 85 -5.82 -10.36 -6.51
N ALA A 86 -4.58 -9.87 -6.37
CA ALA A 86 -4.24 -8.73 -5.50
C ALA A 86 -4.43 -7.41 -6.26
N VAL A 87 -4.76 -6.34 -5.52
CA VAL A 87 -4.85 -4.98 -6.08
C VAL A 87 -3.43 -4.40 -6.20
N SER A 88 -2.80 -4.65 -7.35
CA SER A 88 -1.46 -4.19 -7.68
C SER A 88 -1.52 -2.69 -8.05
N ILE A 89 -1.18 -1.84 -7.07
CA ILE A 89 -1.15 -0.38 -7.25
C ILE A 89 0.18 0.03 -7.91
N PRO A 90 0.18 0.47 -9.20
CA PRO A 90 1.42 0.92 -9.86
C PRO A 90 1.79 2.35 -9.41
N LEU A 91 2.94 2.47 -8.72
CA LEU A 91 3.42 3.74 -8.18
C LEU A 91 4.24 4.47 -9.26
N ASP A 92 3.63 5.50 -9.87
CA ASP A 92 4.27 6.31 -10.92
C ASP A 92 5.30 7.26 -10.26
N LEU A 93 6.58 6.86 -10.27
CA LEU A 93 7.67 7.57 -9.59
C LEU A 93 8.76 7.96 -10.60
N GLY A 94 8.47 8.99 -11.40
CA GLY A 94 9.46 9.58 -12.32
C GLY A 94 10.27 10.67 -11.64
N GLU A 95 9.81 11.92 -11.76
CA GLU A 95 10.51 13.10 -11.20
C GLU A 95 10.42 13.14 -9.66
N ARG A 96 9.35 12.54 -9.09
CA ARG A 96 9.15 12.48 -7.63
C ARG A 96 10.16 11.53 -6.96
N ALA A 97 10.76 10.64 -7.74
CA ALA A 97 11.85 9.75 -7.28
C ALA A 97 13.18 10.51 -7.24
N SER A 98 13.33 11.49 -8.16
CA SER A 98 14.58 12.28 -8.34
C SER A 98 14.79 13.33 -7.23
N GLU A 99 13.77 13.52 -6.36
CA GLU A 99 13.82 14.46 -5.22
C GLU A 99 14.90 14.06 -4.20
N TRP A 100 15.00 12.76 -3.90
CA TRP A 100 15.94 12.22 -2.89
C TRP A 100 17.19 11.58 -3.52
N ILE A 101 17.15 11.30 -4.84
CA ILE A 101 18.38 10.96 -5.61
C ILE A 101 19.07 12.29 -6.00
N ILE A 102 20.12 12.65 -5.24
CA ILE A 102 20.86 13.90 -5.39
C ILE A 102 22.16 13.66 -6.20
N LEU A 103 22.15 14.09 -7.47
CA LEU A 103 23.32 13.98 -8.37
C LEU A 103 23.72 15.40 -8.83
N GLU A 104 24.73 15.97 -8.18
CA GLU A 104 25.21 17.35 -8.44
C GLU A 104 26.71 17.32 -8.88
N MET A 1 1.46 10.00 5.36
CA MET A 1 0.53 8.89 5.61
C MET A 1 1.19 7.86 6.55
N THR A 2 0.65 7.72 7.78
CA THR A 2 1.08 6.67 8.73
C THR A 2 0.37 5.34 8.41
N GLY A 3 0.66 4.29 9.20
CA GLY A 3 -0.05 3.01 9.09
C GLY A 3 -1.48 3.08 9.60
N GLN A 4 -1.74 4.07 10.47
CA GLN A 4 -3.09 4.46 10.89
C GLN A 4 -3.86 4.94 9.66
N GLU A 5 -3.26 5.91 8.94
CA GLU A 5 -3.88 6.56 7.77
C GLU A 5 -3.96 5.60 6.56
N LEU A 6 -2.99 4.68 6.45
CA LEU A 6 -2.95 3.66 5.38
C LEU A 6 -4.09 2.65 5.58
N ARG A 7 -4.29 2.24 6.85
CA ARG A 7 -5.35 1.30 7.23
C ARG A 7 -6.74 1.93 7.03
N GLN A 8 -6.89 3.20 7.45
CA GLN A 8 -8.14 3.97 7.27
C GLN A 8 -8.48 4.09 5.76
N LEU A 9 -7.44 4.18 4.92
CA LEU A 9 -7.61 4.25 3.46
C LEU A 9 -8.18 2.90 2.91
N LEU A 10 -7.89 1.79 3.61
CA LEU A 10 -8.42 0.45 3.24
C LEU A 10 -9.84 0.24 3.87
N LEU A 11 -10.07 0.86 5.05
CA LEU A 11 -11.33 0.66 5.83
C LEU A 11 -12.49 1.53 5.30
N ASP A 12 -12.23 2.80 4.97
CA ASP A 12 -13.21 3.69 4.31
C ASP A 12 -13.62 3.14 2.94
N LYS A 13 -12.65 2.53 2.23
CA LYS A 13 -12.85 2.02 0.88
C LYS A 13 -13.66 0.71 0.89
N TRP A 14 -13.06 -0.34 1.47
CA TRP A 14 -13.59 -1.70 1.45
C TRP A 14 -14.27 -2.05 2.78
N GLY A 15 -13.67 -1.62 3.89
CA GLY A 15 -14.15 -1.99 5.24
C GLY A 15 -13.29 -3.05 5.90
N TYR A 16 -12.17 -3.41 5.24
CA TYR A 16 -11.23 -4.45 5.71
C TYR A 16 -9.79 -3.94 5.53
N SER A 17 -8.97 -4.21 6.53
CA SER A 17 -7.54 -3.86 6.52
C SER A 17 -6.74 -5.03 5.94
N TYR A 18 -6.48 -4.97 4.62
CA TYR A 18 -5.75 -6.03 3.89
C TYR A 18 -4.24 -5.86 4.07
N ASP A 19 -3.48 -6.97 4.14
CA ASP A 19 -2.01 -6.91 4.24
C ASP A 19 -1.44 -6.43 2.90
N VAL A 20 -0.74 -5.28 2.95
CA VAL A 20 -0.23 -4.60 1.74
C VAL A 20 1.29 -4.85 1.62
N GLN A 21 1.69 -5.35 0.44
CA GLN A 21 3.05 -5.81 0.12
C GLN A 21 3.61 -5.03 -1.07
N PHE A 22 4.83 -5.35 -1.51
CA PHE A 22 5.51 -4.63 -2.60
C PHE A 22 5.87 -5.56 -3.77
N ARG A 23 5.73 -5.03 -4.99
CA ARG A 23 6.15 -5.67 -6.24
C ARG A 23 7.19 -4.77 -6.93
N ARG A 24 8.31 -5.37 -7.31
CA ARG A 24 9.44 -4.66 -7.94
C ARG A 24 9.68 -5.27 -9.33
N THR A 25 9.15 -4.61 -10.37
CA THR A 25 9.30 -5.08 -11.77
C THR A 25 9.52 -3.88 -12.70
N GLN A 26 10.49 -4.04 -13.62
CA GLN A 26 10.86 -3.03 -14.64
C GLN A 26 11.39 -1.74 -13.98
N GLY A 27 12.03 -1.90 -12.80
CA GLY A 27 12.55 -0.78 -12.01
C GLY A 27 11.48 0.05 -11.32
N LYS A 28 10.23 -0.41 -11.40
CA LYS A 28 9.07 0.26 -10.82
C LYS A 28 8.61 -0.47 -9.56
N ILE A 29 7.93 0.26 -8.66
CA ILE A 29 7.40 -0.28 -7.40
C ILE A 29 5.85 -0.23 -7.43
N PHE A 30 5.21 -1.27 -6.88
CA PHE A 30 3.74 -1.44 -6.89
C PHE A 30 3.28 -1.88 -5.49
N LEU A 31 2.18 -1.29 -4.96
CA LEU A 31 1.64 -1.68 -3.64
C LEU A 31 0.53 -2.74 -3.83
N GLN A 32 0.85 -3.99 -3.46
CA GLN A 32 -0.05 -5.13 -3.60
C GLN A 32 -0.98 -5.30 -2.39
N VAL A 33 -2.20 -4.79 -2.52
CA VAL A 33 -3.30 -5.04 -1.56
C VAL A 33 -3.78 -6.50 -1.74
N MET A 34 -3.37 -7.38 -0.81
CA MET A 34 -3.73 -8.81 -0.85
C MET A 34 -5.21 -9.04 -0.53
N TRP A 35 -5.69 -10.25 -0.80
CA TRP A 35 -7.10 -10.66 -0.54
C TRP A 35 -7.34 -10.99 0.94
N LYS A 36 -6.25 -11.24 1.67
CA LYS A 36 -6.30 -11.52 3.12
C LYS A 36 -6.31 -10.19 3.90
N TYR A 37 -7.01 -10.20 5.03
CA TYR A 37 -7.20 -9.02 5.89
C TYR A 37 -7.07 -9.44 7.36
N LEU A 38 -6.79 -8.46 8.23
CA LEU A 38 -6.48 -8.68 9.66
C LEU A 38 -7.61 -9.41 10.42
N GLU A 39 -8.85 -9.29 9.90
CA GLU A 39 -10.05 -9.83 10.57
C GLU A 39 -10.25 -11.35 10.30
N GLN A 40 -9.13 -12.08 10.11
CA GLN A 40 -9.08 -13.55 10.09
C GLN A 40 -8.57 -14.07 11.45
N ALA A 41 -8.93 -15.32 11.82
CA ALA A 41 -8.53 -15.94 13.10
C ALA A 41 -7.07 -16.42 13.06
N SER A 42 -6.66 -16.95 11.90
CA SER A 42 -5.27 -17.36 11.63
C SER A 42 -4.67 -16.43 10.56
N PHE A 43 -4.32 -15.20 10.98
CA PHE A 43 -3.66 -14.21 10.12
C PHE A 43 -2.12 -14.32 10.31
N PRO A 44 -1.29 -14.30 9.21
CA PRO A 44 0.20 -14.46 9.27
C PRO A 44 0.91 -13.59 10.32
N MET A 45 0.38 -12.38 10.56
CA MET A 45 0.90 -11.45 11.60
C MET A 45 -0.18 -11.22 12.67
N ASN A 46 0.26 -10.93 13.91
CA ASN A 46 -0.67 -10.48 14.99
C ASN A 46 -1.11 -9.03 14.74
N GLU A 47 -2.17 -8.60 15.44
CA GLU A 47 -2.81 -7.28 15.25
C GLU A 47 -1.82 -6.10 15.43
N THR A 48 -1.07 -6.11 16.54
CA THR A 48 -0.10 -5.04 16.87
C THR A 48 1.06 -5.03 15.85
N GLU A 49 1.52 -6.25 15.49
CA GLU A 49 2.64 -6.45 14.54
C GLU A 49 2.28 -5.93 13.15
N TYR A 50 1.04 -6.24 12.75
CA TYR A 50 0.47 -5.88 11.45
C TYR A 50 0.29 -4.35 11.33
N GLN A 51 -0.21 -3.71 12.39
CA GLN A 51 -0.50 -2.27 12.41
C GLN A 51 0.79 -1.44 12.24
N GLU A 52 1.84 -1.87 12.96
CA GLU A 52 3.16 -1.25 12.91
C GLU A 52 3.89 -1.61 11.59
N HIS A 53 3.50 -2.75 10.98
CA HIS A 53 4.00 -3.16 9.65
C HIS A 53 3.36 -2.30 8.55
N LEU A 54 2.09 -1.88 8.75
CA LEU A 54 1.40 -0.92 7.85
C LEU A 54 2.11 0.42 7.85
N ASP A 55 2.60 0.80 9.06
CA ASP A 55 3.33 2.06 9.27
C ASP A 55 4.72 2.00 8.62
N SER A 56 5.28 0.78 8.57
CA SER A 56 6.55 0.49 7.86
C SER A 56 6.35 0.61 6.34
N VAL A 57 5.23 0.04 5.84
CA VAL A 57 4.86 0.09 4.43
C VAL A 57 4.58 1.54 3.99
N ALA A 58 3.82 2.27 4.83
CA ALA A 58 3.43 3.67 4.59
C ALA A 58 4.64 4.61 4.67
N ASN A 59 5.65 4.18 5.47
CA ASN A 59 6.96 4.85 5.54
C ASN A 59 7.71 4.69 4.21
N TYR A 60 7.64 3.48 3.60
CA TYR A 60 8.23 3.22 2.26
C TYR A 60 7.52 4.04 1.18
N LEU A 61 6.19 4.14 1.31
CA LEU A 61 5.36 4.91 0.36
C LEU A 61 5.76 6.39 0.38
N HIS A 62 6.09 6.92 1.57
CA HIS A 62 6.61 8.29 1.74
C HIS A 62 8.09 8.38 1.29
N ALA A 63 8.86 7.31 1.59
CA ALA A 63 10.31 7.27 1.33
C ALA A 63 10.64 7.25 -0.17
N LEU A 64 9.73 6.69 -0.96
CA LEU A 64 9.86 6.57 -2.43
C LEU A 64 9.08 7.71 -3.14
N GLY A 65 8.02 8.20 -2.45
CA GLY A 65 7.11 9.21 -3.01
C GLY A 65 5.81 8.61 -3.56
N GLY A 66 5.65 7.28 -3.39
CA GLY A 66 4.49 6.55 -3.91
C GLY A 66 3.25 6.62 -3.03
N ALA A 67 3.29 7.43 -1.96
CA ALA A 67 2.17 7.57 -1.01
C ALA A 67 0.95 8.25 -1.65
N VAL A 68 1.21 9.37 -2.36
CA VAL A 68 0.18 10.09 -3.14
C VAL A 68 -0.39 9.20 -4.26
N GLN A 69 0.50 8.34 -4.83
CA GLN A 69 0.12 7.40 -5.90
C GLN A 69 -0.90 6.34 -5.39
N VAL A 70 -0.72 5.91 -4.12
CA VAL A 70 -1.64 4.96 -3.45
C VAL A 70 -3.00 5.62 -3.21
N LYS A 71 -2.95 6.79 -2.58
CA LYS A 71 -4.15 7.55 -2.18
C LYS A 71 -5.03 7.90 -3.40
N THR A 72 -4.39 8.42 -4.45
CA THR A 72 -5.06 8.82 -5.71
C THR A 72 -5.69 7.60 -6.42
N PHE A 73 -4.92 6.50 -6.49
CA PHE A 73 -5.37 5.27 -7.17
C PHE A 73 -6.60 4.68 -6.45
N ILE A 74 -6.52 4.53 -5.11
CA ILE A 74 -7.61 3.95 -4.28
C ILE A 74 -8.88 4.84 -4.35
N THR A 75 -8.71 6.17 -4.49
CA THR A 75 -9.83 7.11 -4.68
C THR A 75 -10.54 6.89 -6.04
N GLN A 76 -9.76 6.56 -7.08
CA GLN A 76 -10.27 6.38 -8.46
C GLN A 76 -10.83 4.95 -8.68
N THR A 77 -9.97 3.92 -8.46
CA THR A 77 -10.34 2.50 -8.62
C THR A 77 -11.52 2.10 -7.72
N LYS A 78 -12.29 1.11 -8.16
CA LYS A 78 -13.42 0.53 -7.39
C LYS A 78 -13.26 -1.01 -7.35
N GLU A 79 -12.02 -1.48 -7.59
CA GLU A 79 -11.69 -2.92 -7.64
C GLU A 79 -11.56 -3.49 -6.22
N ARG A 80 -12.00 -4.74 -6.06
CA ARG A 80 -12.00 -5.45 -4.76
C ARG A 80 -11.04 -6.65 -4.78
N PRO A 81 -10.24 -6.85 -3.68
CA PRO A 81 -9.34 -8.03 -3.52
C PRO A 81 -10.12 -9.39 -3.46
N ARG A 82 -9.73 -10.32 -4.36
CA ARG A 82 -10.31 -11.69 -4.47
C ARG A 82 -9.15 -12.71 -4.44
N LEU A 83 -9.42 -13.98 -4.08
CA LEU A 83 -8.40 -15.06 -4.12
C LEU A 83 -7.88 -15.22 -5.56
N GLY A 84 -6.66 -14.72 -5.82
CA GLY A 84 -6.05 -14.73 -7.16
C GLY A 84 -5.91 -13.33 -7.73
N LYS A 85 -6.86 -12.44 -7.41
CA LYS A 85 -6.85 -11.03 -7.84
C LYS A 85 -6.42 -10.12 -6.68
N ALA A 86 -5.24 -9.51 -6.81
CA ALA A 86 -4.72 -8.53 -5.85
C ALA A 86 -4.74 -7.13 -6.49
N VAL A 87 -5.04 -6.10 -5.69
CA VAL A 87 -5.05 -4.72 -6.17
C VAL A 87 -3.60 -4.19 -6.21
N SER A 88 -2.94 -4.41 -7.37
CA SER A 88 -1.59 -3.92 -7.63
C SER A 88 -1.69 -2.42 -7.97
N ILE A 89 -1.34 -1.60 -6.99
CA ILE A 89 -1.38 -0.14 -7.09
C ILE A 89 -0.10 0.35 -7.78
N PRO A 90 -0.19 0.87 -9.04
CA PRO A 90 0.99 1.35 -9.76
C PRO A 90 1.49 2.69 -9.19
N LEU A 91 2.70 2.66 -8.59
CA LEU A 91 3.34 3.84 -8.02
C LEU A 91 4.17 4.49 -9.13
N ASP A 92 3.54 5.45 -9.82
CA ASP A 92 4.10 6.10 -11.02
C ASP A 92 5.17 7.12 -10.60
N LEU A 93 6.39 6.61 -10.40
CA LEU A 93 7.52 7.35 -9.81
C LEU A 93 8.64 7.56 -10.83
N GLY A 94 8.41 8.50 -11.76
CA GLY A 94 9.45 8.97 -12.67
C GLY A 94 10.24 10.11 -12.03
N GLU A 95 9.80 11.36 -12.26
CA GLU A 95 10.46 12.56 -11.73
C GLU A 95 10.31 12.66 -10.20
N ARG A 96 9.18 12.16 -9.67
CA ARG A 96 8.83 12.29 -8.24
C ARG A 96 9.75 11.41 -7.35
N ALA A 97 10.30 10.33 -7.95
CA ALA A 97 11.36 9.53 -7.30
C ALA A 97 12.73 10.25 -7.45
N SER A 98 12.91 10.92 -8.58
CA SER A 98 14.17 11.62 -8.93
C SER A 98 14.36 12.93 -8.14
N GLU A 99 13.32 13.37 -7.40
CA GLU A 99 13.39 14.60 -6.56
C GLU A 99 14.43 14.46 -5.45
N TRP A 100 14.45 13.28 -4.79
CA TRP A 100 15.34 13.00 -3.67
C TRP A 100 16.63 12.29 -4.12
N ILE A 101 16.75 11.98 -5.43
CA ILE A 101 18.02 11.53 -6.05
C ILE A 101 18.64 12.74 -6.81
N ILE A 102 19.76 13.26 -6.29
CA ILE A 102 20.46 14.42 -6.88
C ILE A 102 21.74 13.94 -7.59
N LEU A 103 21.63 13.66 -8.89
CA LEU A 103 22.75 13.18 -9.73
C LEU A 103 23.66 14.37 -10.11
N GLU A 104 24.83 14.45 -9.45
CA GLU A 104 25.85 15.49 -9.69
C GLU A 104 27.26 14.84 -9.65
N MET A 1 3.10 9.49 5.70
CA MET A 1 1.88 8.71 6.03
C MET A 1 2.18 7.78 7.22
N THR A 2 1.30 7.77 8.24
CA THR A 2 1.35 6.76 9.31
C THR A 2 0.47 5.56 8.93
N GLY A 3 0.69 4.43 9.61
CA GLY A 3 -0.09 3.22 9.42
C GLY A 3 -1.56 3.37 9.76
N GLN A 4 -1.89 4.41 10.55
CA GLN A 4 -3.28 4.73 10.94
C GLN A 4 -4.06 5.29 9.72
N GLU A 5 -3.36 6.09 8.87
CA GLU A 5 -3.95 6.65 7.64
C GLU A 5 -4.26 5.54 6.64
N LEU A 6 -3.25 4.67 6.45
CA LEU A 6 -3.31 3.55 5.50
C LEU A 6 -4.36 2.51 5.94
N ARG A 7 -4.45 2.27 7.26
CA ARG A 7 -5.48 1.42 7.89
C ARG A 7 -6.87 1.96 7.54
N GLN A 8 -7.07 3.26 7.83
CA GLN A 8 -8.34 3.96 7.64
C GLN A 8 -8.73 3.94 6.15
N LEU A 9 -7.73 4.07 5.25
CA LEU A 9 -7.93 4.16 3.80
C LEU A 9 -8.54 2.85 3.23
N LEU A 10 -8.12 1.70 3.79
CA LEU A 10 -8.63 0.36 3.40
C LEU A 10 -10.01 0.11 4.03
N LEU A 11 -10.24 0.69 5.23
CA LEU A 11 -11.53 0.59 5.96
C LEU A 11 -12.58 1.55 5.37
N ASP A 12 -12.10 2.61 4.73
CA ASP A 12 -12.94 3.64 4.12
C ASP A 12 -13.42 3.14 2.76
N LYS A 13 -12.48 2.58 1.99
CA LYS A 13 -12.73 2.10 0.64
C LYS A 13 -13.53 0.77 0.64
N TRP A 14 -12.94 -0.26 1.26
CA TRP A 14 -13.45 -1.64 1.18
C TRP A 14 -14.13 -2.08 2.49
N GLY A 15 -13.77 -1.43 3.62
CA GLY A 15 -14.31 -1.79 4.93
C GLY A 15 -13.63 -2.99 5.58
N TYR A 16 -12.43 -3.33 5.07
CA TYR A 16 -11.61 -4.47 5.57
C TYR A 16 -10.17 -4.03 5.72
N SER A 17 -9.53 -4.53 6.78
CA SER A 17 -8.16 -4.19 7.14
C SER A 17 -7.17 -5.08 6.35
N TYR A 18 -7.02 -4.79 5.04
CA TYR A 18 -6.15 -5.58 4.14
C TYR A 18 -4.65 -5.35 4.41
N ASP A 19 -3.84 -6.32 4.00
CA ASP A 19 -2.38 -6.22 4.12
C ASP A 19 -1.82 -5.76 2.76
N VAL A 20 -1.04 -4.69 2.77
CA VAL A 20 -0.44 -4.12 1.56
C VAL A 20 1.05 -4.46 1.51
N GLN A 21 1.54 -4.88 0.33
CA GLN A 21 2.93 -5.38 0.18
C GLN A 21 3.62 -4.73 -1.03
N PHE A 22 4.82 -4.17 -0.80
CA PHE A 22 5.68 -3.66 -1.87
C PHE A 22 6.21 -4.79 -2.77
N ARG A 23 6.42 -4.46 -4.04
CA ARG A 23 6.90 -5.41 -5.03
C ARG A 23 7.52 -4.66 -6.21
N ARG A 24 8.78 -4.97 -6.48
CA ARG A 24 9.53 -4.36 -7.58
C ARG A 24 9.38 -5.24 -8.83
N THR A 25 8.55 -4.78 -9.77
CA THR A 25 8.21 -5.54 -10.99
C THR A 25 8.10 -4.57 -12.19
N GLN A 26 8.61 -5.02 -13.36
CA GLN A 26 8.68 -4.23 -14.60
C GLN A 26 9.63 -3.01 -14.48
N GLY A 27 10.50 -3.04 -13.44
CA GLY A 27 11.51 -2.03 -13.20
C GLY A 27 11.07 -1.00 -12.16
N LYS A 28 9.77 -0.99 -11.86
CA LYS A 28 9.15 -0.02 -10.94
C LYS A 28 8.76 -0.68 -9.62
N ILE A 29 8.52 0.15 -8.58
CA ILE A 29 7.96 -0.31 -7.30
C ILE A 29 6.41 -0.17 -7.34
N PHE A 30 5.73 -1.21 -6.85
CA PHE A 30 4.24 -1.28 -6.81
C PHE A 30 3.82 -1.70 -5.40
N LEU A 31 2.67 -1.19 -4.95
CA LEU A 31 2.09 -1.60 -3.65
C LEU A 31 0.85 -2.49 -3.92
N GLN A 32 1.04 -3.81 -3.85
CA GLN A 32 -0.04 -4.77 -4.12
C GLN A 32 -0.82 -5.07 -2.82
N VAL A 33 -2.07 -4.58 -2.78
CA VAL A 33 -3.03 -4.87 -1.71
C VAL A 33 -3.45 -6.34 -1.80
N MET A 34 -2.98 -7.15 -0.85
CA MET A 34 -3.33 -8.58 -0.75
C MET A 34 -4.82 -8.75 -0.37
N TRP A 35 -5.36 -9.92 -0.73
CA TRP A 35 -6.70 -10.40 -0.32
C TRP A 35 -6.73 -10.78 1.17
N LYS A 36 -5.55 -10.81 1.79
CA LYS A 36 -5.39 -11.10 3.21
C LYS A 36 -5.79 -9.86 4.04
N TYR A 37 -6.68 -10.06 5.03
CA TYR A 37 -7.13 -9.00 5.96
C TYR A 37 -7.19 -9.53 7.39
N LEU A 38 -7.04 -8.62 8.37
CA LEU A 38 -6.83 -8.96 9.81
C LEU A 38 -8.06 -9.67 10.44
N GLU A 39 -9.24 -9.55 9.78
CA GLU A 39 -10.50 -10.17 10.25
C GLU A 39 -10.41 -11.71 10.25
N GLN A 40 -9.58 -12.25 9.35
CA GLN A 40 -9.32 -13.70 9.26
C GLN A 40 -8.23 -14.10 10.27
N ALA A 41 -8.43 -15.27 10.92
CA ALA A 41 -7.50 -15.82 11.94
C ALA A 41 -6.35 -16.62 11.30
N SER A 42 -6.28 -16.64 9.95
CA SER A 42 -5.18 -17.25 9.19
C SER A 42 -4.22 -16.16 8.64
N PHE A 43 -4.31 -14.95 9.20
CA PHE A 43 -3.51 -13.80 8.79
C PHE A 43 -2.00 -14.01 9.13
N PRO A 44 -1.05 -13.73 8.17
CA PRO A 44 0.43 -13.99 8.35
C PRO A 44 1.04 -13.39 9.65
N MET A 45 0.59 -12.20 10.04
CA MET A 45 1.09 -11.50 11.26
C MET A 45 0.00 -11.44 12.34
N ASN A 46 0.39 -10.88 13.50
CA ASN A 46 -0.52 -10.59 14.62
C ASN A 46 -1.21 -9.23 14.40
N GLU A 47 -1.99 -8.78 15.40
CA GLU A 47 -2.72 -7.50 15.37
C GLU A 47 -1.75 -6.30 15.32
N THR A 48 -0.88 -6.19 16.34
CA THR A 48 0.10 -5.09 16.47
C THR A 48 1.13 -5.15 15.32
N GLU A 49 1.58 -6.38 15.01
CA GLU A 49 2.52 -6.65 13.89
C GLU A 49 1.96 -6.16 12.55
N TYR A 50 0.63 -6.35 12.34
CA TYR A 50 -0.08 -5.88 11.13
C TYR A 50 -0.10 -4.34 11.05
N GLN A 51 -0.45 -3.68 12.16
CA GLN A 51 -0.61 -2.21 12.20
C GLN A 51 0.75 -1.50 11.96
N GLU A 52 1.82 -2.11 12.49
CA GLU A 52 3.20 -1.64 12.31
C GLU A 52 3.74 -2.01 10.92
N HIS A 53 3.15 -3.07 10.30
CA HIS A 53 3.43 -3.43 8.89
C HIS A 53 2.91 -2.30 7.97
N LEU A 54 1.68 -1.83 8.25
CA LEU A 54 1.07 -0.69 7.52
C LEU A 54 1.92 0.57 7.70
N ASP A 55 2.42 0.75 8.94
CA ASP A 55 3.22 1.93 9.32
C ASP A 55 4.61 1.89 8.66
N SER A 56 5.12 0.67 8.45
CA SER A 56 6.43 0.43 7.79
C SER A 56 6.31 0.69 6.29
N VAL A 57 5.19 0.24 5.70
CA VAL A 57 4.84 0.51 4.30
C VAL A 57 4.65 2.02 4.08
N ALA A 58 3.85 2.62 4.96
CA ALA A 58 3.47 4.04 4.90
C ALA A 58 4.68 4.98 5.11
N ASN A 59 5.70 4.44 5.80
CA ASN A 59 7.02 5.09 5.96
C ASN A 59 7.69 5.25 4.59
N TYR A 60 7.73 4.16 3.81
CA TYR A 60 8.32 4.15 2.45
C TYR A 60 7.44 4.91 1.44
N LEU A 61 6.13 4.97 1.70
CA LEU A 61 5.18 5.74 0.86
C LEU A 61 5.52 7.24 0.94
N HIS A 62 5.86 7.70 2.15
CA HIS A 62 6.33 9.08 2.38
C HIS A 62 7.72 9.28 1.75
N ALA A 63 8.64 8.35 2.05
CA ALA A 63 10.07 8.42 1.68
C ALA A 63 10.29 8.54 0.16
N LEU A 64 9.64 7.64 -0.59
CA LEU A 64 9.81 7.53 -2.05
C LEU A 64 8.92 8.53 -2.81
N GLY A 65 7.94 9.12 -2.08
CA GLY A 65 6.98 10.08 -2.67
C GLY A 65 5.85 9.39 -3.43
N GLY A 66 5.47 8.18 -2.96
CA GLY A 66 4.40 7.39 -3.56
C GLY A 66 3.14 7.32 -2.70
N ALA A 67 3.06 8.17 -1.65
CA ALA A 67 1.92 8.17 -0.70
C ALA A 67 0.64 8.68 -1.36
N VAL A 68 0.75 9.80 -2.08
CA VAL A 68 -0.37 10.40 -2.83
C VAL A 68 -0.81 9.45 -3.97
N GLN A 69 0.15 8.67 -4.52
CA GLN A 69 -0.13 7.67 -5.59
C GLN A 69 -1.07 6.56 -5.06
N VAL A 70 -0.86 6.15 -3.79
CA VAL A 70 -1.70 5.14 -3.12
C VAL A 70 -3.10 5.68 -2.80
N LYS A 71 -3.14 6.90 -2.24
CA LYS A 71 -4.40 7.58 -1.87
C LYS A 71 -5.29 7.82 -3.12
N THR A 72 -4.65 8.29 -4.21
CA THR A 72 -5.33 8.56 -5.49
C THR A 72 -5.91 7.27 -6.08
N PHE A 73 -5.07 6.21 -6.13
CA PHE A 73 -5.43 4.95 -6.77
C PHE A 73 -6.58 4.25 -6.02
N ILE A 74 -6.39 4.03 -4.69
CA ILE A 74 -7.37 3.31 -3.85
C ILE A 74 -8.76 3.98 -3.90
N THR A 75 -8.79 5.32 -3.87
CA THR A 75 -10.05 6.10 -3.95
C THR A 75 -10.70 5.99 -5.35
N GLN A 76 -9.93 6.28 -6.41
CA GLN A 76 -10.44 6.34 -7.81
C GLN A 76 -10.74 4.95 -8.39
N THR A 77 -10.14 3.89 -7.83
CA THR A 77 -10.40 2.50 -8.28
C THR A 77 -11.72 2.01 -7.66
N LYS A 78 -12.11 0.77 -8.00
CA LYS A 78 -13.25 0.08 -7.38
C LYS A 78 -12.98 -1.43 -7.41
N GLU A 79 -11.69 -1.80 -7.52
CA GLU A 79 -11.25 -3.19 -7.60
C GLU A 79 -11.09 -3.77 -6.21
N ARG A 80 -11.72 -4.92 -5.99
CA ARG A 80 -11.73 -5.61 -4.70
C ARG A 80 -10.61 -6.68 -4.68
N PRO A 81 -9.82 -6.77 -3.57
CA PRO A 81 -8.84 -7.85 -3.38
C PRO A 81 -9.56 -9.21 -3.18
N ARG A 82 -9.29 -10.15 -4.09
CA ARG A 82 -9.92 -11.49 -4.11
C ARG A 82 -8.82 -12.56 -4.08
N LEU A 83 -9.16 -13.82 -3.76
CA LEU A 83 -8.18 -14.93 -3.70
C LEU A 83 -7.45 -15.12 -5.04
N GLY A 84 -6.13 -14.79 -5.07
CA GLY A 84 -5.31 -14.89 -6.29
C GLY A 84 -5.37 -13.63 -7.15
N LYS A 85 -6.07 -12.60 -6.64
CA LYS A 85 -6.28 -11.31 -7.31
C LYS A 85 -5.89 -10.15 -6.36
N ALA A 86 -4.72 -9.53 -6.57
CA ALA A 86 -4.27 -8.37 -5.78
C ALA A 86 -4.70 -7.05 -6.45
N VAL A 87 -4.73 -5.96 -5.65
CA VAL A 87 -4.95 -4.59 -6.16
C VAL A 87 -3.56 -3.91 -6.27
N SER A 88 -2.94 -4.06 -7.44
CA SER A 88 -1.57 -3.59 -7.69
C SER A 88 -1.58 -2.08 -7.97
N ILE A 89 -1.16 -1.30 -6.95
CA ILE A 89 -1.10 0.15 -7.00
C ILE A 89 0.20 0.59 -7.72
N PRO A 90 0.11 1.28 -8.89
CA PRO A 90 1.28 1.83 -9.57
C PRO A 90 1.83 3.07 -8.84
N LEU A 91 3.04 2.93 -8.28
CA LEU A 91 3.78 4.07 -7.71
C LEU A 91 4.56 4.72 -8.85
N ASP A 92 3.93 5.74 -9.46
CA ASP A 92 4.47 6.45 -10.62
C ASP A 92 5.71 7.27 -10.20
N LEU A 93 6.88 6.59 -10.23
CA LEU A 93 8.19 7.16 -9.86
C LEU A 93 9.16 6.99 -11.03
N GLY A 94 8.73 7.42 -12.22
CA GLY A 94 9.61 7.51 -13.39
C GLY A 94 10.42 8.79 -13.37
N GLU A 95 9.71 9.93 -13.46
CA GLU A 95 10.29 11.28 -13.36
C GLU A 95 10.25 11.76 -11.90
N ARG A 96 9.25 11.26 -11.13
CA ARG A 96 9.16 11.46 -9.66
C ARG A 96 10.25 10.64 -8.91
N ALA A 97 11.00 9.79 -9.65
CA ALA A 97 12.21 9.09 -9.13
C ALA A 97 13.25 10.07 -8.56
N SER A 98 13.13 11.35 -8.94
CA SER A 98 14.03 12.43 -8.47
C SER A 98 13.92 12.72 -6.95
N GLU A 99 12.91 12.13 -6.30
CA GLU A 99 12.78 12.17 -4.82
C GLU A 99 13.96 11.44 -4.16
N TRP A 100 14.30 10.25 -4.68
CA TRP A 100 15.34 9.37 -4.10
C TRP A 100 16.66 9.40 -4.92
N ILE A 101 16.60 9.86 -6.18
CA ILE A 101 17.81 10.21 -6.95
C ILE A 101 18.25 11.61 -6.51
N ILE A 102 19.23 11.66 -5.59
CA ILE A 102 19.81 12.91 -5.07
C ILE A 102 21.29 12.97 -5.46
N LEU A 103 21.56 13.54 -6.64
CA LEU A 103 22.92 13.80 -7.13
C LEU A 103 23.20 15.30 -6.98
N GLU A 104 23.08 15.76 -5.71
CA GLU A 104 23.29 17.16 -5.32
C GLU A 104 24.76 17.62 -5.60
N MET A 1 1.26 10.57 4.76
CA MET A 1 0.41 9.43 5.14
C MET A 1 1.19 8.47 6.05
N THR A 2 0.82 8.43 7.34
CA THR A 2 1.34 7.45 8.31
C THR A 2 0.56 6.12 8.16
N GLY A 3 1.00 5.06 8.88
CA GLY A 3 0.30 3.77 8.87
C GLY A 3 -1.13 3.84 9.40
N GLN A 4 -1.43 4.89 10.19
CA GLN A 4 -2.78 5.14 10.73
C GLN A 4 -3.71 5.60 9.58
N GLU A 5 -3.19 6.48 8.71
CA GLU A 5 -3.95 7.00 7.55
C GLU A 5 -4.12 5.91 6.47
N LEU A 6 -3.06 5.09 6.29
CA LEU A 6 -3.08 3.95 5.34
C LEU A 6 -4.11 2.89 5.81
N ARG A 7 -4.20 2.71 7.14
CA ARG A 7 -5.20 1.85 7.79
C ARG A 7 -6.62 2.33 7.44
N GLN A 8 -6.85 3.63 7.68
CA GLN A 8 -8.15 4.28 7.44
C GLN A 8 -8.50 4.33 5.94
N LEU A 9 -7.48 4.27 5.07
CA LEU A 9 -7.67 4.26 3.60
C LEU A 9 -8.35 2.95 3.17
N LEU A 10 -7.95 1.83 3.80
CA LEU A 10 -8.48 0.49 3.52
C LEU A 10 -9.87 0.31 4.18
N LEU A 11 -10.02 0.90 5.38
CA LEU A 11 -11.28 0.83 6.17
C LEU A 11 -12.40 1.70 5.56
N ASP A 12 -12.00 2.79 4.90
CA ASP A 12 -12.91 3.71 4.19
C ASP A 12 -13.36 3.07 2.86
N LYS A 13 -12.42 2.39 2.19
CA LYS A 13 -12.65 1.85 0.85
C LYS A 13 -13.42 0.54 0.90
N TRP A 14 -12.79 -0.48 1.48
CA TRP A 14 -13.29 -1.87 1.47
C TRP A 14 -13.85 -2.28 2.84
N GLY A 15 -13.74 -1.39 3.85
CA GLY A 15 -14.30 -1.64 5.19
C GLY A 15 -13.47 -2.62 6.02
N TYR A 16 -12.30 -3.00 5.52
CA TYR A 16 -11.44 -4.05 6.09
C TYR A 16 -9.97 -3.64 5.97
N SER A 17 -9.16 -4.03 6.96
CA SER A 17 -7.74 -3.70 7.03
C SER A 17 -6.90 -4.81 6.34
N TYR A 18 -6.64 -4.65 5.03
CA TYR A 18 -5.93 -5.66 4.22
C TYR A 18 -4.40 -5.50 4.32
N ASP A 19 -3.68 -6.62 4.16
CA ASP A 19 -2.22 -6.61 4.03
C ASP A 19 -1.84 -6.00 2.68
N VAL A 20 -0.82 -5.14 2.70
CA VAL A 20 -0.26 -4.51 1.49
C VAL A 20 1.24 -4.85 1.41
N GLN A 21 1.68 -5.43 0.28
CA GLN A 21 3.06 -5.88 0.10
C GLN A 21 3.64 -5.26 -1.19
N PHE A 22 4.87 -4.75 -1.08
CA PHE A 22 5.63 -4.23 -2.24
C PHE A 22 6.02 -5.39 -3.18
N ARG A 23 5.97 -5.10 -4.49
CA ARG A 23 6.31 -6.05 -5.55
C ARG A 23 7.31 -5.40 -6.51
N ARG A 24 8.57 -5.80 -6.42
CA ARG A 24 9.62 -5.31 -7.31
C ARG A 24 9.76 -6.28 -8.48
N THR A 25 9.12 -5.92 -9.59
CA THR A 25 9.05 -6.75 -10.81
C THR A 25 9.12 -5.84 -12.05
N GLN A 26 9.86 -6.32 -13.07
CA GLN A 26 10.12 -5.64 -14.35
C GLN A 26 10.96 -4.35 -14.13
N GLY A 27 11.67 -4.30 -12.98
CA GLY A 27 12.44 -3.11 -12.58
C GLY A 27 11.58 -2.03 -11.93
N LYS A 28 10.27 -2.29 -11.82
CA LYS A 28 9.27 -1.35 -11.29
C LYS A 28 8.84 -1.78 -9.87
N ILE A 29 7.93 -0.99 -9.27
CA ILE A 29 7.40 -1.25 -7.92
C ILE A 29 5.86 -1.11 -7.90
N PHE A 30 5.19 -2.15 -7.37
CA PHE A 30 3.73 -2.25 -7.29
C PHE A 30 3.35 -2.62 -5.85
N LEU A 31 2.49 -1.81 -5.21
CA LEU A 31 1.99 -2.14 -3.87
C LEU A 31 0.70 -2.98 -4.01
N GLN A 32 0.84 -4.29 -3.90
CA GLN A 32 -0.26 -5.24 -4.11
C GLN A 32 -1.05 -5.48 -2.81
N VAL A 33 -2.31 -5.00 -2.82
CA VAL A 33 -3.27 -5.23 -1.74
C VAL A 33 -3.77 -6.69 -1.79
N MET A 34 -3.44 -7.46 -0.75
CA MET A 34 -3.91 -8.83 -0.56
C MET A 34 -5.41 -8.87 -0.24
N TRP A 35 -6.00 -10.05 -0.43
CA TRP A 35 -7.39 -10.38 -0.04
C TRP A 35 -7.44 -10.76 1.46
N LYS A 36 -6.25 -10.90 2.07
CA LYS A 36 -6.08 -11.23 3.48
C LYS A 36 -6.20 -9.95 4.33
N TYR A 37 -7.22 -9.89 5.19
CA TYR A 37 -7.40 -8.78 6.14
C TYR A 37 -7.23 -9.27 7.57
N LEU A 38 -6.90 -8.33 8.49
CA LEU A 38 -6.50 -8.63 9.88
C LEU A 38 -7.59 -9.39 10.67
N GLU A 39 -8.86 -9.13 10.34
CA GLU A 39 -10.02 -9.72 11.04
C GLU A 39 -10.15 -11.25 10.80
N GLN A 40 -9.45 -11.77 9.77
CA GLN A 40 -9.34 -13.23 9.50
C GLN A 40 -8.43 -13.88 10.56
N ALA A 41 -8.84 -15.07 11.05
CA ALA A 41 -8.10 -15.85 12.06
C ALA A 41 -6.80 -16.44 11.49
N SER A 42 -6.78 -16.66 10.16
CA SER A 42 -5.64 -17.25 9.45
C SER A 42 -4.63 -16.19 8.95
N PHE A 43 -4.78 -14.92 9.40
CA PHE A 43 -3.89 -13.81 8.99
C PHE A 43 -2.44 -14.08 9.47
N PRO A 44 -1.39 -13.99 8.56
CA PRO A 44 0.00 -14.45 8.87
C PRO A 44 0.69 -13.66 10.01
N MET A 45 0.36 -12.37 10.15
CA MET A 45 0.97 -11.48 11.14
C MET A 45 0.00 -11.22 12.31
N ASN A 46 0.55 -10.83 13.47
CA ASN A 46 -0.24 -10.35 14.62
C ASN A 46 -0.76 -8.93 14.33
N GLU A 47 -1.69 -8.46 15.17
CA GLU A 47 -2.31 -7.12 15.06
C GLU A 47 -1.28 -6.00 15.24
N THR A 48 -0.37 -6.19 16.22
CA THR A 48 0.75 -5.26 16.49
C THR A 48 1.70 -5.21 15.27
N GLU A 49 2.08 -6.41 14.76
CA GLU A 49 3.02 -6.56 13.63
C GLU A 49 2.43 -5.92 12.35
N TYR A 50 1.10 -6.07 12.18
CA TYR A 50 0.34 -5.56 11.03
C TYR A 50 0.30 -4.02 11.04
N GLN A 51 0.09 -3.41 12.22
CA GLN A 51 0.03 -1.95 12.36
C GLN A 51 1.40 -1.31 12.03
N GLU A 52 2.46 -1.95 12.55
CA GLU A 52 3.86 -1.56 12.27
C GLU A 52 4.22 -1.83 10.79
N HIS A 53 3.55 -2.85 10.19
CA HIS A 53 3.69 -3.19 8.75
C HIS A 53 3.09 -2.09 7.88
N LEU A 54 1.93 -1.55 8.30
CA LEU A 54 1.23 -0.45 7.59
C LEU A 54 2.11 0.80 7.55
N ASP A 55 2.73 1.10 8.71
CA ASP A 55 3.59 2.28 8.85
C ASP A 55 4.96 2.06 8.17
N SER A 56 5.38 0.79 8.07
CA SER A 56 6.62 0.41 7.36
C SER A 56 6.45 0.53 5.83
N VAL A 57 5.24 0.19 5.36
CA VAL A 57 4.84 0.37 3.96
C VAL A 57 4.75 1.88 3.66
N ALA A 58 3.99 2.60 4.52
CA ALA A 58 3.80 4.06 4.42
C ALA A 58 5.13 4.82 4.58
N ASN A 59 6.12 4.17 5.22
CA ASN A 59 7.50 4.68 5.38
C ASN A 59 8.21 4.77 4.01
N TYR A 60 8.07 3.69 3.21
CA TYR A 60 8.62 3.66 1.83
C TYR A 60 7.75 4.48 0.88
N LEU A 61 6.45 4.62 1.19
CA LEU A 61 5.54 5.48 0.41
C LEU A 61 5.87 6.97 0.66
N HIS A 62 6.39 7.25 1.86
CA HIS A 62 6.91 8.58 2.25
C HIS A 62 8.27 8.81 1.59
N ALA A 63 9.14 7.79 1.66
CA ALA A 63 10.53 7.85 1.17
C ALA A 63 10.57 8.03 -0.36
N LEU A 64 9.85 7.16 -1.07
CA LEU A 64 9.84 7.10 -2.55
C LEU A 64 8.88 8.13 -3.17
N GLY A 65 8.02 8.76 -2.32
CA GLY A 65 6.99 9.68 -2.78
C GLY A 65 5.78 8.95 -3.37
N GLY A 66 5.66 7.64 -3.07
CA GLY A 66 4.58 6.80 -3.63
C GLY A 66 3.30 6.83 -2.82
N ALA A 67 3.26 7.66 -1.76
CA ALA A 67 2.07 7.79 -0.90
C ALA A 67 0.87 8.35 -1.68
N VAL A 68 1.13 9.43 -2.45
CA VAL A 68 0.12 10.06 -3.32
C VAL A 68 -0.42 9.03 -4.34
N GLN A 69 0.48 8.15 -4.84
CA GLN A 69 0.15 7.13 -5.86
C GLN A 69 -0.91 6.12 -5.36
N VAL A 70 -0.71 5.61 -4.13
CA VAL A 70 -1.63 4.66 -3.47
C VAL A 70 -3.00 5.33 -3.22
N LYS A 71 -2.93 6.54 -2.67
CA LYS A 71 -4.11 7.32 -2.28
C LYS A 71 -4.97 7.73 -3.50
N THR A 72 -4.30 8.13 -4.59
CA THR A 72 -4.94 8.54 -5.86
C THR A 72 -5.61 7.34 -6.55
N PHE A 73 -4.85 6.21 -6.59
CA PHE A 73 -5.29 4.98 -7.25
C PHE A 73 -6.56 4.43 -6.57
N ILE A 74 -6.48 4.20 -5.24
CA ILE A 74 -7.58 3.63 -4.42
C ILE A 74 -8.86 4.53 -4.47
N THR A 75 -8.67 5.86 -4.59
CA THR A 75 -9.77 6.83 -4.70
C THR A 75 -10.51 6.70 -6.06
N GLN A 76 -9.73 6.53 -7.15
CA GLN A 76 -10.26 6.50 -8.54
C GLN A 76 -10.82 5.13 -8.94
N THR A 77 -10.13 4.05 -8.52
CA THR A 77 -10.56 2.67 -8.79
C THR A 77 -11.69 2.29 -7.83
N LYS A 78 -12.45 1.25 -8.20
CA LYS A 78 -13.47 0.64 -7.32
C LYS A 78 -13.21 -0.87 -7.19
N GLU A 79 -12.01 -1.31 -7.64
CA GLU A 79 -11.62 -2.74 -7.65
C GLU A 79 -11.33 -3.22 -6.22
N ARG A 80 -11.82 -4.43 -5.93
CA ARG A 80 -11.66 -5.09 -4.62
C ARG A 80 -10.64 -6.24 -4.73
N PRO A 81 -9.78 -6.48 -3.68
CA PRO A 81 -8.80 -7.59 -3.68
C PRO A 81 -9.52 -8.96 -3.70
N ARG A 82 -9.27 -9.72 -4.77
CA ARG A 82 -9.93 -11.00 -5.05
C ARG A 82 -9.07 -12.17 -4.59
N LEU A 83 -9.63 -13.38 -4.77
CA LEU A 83 -8.97 -14.62 -4.36
C LEU A 83 -7.94 -15.05 -5.40
N GLY A 84 -6.69 -14.60 -5.20
CA GLY A 84 -5.59 -14.84 -6.14
C GLY A 84 -5.19 -13.58 -6.89
N LYS A 85 -6.19 -12.73 -7.19
CA LYS A 85 -5.99 -11.46 -7.88
C LYS A 85 -5.86 -10.32 -6.84
N ALA A 86 -4.61 -9.86 -6.64
CA ALA A 86 -4.30 -8.72 -5.76
C ALA A 86 -4.51 -7.40 -6.52
N VAL A 87 -4.89 -6.33 -5.78
CA VAL A 87 -4.96 -4.97 -6.33
C VAL A 87 -3.52 -4.42 -6.44
N SER A 88 -2.90 -4.66 -7.61
CA SER A 88 -1.53 -4.27 -7.89
C SER A 88 -1.50 -2.76 -8.22
N ILE A 89 -1.22 -1.95 -7.17
CA ILE A 89 -1.16 -0.48 -7.27
C ILE A 89 0.19 -0.06 -7.88
N PRO A 90 0.23 0.43 -9.15
CA PRO A 90 1.49 0.87 -9.77
C PRO A 90 1.95 2.22 -9.17
N LEU A 91 3.11 2.20 -8.49
CA LEU A 91 3.67 3.40 -7.85
C LEU A 91 4.46 4.17 -8.91
N ASP A 92 3.80 5.18 -9.52
CA ASP A 92 4.40 6.00 -10.56
C ASP A 92 5.39 6.99 -9.91
N LEU A 93 6.65 6.55 -9.82
CA LEU A 93 7.74 7.34 -9.23
C LEU A 93 8.47 8.11 -10.34
N GLY A 94 7.69 8.82 -11.19
CA GLY A 94 8.27 9.70 -12.21
C GLY A 94 8.92 10.93 -11.57
N GLU A 95 8.12 11.99 -11.38
CA GLU A 95 8.55 13.20 -10.67
C GLU A 95 8.65 12.92 -9.15
N ARG A 96 7.92 11.88 -8.68
CA ARG A 96 7.90 11.48 -7.25
C ARG A 96 9.26 10.91 -6.79
N ALA A 97 10.10 10.49 -7.76
CA ALA A 97 11.46 10.00 -7.47
C ALA A 97 12.39 11.16 -7.03
N SER A 98 12.14 12.36 -7.55
CA SER A 98 12.98 13.54 -7.27
C SER A 98 12.71 14.14 -5.87
N GLU A 99 11.66 13.63 -5.19
CA GLU A 99 11.33 14.04 -3.81
C GLU A 99 12.42 13.56 -2.83
N TRP A 100 13.02 12.38 -3.12
CA TRP A 100 14.14 11.83 -2.32
C TRP A 100 15.51 12.01 -3.02
N ILE A 101 15.51 12.61 -4.23
CA ILE A 101 16.75 13.06 -4.90
C ILE A 101 16.93 14.56 -4.61
N ILE A 102 17.95 14.89 -3.79
CA ILE A 102 18.27 16.29 -3.37
C ILE A 102 19.73 16.61 -3.77
N LEU A 103 19.90 17.46 -4.79
CA LEU A 103 21.21 18.03 -5.17
C LEU A 103 21.12 19.56 -4.99
N GLU A 104 21.04 20.00 -3.72
CA GLU A 104 20.83 21.42 -3.34
C GLU A 104 22.02 21.91 -2.48
#